data_5VHT
# 
_entry.id   5VHT 
# 
_audit_conform.dict_name       mmcif_pdbx.dic 
_audit_conform.dict_version    5.381 
_audit_conform.dict_location   http://mmcif.pdb.org/dictionaries/ascii/mmcif_pdbx.dic 
# 
loop_
_database_2.database_id 
_database_2.database_code 
_database_2.pdbx_database_accession 
_database_2.pdbx_DOI 
PDB   5VHT         pdb_00005vht 10.2210/pdb5vht/pdb 
WWPDB D_1000227434 ?            ?                   
# 
_pdbx_database_status.status_code                     REL 
_pdbx_database_status.status_code_sf                  REL 
_pdbx_database_status.status_code_mr                  ? 
_pdbx_database_status.entry_id                        5VHT 
_pdbx_database_status.recvd_initial_deposition_date   2017-04-13 
_pdbx_database_status.SG_entry                        N 
_pdbx_database_status.deposit_site                    RCSB 
_pdbx_database_status.process_site                    RCSB 
_pdbx_database_status.status_code_cs                  ? 
_pdbx_database_status.methods_development_category    ? 
_pdbx_database_status.pdb_format_compatible           Y 
_pdbx_database_status.status_code_nmr_data            ? 
# 
loop_
_audit_author.name 
_audit_author.pdbx_ordinal 
_audit_author.identifier_ORCID 
'Koh, M.'         1 ? 
'Nasertorabi, F.' 2 ? 
'Han, G.W.'       3 ? 
'Stevens, R.C.'   4 ? 
'Shultz, P.G.'    5 ? 
# 
_citation.abstract                  ? 
_citation.abstract_id_CAS           ? 
_citation.book_id_ISBN              ? 
_citation.book_publisher            ? 
_citation.book_publisher_city       ? 
_citation.book_title                ? 
_citation.coordinate_linkage        ? 
_citation.country                   US 
_citation.database_id_Medline       ? 
_citation.details                   ? 
_citation.id                        primary 
_citation.journal_abbrev            'J. Am. Chem. Soc.' 
_citation.journal_id_ASTM           JACSAT 
_citation.journal_id_CSD            ? 
_citation.journal_id_ISSN           1520-5126 
_citation.journal_full              ? 
_citation.journal_issue             ? 
_citation.journal_volume            139 
_citation.language                  ? 
_citation.page_first                5728 
_citation.page_last                 5731 
_citation.title                     'Generation of an Orthogonal Protein-Protein Interface with a Noncanonical Amino Acid.' 
_citation.year                      2017 
_citation.database_id_CSD           ? 
_citation.pdbx_database_id_DOI      10.1021/jacs.7b02273 
_citation.pdbx_database_id_PubMed   28413876 
_citation.unpublished_flag          ? 
# 
loop_
_citation_author.citation_id 
_citation_author.name 
_citation_author.ordinal 
_citation_author.identifier_ORCID 
primary 'Koh, M.'         1 ? 
primary 'Nasertorabi, F.' 2 ? 
primary 'Han, G.W.'       3 ? 
primary 'Stevens, R.C.'   4 ? 
primary 'Schultz, P.G.'   5 ? 
# 
_cell.angle_alpha                  90.00 
_cell.angle_alpha_esd              ? 
_cell.angle_beta                   90.00 
_cell.angle_beta_esd               ? 
_cell.angle_gamma                  90.00 
_cell.angle_gamma_esd              ? 
_cell.entry_id                     5VHT 
_cell.details                      ? 
_cell.formula_units_Z              ? 
_cell.length_a                     44.861 
_cell.length_a_esd                 ? 
_cell.length_b                     61.270 
_cell.length_b_esd                 ? 
_cell.length_c                     62.848 
_cell.length_c_esd                 ? 
_cell.volume                       ? 
_cell.volume_esd                   ? 
_cell.Z_PDB                        8 
_cell.reciprocal_angle_alpha       ? 
_cell.reciprocal_angle_beta        ? 
_cell.reciprocal_angle_gamma       ? 
_cell.reciprocal_angle_alpha_esd   ? 
_cell.reciprocal_angle_beta_esd    ? 
_cell.reciprocal_angle_gamma_esd   ? 
_cell.reciprocal_length_a          ? 
_cell.reciprocal_length_b          ? 
_cell.reciprocal_length_c          ? 
_cell.reciprocal_length_a_esd      ? 
_cell.reciprocal_length_b_esd      ? 
_cell.reciprocal_length_c_esd      ? 
_cell.pdbx_unique_axis             ? 
# 
_symmetry.entry_id                         5VHT 
_symmetry.cell_setting                     ? 
_symmetry.Int_Tables_number                19 
_symmetry.space_group_name_Hall            ? 
_symmetry.space_group_name_H-M             'P 21 21 21' 
_symmetry.pdbx_full_space_group_name_H-M   ? 
# 
loop_
_entity.id 
_entity.type 
_entity.src_method 
_entity.pdbx_description 
_entity.formula_weight 
_entity.pdbx_number_of_molecules 
_entity.pdbx_ec 
_entity.pdbx_mutation 
_entity.pdbx_fragment 
_entity.details 
1 polymer man 'Chorismate Mutase' 11636.413 2  5.4.99.5 'L25F, Y72PBF, L76T, I80G, D83Y' 'UNP residues 1-92' ? 
2 water   nat water               18.015    73 ?        ?                                ?                   ? 
# 
_entity_name_com.entity_id   1 
_entity_name_com.name        CM 
# 
_entity_poly.entity_id                      1 
_entity_poly.type                           'polypeptide(L)' 
_entity_poly.nstd_linkage                   no 
_entity_poly.nstd_monomer                   yes 
_entity_poly.pdbx_seq_one_letter_code       
;MTSENPLLALREKISALDEKLLALFAERRELAVEVGKAKLLSHRPVRDIDRERDLLERLITLGKAHHLDAH(PBF)ITRT
FQLGIEYSVLTQQALLEHHHHHH
;
_entity_poly.pdbx_seq_one_letter_code_can   
;MTSENPLLALREKISALDEKLLALFAERRELAVEVGKAKLLSHRPVRDIDRERDLLERLITLGKAHHLDAHFITRTFQLG
IEYSVLTQQALLEHHHHHH
;
_entity_poly.pdbx_strand_id                 A,B 
_entity_poly.pdbx_target_identifier         ? 
# 
loop_
_entity_poly_seq.entity_id 
_entity_poly_seq.num 
_entity_poly_seq.mon_id 
_entity_poly_seq.hetero 
1 1  MET n 
1 2  THR n 
1 3  SER n 
1 4  GLU n 
1 5  ASN n 
1 6  PRO n 
1 7  LEU n 
1 8  LEU n 
1 9  ALA n 
1 10 LEU n 
1 11 ARG n 
1 12 GLU n 
1 13 LYS n 
1 14 ILE n 
1 15 SER n 
1 16 ALA n 
1 17 LEU n 
1 18 ASP n 
1 19 GLU n 
1 20 LYS n 
1 21 LEU n 
1 22 LEU n 
1 23 ALA n 
1 24 LEU n 
1 25 PHE n 
1 26 ALA n 
1 27 GLU n 
1 28 ARG n 
1 29 ARG n 
1 30 GLU n 
1 31 LEU n 
1 32 ALA n 
1 33 VAL n 
1 34 GLU n 
1 35 VAL n 
1 36 GLY n 
1 37 LYS n 
1 38 ALA n 
1 39 LYS n 
1 40 LEU n 
1 41 LEU n 
1 42 SER n 
1 43 HIS n 
1 44 ARG n 
1 45 PRO n 
1 46 VAL n 
1 47 ARG n 
1 48 ASP n 
1 49 ILE n 
1 50 ASP n 
1 51 ARG n 
1 52 GLU n 
1 53 ARG n 
1 54 ASP n 
1 55 LEU n 
1 56 LEU n 
1 57 GLU n 
1 58 ARG n 
1 59 LEU n 
1 60 ILE n 
1 61 THR n 
1 62 LEU n 
1 63 GLY n 
1 64 LYS n 
1 65 ALA n 
1 66 HIS n 
1 67 HIS n 
1 68 LEU n 
1 69 ASP n 
1 70 ALA n 
1 71 HIS n 
1 72 PBF n 
1 73 ILE n 
1 74 THR n 
1 75 ARG n 
1 76 THR n 
1 77 PHE n 
1 78 GLN n 
1 79 LEU n 
1 80 GLY n 
1 81 ILE n 
1 82 GLU n 
1 83 TYR n 
1 84 SER n 
1 85 VAL n 
1 86 LEU n 
1 87 THR n 
1 88 GLN n 
1 89 GLN n 
1 90 ALA n 
1 91 LEU n 
1 92 LEU n 
1 93 GLU n 
1 94 HIS n 
1 95 HIS n 
1 96 HIS n 
1 97 HIS n 
1 98 HIS n 
1 99 HIS n 
# 
_entity_src_gen.entity_id                          1 
_entity_src_gen.pdbx_src_id                        1 
_entity_src_gen.pdbx_alt_source_flag               sample 
_entity_src_gen.pdbx_seq_type                      'Biological sequence' 
_entity_src_gen.pdbx_beg_seq_num                   1 
_entity_src_gen.pdbx_end_seq_num                   99 
_entity_src_gen.gene_src_common_name               ? 
_entity_src_gen.gene_src_genus                     ? 
_entity_src_gen.pdbx_gene_src_gene                 'pheA, b2599, JW2580' 
_entity_src_gen.gene_src_species                   ? 
_entity_src_gen.gene_src_strain                    K12 
_entity_src_gen.gene_src_tissue                    ? 
_entity_src_gen.gene_src_tissue_fraction           ? 
_entity_src_gen.gene_src_details                   ? 
_entity_src_gen.pdbx_gene_src_fragment             ? 
_entity_src_gen.pdbx_gene_src_scientific_name      'Escherichia coli' 
_entity_src_gen.pdbx_gene_src_ncbi_taxonomy_id     83333 
_entity_src_gen.pdbx_gene_src_variant              ? 
_entity_src_gen.pdbx_gene_src_cell_line            ? 
_entity_src_gen.pdbx_gene_src_atcc                 ? 
_entity_src_gen.pdbx_gene_src_organ                ? 
_entity_src_gen.pdbx_gene_src_organelle            ? 
_entity_src_gen.pdbx_gene_src_cell                 ? 
_entity_src_gen.pdbx_gene_src_cellular_location    ? 
_entity_src_gen.host_org_common_name               ? 
_entity_src_gen.pdbx_host_org_scientific_name      'Escherichia coli' 
_entity_src_gen.pdbx_host_org_ncbi_taxonomy_id     469008 
_entity_src_gen.host_org_genus                     ? 
_entity_src_gen.pdbx_host_org_gene                 ? 
_entity_src_gen.pdbx_host_org_organ                ? 
_entity_src_gen.host_org_species                   ? 
_entity_src_gen.pdbx_host_org_tissue               ? 
_entity_src_gen.pdbx_host_org_tissue_fraction      ? 
_entity_src_gen.pdbx_host_org_strain               'BL21 DE3' 
_entity_src_gen.pdbx_host_org_variant              ? 
_entity_src_gen.pdbx_host_org_cell_line            ? 
_entity_src_gen.pdbx_host_org_atcc                 ? 
_entity_src_gen.pdbx_host_org_culture_collection   ? 
_entity_src_gen.pdbx_host_org_cell                 ? 
_entity_src_gen.pdbx_host_org_organelle            ? 
_entity_src_gen.pdbx_host_org_cellular_location    ? 
_entity_src_gen.pdbx_host_org_vector_type          Plasmid 
_entity_src_gen.pdbx_host_org_vector               ? 
_entity_src_gen.host_org_details                   ? 
_entity_src_gen.expression_system_id               ? 
_entity_src_gen.plasmid_name                       'PET 22+' 
_entity_src_gen.plasmid_details                    ? 
_entity_src_gen.pdbx_description                   ? 
# 
_struct_ref.id                         1 
_struct_ref.db_name                    UNP 
_struct_ref.db_code                    PHEA_ECOLI 
_struct_ref.pdbx_db_accession          P0A9J8 
_struct_ref.pdbx_db_isoform            ? 
_struct_ref.entity_id                  1 
_struct_ref.pdbx_seq_one_letter_code   
;MTSENPLLALREKISALDEKLLALLAERRELAVEVGKAKLLSHRPVRDIDRERDLLERLITLGKAHHLDAHYITRLFQLI
IEDSVLTQQALL
;
_struct_ref.pdbx_align_begin           1 
# 
loop_
_struct_ref_seq.align_id 
_struct_ref_seq.ref_id 
_struct_ref_seq.pdbx_PDB_id_code 
_struct_ref_seq.pdbx_strand_id 
_struct_ref_seq.seq_align_beg 
_struct_ref_seq.pdbx_seq_align_beg_ins_code 
_struct_ref_seq.seq_align_end 
_struct_ref_seq.pdbx_seq_align_end_ins_code 
_struct_ref_seq.pdbx_db_accession 
_struct_ref_seq.db_align_beg 
_struct_ref_seq.pdbx_db_align_beg_ins_code 
_struct_ref_seq.db_align_end 
_struct_ref_seq.pdbx_db_align_end_ins_code 
_struct_ref_seq.pdbx_auth_seq_align_beg 
_struct_ref_seq.pdbx_auth_seq_align_end 
1 1 5VHT A 1 ? 92 ? P0A9J8 1 ? 92 ? 1 92 
2 1 5VHT B 1 ? 92 ? P0A9J8 1 ? 92 ? 1 92 
# 
loop_
_struct_ref_seq_dif.align_id 
_struct_ref_seq_dif.pdbx_pdb_id_code 
_struct_ref_seq_dif.mon_id 
_struct_ref_seq_dif.pdbx_pdb_strand_id 
_struct_ref_seq_dif.seq_num 
_struct_ref_seq_dif.pdbx_pdb_ins_code 
_struct_ref_seq_dif.pdbx_seq_db_name 
_struct_ref_seq_dif.pdbx_seq_db_accession_code 
_struct_ref_seq_dif.db_mon_id 
_struct_ref_seq_dif.pdbx_seq_db_seq_num 
_struct_ref_seq_dif.details 
_struct_ref_seq_dif.pdbx_auth_seq_num 
_struct_ref_seq_dif.pdbx_ordinal 
1 5VHT PHE A 25 ? UNP P0A9J8 LEU 25 'engineered mutation' 25 1  
1 5VHT PBF A 72 ? UNP P0A9J8 TYR 72 'engineered mutation' 72 2  
1 5VHT THR A 76 ? UNP P0A9J8 LEU 76 'engineered mutation' 76 3  
1 5VHT GLY A 80 ? UNP P0A9J8 ILE 80 'engineered mutation' 80 4  
1 5VHT TYR A 83 ? UNP P0A9J8 ASP 83 'engineered mutation' 83 5  
1 5VHT GLU A 93 ? UNP P0A9J8 ?   ?  'expression tag'      93 6  
1 5VHT HIS A 94 ? UNP P0A9J8 ?   ?  'expression tag'      94 7  
1 5VHT HIS A 95 ? UNP P0A9J8 ?   ?  'expression tag'      95 8  
1 5VHT HIS A 96 ? UNP P0A9J8 ?   ?  'expression tag'      96 9  
1 5VHT HIS A 97 ? UNP P0A9J8 ?   ?  'expression tag'      97 10 
1 5VHT HIS A 98 ? UNP P0A9J8 ?   ?  'expression tag'      98 11 
1 5VHT HIS A 99 ? UNP P0A9J8 ?   ?  'expression tag'      99 12 
2 5VHT PHE B 25 ? UNP P0A9J8 LEU 25 'engineered mutation' 25 13 
2 5VHT PBF B 72 ? UNP P0A9J8 TYR 72 'engineered mutation' 72 14 
2 5VHT THR B 76 ? UNP P0A9J8 LEU 76 'engineered mutation' 76 15 
2 5VHT GLY B 80 ? UNP P0A9J8 ILE 80 'engineered mutation' 80 16 
2 5VHT TYR B 83 ? UNP P0A9J8 ASP 83 'engineered mutation' 83 17 
2 5VHT GLU B 93 ? UNP P0A9J8 ?   ?  'expression tag'      93 18 
2 5VHT HIS B 94 ? UNP P0A9J8 ?   ?  'expression tag'      94 19 
2 5VHT HIS B 95 ? UNP P0A9J8 ?   ?  'expression tag'      95 20 
2 5VHT HIS B 96 ? UNP P0A9J8 ?   ?  'expression tag'      96 21 
2 5VHT HIS B 97 ? UNP P0A9J8 ?   ?  'expression tag'      97 22 
2 5VHT HIS B 98 ? UNP P0A9J8 ?   ?  'expression tag'      98 23 
2 5VHT HIS B 99 ? UNP P0A9J8 ?   ?  'expression tag'      99 24 
# 
loop_
_chem_comp.id 
_chem_comp.type 
_chem_comp.mon_nstd_flag 
_chem_comp.name 
_chem_comp.pdbx_synonyms 
_chem_comp.formula 
_chem_comp.formula_weight 
ALA 'L-peptide linking' y ALANINE                        ? 'C3 H7 N O2'     89.093  
ARG 'L-peptide linking' y ARGININE                       ? 'C6 H15 N4 O2 1' 175.209 
ASN 'L-peptide linking' y ASPARAGINE                     ? 'C4 H8 N2 O3'    132.118 
ASP 'L-peptide linking' y 'ASPARTIC ACID'                ? 'C4 H7 N O4'     133.103 
GLN 'L-peptide linking' y GLUTAMINE                      ? 'C5 H10 N2 O3'   146.144 
GLU 'L-peptide linking' y 'GLUTAMIC ACID'                ? 'C5 H9 N O4'     147.129 
GLY 'peptide linking'   y GLYCINE                        ? 'C2 H5 N O2'     75.067  
HIS 'L-peptide linking' y HISTIDINE                      ? 'C6 H10 N3 O2 1' 156.162 
HOH non-polymer         . WATER                          ? 'H2 O'           18.015  
ILE 'L-peptide linking' y ISOLEUCINE                     ? 'C6 H13 N O2'    131.173 
LEU 'L-peptide linking' y LEUCINE                        ? 'C6 H13 N O2'    131.173 
LYS 'L-peptide linking' y LYSINE                         ? 'C6 H15 N2 O2 1' 147.195 
MET 'L-peptide linking' y METHIONINE                     ? 'C5 H11 N O2 S'  149.211 
PBF 'L-peptide linking' n 'PARA-(BENZOYL)-PHENYLALANINE' ? 'C16 H15 N O3'   269.295 
PHE 'L-peptide linking' y PHENYLALANINE                  ? 'C9 H11 N O2'    165.189 
PRO 'L-peptide linking' y PROLINE                        ? 'C5 H9 N O2'     115.130 
SER 'L-peptide linking' y SERINE                         ? 'C3 H7 N O3'     105.093 
THR 'L-peptide linking' y THREONINE                      ? 'C4 H9 N O3'     119.119 
TYR 'L-peptide linking' y TYROSINE                       ? 'C9 H11 N O3'    181.189 
VAL 'L-peptide linking' y VALINE                         ? 'C5 H11 N O2'    117.146 
# 
_exptl.absorpt_coefficient_mu     ? 
_exptl.absorpt_correction_T_max   ? 
_exptl.absorpt_correction_T_min   ? 
_exptl.absorpt_correction_type    ? 
_exptl.absorpt_process_details    ? 
_exptl.entry_id                   5VHT 
_exptl.crystals_number            1 
_exptl.details                    ? 
_exptl.method                     'X-RAY DIFFRACTION' 
_exptl.method_details             ? 
# 
_exptl_crystal.colour                      ? 
_exptl_crystal.density_diffrn              ? 
_exptl_crystal.density_Matthews            1.92 
_exptl_crystal.density_method              ? 
_exptl_crystal.density_percent_sol         35.96 
_exptl_crystal.description                 rectangular 
_exptl_crystal.F_000                       ? 
_exptl_crystal.id                          1 
_exptl_crystal.preparation                 ? 
_exptl_crystal.size_max                    ? 
_exptl_crystal.size_mid                    ? 
_exptl_crystal.size_min                    ? 
_exptl_crystal.size_rad                    ? 
_exptl_crystal.colour_lustre               ? 
_exptl_crystal.colour_modifier             ? 
_exptl_crystal.colour_primary              ? 
_exptl_crystal.density_meas                ? 
_exptl_crystal.density_meas_esd            ? 
_exptl_crystal.density_meas_gt             ? 
_exptl_crystal.density_meas_lt             ? 
_exptl_crystal.density_meas_temp           ? 
_exptl_crystal.density_meas_temp_esd       ? 
_exptl_crystal.density_meas_temp_gt        ? 
_exptl_crystal.density_meas_temp_lt        ? 
_exptl_crystal.pdbx_crystal_image_url      ? 
_exptl_crystal.pdbx_crystal_image_format   ? 
_exptl_crystal.pdbx_mosaicity              ? 
_exptl_crystal.pdbx_mosaicity_esd          ? 
# 
_exptl_crystal_grow.apparatus       ? 
_exptl_crystal_grow.atmosphere      ? 
_exptl_crystal_grow.crystal_id      1 
_exptl_crystal_grow.details         ? 
_exptl_crystal_grow.method          'VAPOR DIFFUSION, HANGING DROP' 
_exptl_crystal_grow.method_ref      ? 
_exptl_crystal_grow.pH              9.0 
_exptl_crystal_grow.pressure        ? 
_exptl_crystal_grow.pressure_esd    ? 
_exptl_crystal_grow.seeding         ? 
_exptl_crystal_grow.seeding_ref     ? 
_exptl_crystal_grow.temp            295 
_exptl_crystal_grow.temp_details    ? 
_exptl_crystal_grow.temp_esd        ? 
_exptl_crystal_grow.time            ? 
_exptl_crystal_grow.pdbx_details    
;100mM Bicine pH9.0, 
100mM Na-Acetate and 
32% PEG 8K
;
_exptl_crystal_grow.pdbx_pH_range   7.5-9.5 
# 
_diffrn.ambient_environment    ? 
_diffrn.ambient_temp           100 
_diffrn.ambient_temp_details   Cryo 
_diffrn.ambient_temp_esd       ? 
_diffrn.crystal_id             1 
_diffrn.crystal_support        ? 
_diffrn.crystal_treatment      ? 
_diffrn.details                ? 
_diffrn.id                     1 
_diffrn.ambient_pressure       ? 
_diffrn.ambient_pressure_esd   ? 
_diffrn.ambient_pressure_gt    ? 
_diffrn.ambient_pressure_lt    ? 
_diffrn.ambient_temp_gt        ? 
_diffrn.ambient_temp_lt        ? 
# 
_diffrn_detector.details                      ? 
_diffrn_detector.detector                     PIXEL 
_diffrn_detector.diffrn_id                    1 
_diffrn_detector.type                         'DECTRIS EIGER X 16M' 
_diffrn_detector.area_resol_mean              ? 
_diffrn_detector.dtime                        ? 
_diffrn_detector.pdbx_frames_total            ? 
_diffrn_detector.pdbx_collection_time_total   ? 
_diffrn_detector.pdbx_collection_date         2016-12-18 
# 
_diffrn_radiation.collimation                      ? 
_diffrn_radiation.diffrn_id                        1 
_diffrn_radiation.filter_edge                      ? 
_diffrn_radiation.inhomogeneity                    ? 
_diffrn_radiation.monochromator                    ? 
_diffrn_radiation.polarisn_norm                    ? 
_diffrn_radiation.polarisn_ratio                   ? 
_diffrn_radiation.probe                            ? 
_diffrn_radiation.type                             ? 
_diffrn_radiation.xray_symbol                      ? 
_diffrn_radiation.wavelength_id                    1 
_diffrn_radiation.pdbx_monochromatic_or_laue_m_l   M 
_diffrn_radiation.pdbx_wavelength_list             ? 
_diffrn_radiation.pdbx_wavelength                  ? 
_diffrn_radiation.pdbx_diffrn_protocol             'SINGLE WAVELENGTH' 
_diffrn_radiation.pdbx_analyzer                    ? 
_diffrn_radiation.pdbx_scattering_type             x-ray 
# 
_diffrn_radiation_wavelength.id           1 
_diffrn_radiation_wavelength.wavelength   1.033 
_diffrn_radiation_wavelength.wt           1.0 
# 
_diffrn_source.current                     ? 
_diffrn_source.details                     ? 
_diffrn_source.diffrn_id                   1 
_diffrn_source.power                       ? 
_diffrn_source.size                        ? 
_diffrn_source.source                      SYNCHROTRON 
_diffrn_source.target                      ? 
_diffrn_source.type                        'APS BEAMLINE 23-ID-B' 
_diffrn_source.voltage                     ? 
_diffrn_source.take-off_angle              ? 
_diffrn_source.pdbx_wavelength_list        1.033 
_diffrn_source.pdbx_wavelength             ? 
_diffrn_source.pdbx_synchrotron_beamline   23-ID-B 
_diffrn_source.pdbx_synchrotron_site       APS 
# 
_reflns.B_iso_Wilson_estimate            31.4 
_reflns.entry_id                         5VHT 
_reflns.data_reduction_details           ? 
_reflns.data_reduction_method            ? 
_reflns.d_resolution_high                2.0 
_reflns.d_resolution_low                 23.75 
_reflns.details                          ? 
_reflns.limit_h_max                      ? 
_reflns.limit_h_min                      ? 
_reflns.limit_k_max                      ? 
_reflns.limit_k_min                      ? 
_reflns.limit_l_max                      ? 
_reflns.limit_l_min                      ? 
_reflns.number_all                       ? 
_reflns.number_obs                       12193 
_reflns.observed_criterion               ? 
_reflns.observed_criterion_F_max         ? 
_reflns.observed_criterion_F_min         ? 
_reflns.observed_criterion_I_max         ? 
_reflns.observed_criterion_I_min         ? 
_reflns.observed_criterion_sigma_F       ? 
_reflns.observed_criterion_sigma_I       ? 
_reflns.percent_possible_obs             99.7 
_reflns.R_free_details                   ? 
_reflns.Rmerge_F_all                     ? 
_reflns.Rmerge_F_obs                     ? 
_reflns.Friedel_coverage                 ? 
_reflns.number_gt                        ? 
_reflns.threshold_expression             ? 
_reflns.pdbx_redundancy                  8.3 
_reflns.pdbx_Rmerge_I_obs                0.183 
_reflns.pdbx_Rmerge_I_all                ? 
_reflns.pdbx_Rsym_value                  ? 
_reflns.pdbx_netI_over_av_sigmaI         ? 
_reflns.pdbx_netI_over_sigmaI            8.3 
_reflns.pdbx_res_netI_over_av_sigmaI_2   ? 
_reflns.pdbx_res_netI_over_sigmaI_2      ? 
_reflns.pdbx_chi_squared                 ? 
_reflns.pdbx_scaling_rejects             ? 
_reflns.pdbx_d_res_high_opt              ? 
_reflns.pdbx_d_res_low_opt               ? 
_reflns.pdbx_d_res_opt_method            ? 
_reflns.phase_calculation_details        ? 
_reflns.pdbx_Rrim_I_all                  ? 
_reflns.pdbx_Rpim_I_all                  0.065 
_reflns.pdbx_d_opt                       ? 
_reflns.pdbx_number_measured_all         ? 
_reflns.pdbx_diffrn_id                   1 
_reflns.pdbx_ordinal                     1 
_reflns.pdbx_CC_half                     0.997 
_reflns.pdbx_R_split                     ? 
# 
_reflns_shell.d_res_high                  2.00 
_reflns_shell.d_res_low                   2.11 
_reflns_shell.meanI_over_sigI_all         ? 
_reflns_shell.meanI_over_sigI_obs         2.1 
_reflns_shell.number_measured_all         ? 
_reflns_shell.number_measured_obs         ? 
_reflns_shell.number_possible             ? 
_reflns_shell.number_unique_all           ? 
_reflns_shell.number_unique_obs           1735 
_reflns_shell.percent_possible_all        99.5 
_reflns_shell.percent_possible_obs        ? 
_reflns_shell.Rmerge_F_all                ? 
_reflns_shell.Rmerge_F_obs                ? 
_reflns_shell.Rmerge_I_all                ? 
_reflns_shell.Rmerge_I_obs                ? 
_reflns_shell.meanI_over_sigI_gt          ? 
_reflns_shell.meanI_over_uI_all           ? 
_reflns_shell.meanI_over_uI_gt            ? 
_reflns_shell.number_measured_gt          ? 
_reflns_shell.number_unique_gt            ? 
_reflns_shell.percent_possible_gt         ? 
_reflns_shell.Rmerge_F_gt                 ? 
_reflns_shell.Rmerge_I_gt                 ? 
_reflns_shell.pdbx_redundancy             9.2 
_reflns_shell.pdbx_Rsym_value             ? 
_reflns_shell.pdbx_chi_squared            ? 
_reflns_shell.pdbx_netI_over_sigmaI_all   ? 
_reflns_shell.pdbx_netI_over_sigmaI_obs   ? 
_reflns_shell.pdbx_Rrim_I_all             ? 
_reflns_shell.pdbx_Rpim_I_all             0.431 
_reflns_shell.pdbx_rejects                ? 
_reflns_shell.pdbx_ordinal                1 
_reflns_shell.pdbx_diffrn_id              1 
_reflns_shell.pdbx_CC_half                0.73 
_reflns_shell.pdbx_R_split                ? 
# 
_refine.aniso_B[1][1]                            -2.01 
_refine.aniso_B[1][2]                            0.00 
_refine.aniso_B[1][3]                            0.00 
_refine.aniso_B[2][2]                            0.03 
_refine.aniso_B[2][3]                            0.00 
_refine.aniso_B[3][3]                            1.97 
_refine.B_iso_max                                ? 
_refine.B_iso_mean                               42.850 
_refine.B_iso_min                                ? 
_refine.correlation_coeff_Fo_to_Fc               0.952 
_refine.correlation_coeff_Fo_to_Fc_free          0.954 
_refine.details                                  'HYDROGENS HAVE BEEN ADDED IN THE RIDING POSITIONS' 
_refine.diff_density_max                         ? 
_refine.diff_density_max_esd                     ? 
_refine.diff_density_min                         ? 
_refine.diff_density_min_esd                     ? 
_refine.diff_density_rms                         ? 
_refine.diff_density_rms_esd                     ? 
_refine.entry_id                                 5VHT 
_refine.pdbx_refine_id                           'X-RAY DIFFRACTION' 
_refine.ls_abs_structure_details                 ? 
_refine.ls_abs_structure_Flack                   ? 
_refine.ls_abs_structure_Flack_esd               ? 
_refine.ls_abs_structure_Rogers                  ? 
_refine.ls_abs_structure_Rogers_esd              ? 
_refine.ls_d_res_high                            2.00 
_refine.ls_d_res_low                             23.73 
_refine.ls_extinction_coef                       ? 
_refine.ls_extinction_coef_esd                   ? 
_refine.ls_extinction_expression                 ? 
_refine.ls_extinction_method                     ? 
_refine.ls_goodness_of_fit_all                   ? 
_refine.ls_goodness_of_fit_all_esd               ? 
_refine.ls_goodness_of_fit_obs                   ? 
_refine.ls_goodness_of_fit_obs_esd               ? 
_refine.ls_hydrogen_treatment                    ? 
_refine.ls_matrix_type                           ? 
_refine.ls_number_constraints                    ? 
_refine.ls_number_parameters                     ? 
_refine.ls_number_reflns_all                     ? 
_refine.ls_number_reflns_obs                     11535 
_refine.ls_number_reflns_R_free                  593 
_refine.ls_number_reflns_R_work                  ? 
_refine.ls_number_restraints                     ? 
_refine.ls_percent_reflns_obs                    99.23 
_refine.ls_percent_reflns_R_free                 4.9 
_refine.ls_R_factor_all                          ? 
_refine.ls_R_factor_obs                          0.21475 
_refine.ls_R_factor_R_free                       0.24017 
_refine.ls_R_factor_R_free_error                 ? 
_refine.ls_R_factor_R_free_error_details         ? 
_refine.ls_R_factor_R_work                       0.21336 
_refine.ls_R_Fsqd_factor_obs                     ? 
_refine.ls_R_I_factor_obs                        ? 
_refine.ls_redundancy_reflns_all                 ? 
_refine.ls_redundancy_reflns_obs                 ? 
_refine.ls_restrained_S_all                      ? 
_refine.ls_restrained_S_obs                      ? 
_refine.ls_shift_over_esd_max                    ? 
_refine.ls_shift_over_esd_mean                   ? 
_refine.ls_structure_factor_coef                 ? 
_refine.ls_weighting_details                     ? 
_refine.ls_weighting_scheme                      ? 
_refine.ls_wR_factor_all                         ? 
_refine.ls_wR_factor_obs                         ? 
_refine.ls_wR_factor_R_free                      ? 
_refine.ls_wR_factor_R_work                      ? 
_refine.occupancy_max                            ? 
_refine.occupancy_min                            ? 
_refine.solvent_model_details                    ? 
_refine.solvent_model_param_bsol                 ? 
_refine.solvent_model_param_ksol                 ? 
_refine.ls_R_factor_gt                           ? 
_refine.ls_goodness_of_fit_gt                    ? 
_refine.ls_goodness_of_fit_ref                   ? 
_refine.ls_shift_over_su_max                     ? 
_refine.ls_shift_over_su_max_lt                  ? 
_refine.ls_shift_over_su_mean                    ? 
_refine.ls_shift_over_su_mean_lt                 ? 
_refine.pdbx_ls_sigma_I                          ? 
_refine.pdbx_ls_sigma_F                          ? 
_refine.pdbx_ls_sigma_Fsqd                       ? 
_refine.pdbx_data_cutoff_high_absF               ? 
_refine.pdbx_data_cutoff_high_rms_absF           ? 
_refine.pdbx_data_cutoff_low_absF                ? 
_refine.pdbx_isotropic_thermal_model             ? 
_refine.pdbx_ls_cross_valid_method               'FREE R-VALUE' 
_refine.pdbx_method_to_determine_struct          'MOLECULAR REPLACEMENT' 
_refine.pdbx_starting_model                      1ECM 
_refine.pdbx_stereochemistry_target_values       ? 
_refine.pdbx_R_Free_selection_details            RANDOM 
_refine.pdbx_stereochem_target_val_spec_case     ? 
_refine.pdbx_overall_ESU_R                       0.245 
_refine.pdbx_overall_ESU_R_Free                  0.183 
_refine.pdbx_solvent_vdw_probe_radii             1.20 
_refine.pdbx_solvent_ion_probe_radii             0.80 
_refine.pdbx_solvent_shrinkage_radii             0.80 
_refine.pdbx_real_space_R                        ? 
_refine.pdbx_density_correlation                 ? 
_refine.pdbx_pd_number_of_powder_patterns        ? 
_refine.pdbx_pd_number_of_points                 ? 
_refine.pdbx_pd_meas_number_of_points            ? 
_refine.pdbx_pd_proc_ls_prof_R_factor            ? 
_refine.pdbx_pd_proc_ls_prof_wR_factor           ? 
_refine.pdbx_pd_Marquardt_correlation_coeff      ? 
_refine.pdbx_pd_Fsqrd_R_factor                   ? 
_refine.pdbx_pd_ls_matrix_band_width             ? 
_refine.pdbx_overall_phase_error                 ? 
_refine.pdbx_overall_SU_R_free_Cruickshank_DPI   ? 
_refine.pdbx_overall_SU_R_free_Blow_DPI          ? 
_refine.pdbx_overall_SU_R_Blow_DPI               ? 
_refine.pdbx_TLS_residual_ADP_flag               ? 
_refine.pdbx_diffrn_id                           1 
_refine.overall_SU_B                             5.595 
_refine.overall_SU_ML                            0.155 
_refine.overall_SU_R_Cruickshank_DPI             ? 
_refine.overall_SU_R_free                        ? 
_refine.overall_FOM_free_R_set                   ? 
_refine.overall_FOM_work_R_set                   ? 
_refine.pdbx_average_fsc_overall                 ? 
_refine.pdbx_average_fsc_work                    ? 
_refine.pdbx_average_fsc_free                    ? 
# 
_refine_hist.pdbx_refine_id                   'X-RAY DIFFRACTION' 
_refine_hist.cycle_id                         1 
_refine_hist.pdbx_number_atoms_protein        1494 
_refine_hist.pdbx_number_atoms_nucleic_acid   0 
_refine_hist.pdbx_number_atoms_ligand         0 
_refine_hist.number_atoms_solvent             73 
_refine_hist.number_atoms_total               1567 
_refine_hist.d_res_high                       2.00 
_refine_hist.d_res_low                        23.73 
# 
loop_
_refine_ls_restr.pdbx_refine_id 
_refine_ls_restr.criterion 
_refine_ls_restr.dev_ideal 
_refine_ls_restr.dev_ideal_target 
_refine_ls_restr.number 
_refine_ls_restr.rejects 
_refine_ls_restr.type 
_refine_ls_restr.weight 
_refine_ls_restr.pdbx_restraint_function 
'X-RAY DIFFRACTION' ? 0.013  0.019  1571 ? r_bond_refined_d             ? ? 
'X-RAY DIFFRACTION' ? 0.001  0.020  1538 ? r_bond_other_d               ? ? 
'X-RAY DIFFRACTION' ? 1.445  2.000  2131 ? r_angle_refined_deg          ? ? 
'X-RAY DIFFRACTION' ? 0.959  3.000  3520 ? r_angle_other_deg            ? ? 
'X-RAY DIFFRACTION' ? 5.782  5.000  200  ? r_dihedral_angle_1_deg       ? ? 
'X-RAY DIFFRACTION' ? 30.342 21.290 62   ? r_dihedral_angle_2_deg       ? ? 
'X-RAY DIFFRACTION' ? 14.237 15.000 281  ? r_dihedral_angle_3_deg       ? ? 
'X-RAY DIFFRACTION' ? 20.724 15.000 17   ? r_dihedral_angle_4_deg       ? ? 
'X-RAY DIFFRACTION' ? 0.087  0.200  254  ? r_chiral_restr               ? ? 
'X-RAY DIFFRACTION' ? 0.006  0.020  1744 ? r_gen_planes_refined         ? ? 
'X-RAY DIFFRACTION' ? 0.001  0.020  337  ? r_gen_planes_other           ? ? 
'X-RAY DIFFRACTION' ? ?      ?      ?    ? r_nbd_refined                ? ? 
'X-RAY DIFFRACTION' ? ?      ?      ?    ? r_nbd_other                  ? ? 
'X-RAY DIFFRACTION' ? ?      ?      ?    ? r_nbtor_refined              ? ? 
'X-RAY DIFFRACTION' ? ?      ?      ?    ? r_nbtor_other                ? ? 
'X-RAY DIFFRACTION' ? ?      ?      ?    ? r_xyhbond_nbd_refined        ? ? 
'X-RAY DIFFRACTION' ? ?      ?      ?    ? r_xyhbond_nbd_other          ? ? 
'X-RAY DIFFRACTION' ? ?      ?      ?    ? r_metal_ion_refined          ? ? 
'X-RAY DIFFRACTION' ? ?      ?      ?    ? r_metal_ion_other            ? ? 
'X-RAY DIFFRACTION' ? ?      ?      ?    ? r_symmetry_vdw_refined       ? ? 
'X-RAY DIFFRACTION' ? ?      ?      ?    ? r_symmetry_vdw_other         ? ? 
'X-RAY DIFFRACTION' ? ?      ?      ?    ? r_symmetry_hbond_refined     ? ? 
'X-RAY DIFFRACTION' ? ?      ?      ?    ? r_symmetry_hbond_other       ? ? 
'X-RAY DIFFRACTION' ? ?      ?      ?    ? r_symmetry_metal_ion_refined ? ? 
'X-RAY DIFFRACTION' ? ?      ?      ?    ? r_symmetry_metal_ion_other   ? ? 
'X-RAY DIFFRACTION' ? 3.121  4.182  782  ? r_mcbond_it                  ? ? 
'X-RAY DIFFRACTION' ? 3.114  4.178  781  ? r_mcbond_other               ? ? 
'X-RAY DIFFRACTION' ? 4.526  6.235  982  ? r_mcangle_it                 ? ? 
'X-RAY DIFFRACTION' ? 4.524  6.239  983  ? r_mcangle_other              ? ? 
'X-RAY DIFFRACTION' ? 3.939  4.720  789  ? r_scbond_it                  ? ? 
'X-RAY DIFFRACTION' ? 3.936  4.722  790  ? r_scbond_other               ? ? 
'X-RAY DIFFRACTION' ? ?      ?      ?    ? r_scangle_it                 ? ? 
'X-RAY DIFFRACTION' ? 6.187  6.906  1147 ? r_scangle_other              ? ? 
'X-RAY DIFFRACTION' ? 8.302  50.319 1746 ? r_long_range_B_refined       ? ? 
'X-RAY DIFFRACTION' ? 8.297  50.195 1735 ? r_long_range_B_other         ? ? 
'X-RAY DIFFRACTION' ? ?      ?      ?    ? r_rigid_bond_restr           ? ? 
'X-RAY DIFFRACTION' ? ?      ?      ?    ? r_sphericity_free            ? ? 
'X-RAY DIFFRACTION' ? ?      ?      ?    ? r_sphericity_bonded          ? ? 
# 
loop_
_refine_ls_restr_ncs.pdbx_refine_id 
_refine_ls_restr_ncs.dom_id 
_refine_ls_restr_ncs.pdbx_ens_id 
_refine_ls_restr_ncs.pdbx_ordinal 
_refine_ls_restr_ncs.ncs_model_details 
_refine_ls_restr_ncs.rms_dev_position 
_refine_ls_restr_ncs.weight_position 
_refine_ls_restr_ncs.rms_dev_B_iso 
_refine_ls_restr_ncs.weight_B_iso 
_refine_ls_restr_ncs.pdbx_auth_asym_id 
_refine_ls_restr_ncs.pdbx_number 
_refine_ls_restr_ncs.pdbx_type 
_refine_ls_restr_ncs.pdbx_asym_id 
_refine_ls_restr_ncs.pdbx_rms 
_refine_ls_restr_ncs.pdbx_weight 
'X-RAY DIFFRACTION' 1 1 1 ? 0.10 0.05 ? ? A 5498 'interatomic distance' ? ? ? 
'X-RAY DIFFRACTION' 2 1 2 ? 0.10 0.05 ? ? B 5498 'interatomic distance' ? ? ? 
# 
_refine_ls_shell.pdbx_refine_id                   'X-RAY DIFFRACTION' 
_refine_ls_shell.d_res_high                       2.000 
_refine_ls_shell.d_res_low                        2.052 
_refine_ls_shell.number_reflns_all                ? 
_refine_ls_shell.number_reflns_obs                ? 
_refine_ls_shell.number_reflns_R_free             37 
_refine_ls_shell.number_reflns_R_work             824 
_refine_ls_shell.percent_reflns_obs               96.96 
_refine_ls_shell.percent_reflns_R_free            ? 
_refine_ls_shell.R_factor_all                     ? 
_refine_ls_shell.R_factor_obs                     ? 
_refine_ls_shell.R_factor_R_free                  0.323 
_refine_ls_shell.R_factor_R_free_error            ? 
_refine_ls_shell.R_factor_R_work                  0.297 
_refine_ls_shell.redundancy_reflns_all            ? 
_refine_ls_shell.redundancy_reflns_obs            ? 
_refine_ls_shell.wR_factor_all                    ? 
_refine_ls_shell.wR_factor_obs                    ? 
_refine_ls_shell.wR_factor_R_free                 ? 
_refine_ls_shell.wR_factor_R_work                 ? 
_refine_ls_shell.pdbx_total_number_of_bins_used   20 
_refine_ls_shell.pdbx_phase_error                 ? 
_refine_ls_shell.pdbx_fsc_work                    ? 
_refine_ls_shell.pdbx_fsc_free                    ? 
# 
loop_
_struct_ncs_dom.id 
_struct_ncs_dom.details 
_struct_ncs_dom.pdbx_ens_id 
1 A 1 
2 B 1 
# 
loop_
_struct_ncs_dom_lim.pdbx_ens_id 
_struct_ncs_dom_lim.dom_id 
_struct_ncs_dom_lim.pdbx_component_id 
_struct_ncs_dom_lim.beg_label_asym_id 
_struct_ncs_dom_lim.beg_label_comp_id 
_struct_ncs_dom_lim.beg_label_seq_id 
_struct_ncs_dom_lim.beg_label_alt_id 
_struct_ncs_dom_lim.end_label_asym_id 
_struct_ncs_dom_lim.end_label_comp_id 
_struct_ncs_dom_lim.end_label_seq_id 
_struct_ncs_dom_lim.end_label_alt_id 
_struct_ncs_dom_lim.beg_auth_asym_id 
_struct_ncs_dom_lim.beg_auth_comp_id 
_struct_ncs_dom_lim.beg_auth_seq_id 
_struct_ncs_dom_lim.end_auth_asym_id 
_struct_ncs_dom_lim.end_auth_comp_id 
_struct_ncs_dom_lim.end_auth_seq_id 
_struct_ncs_dom_lim.pdbx_refine_code 
_struct_ncs_dom_lim.selection_details 
1 1 0 A GLU 4 . A HIS 98 . A GLU 4 A HIS 98 0 ? 
1 2 0 B GLU 4 . B HIS 98 . B GLU 4 B HIS 98 0 ? 
# 
_struct_ncs_ens.details       ? 
_struct_ncs_ens.id            1 
_struct_ncs_ens.point_group   ? 
# 
_struct.entry_id                     5VHT 
_struct.title                        'E. coli chorismate mutase with orthogonal interface containing p-benzoyl phenylalanine' 
_struct.pdbx_model_details           ? 
_struct.pdbx_formula_weight          ? 
_struct.pdbx_formula_weight_method   ? 
_struct.pdbx_model_type_details      ? 
_struct.pdbx_CASP_flag               N 
# 
_struct_keywords.entry_id        5VHT 
_struct_keywords.text            'p-benzoyl phenylalanine, orthogonal interface, chorismate mutase, mutagenesis, ISOMERASE' 
_struct_keywords.pdbx_keywords   ISOMERASE 
# 
loop_
_struct_asym.id 
_struct_asym.pdbx_blank_PDB_chainid_flag 
_struct_asym.pdbx_modified 
_struct_asym.entity_id 
_struct_asym.details 
A N N 1 ? 
B N N 1 ? 
C N N 2 ? 
D N N 2 ? 
# 
loop_
_struct_conf.conf_type_id 
_struct_conf.id 
_struct_conf.pdbx_PDB_helix_id 
_struct_conf.beg_label_comp_id 
_struct_conf.beg_label_asym_id 
_struct_conf.beg_label_seq_id 
_struct_conf.pdbx_beg_PDB_ins_code 
_struct_conf.end_label_comp_id 
_struct_conf.end_label_asym_id 
_struct_conf.end_label_seq_id 
_struct_conf.pdbx_end_PDB_ins_code 
_struct_conf.beg_auth_comp_id 
_struct_conf.beg_auth_asym_id 
_struct_conf.beg_auth_seq_id 
_struct_conf.end_auth_comp_id 
_struct_conf.end_auth_asym_id 
_struct_conf.end_auth_seq_id 
_struct_conf.pdbx_PDB_helix_class 
_struct_conf.details 
_struct_conf.pdbx_PDB_helix_length 
HELX_P HELX_P1 AA1 ASN A 5  ? HIS A 43 ? ASN A 5  HIS A 43 1 ? 39 
HELX_P HELX_P2 AA2 ASP A 48 ? HIS A 66 ? ASP A 48 HIS A 66 1 ? 19 
HELX_P HELX_P3 AA3 ASP A 69 ? HIS A 97 ? ASP A 69 HIS A 97 1 ? 29 
HELX_P HELX_P4 AA4 ASN B 5  ? HIS B 43 ? ASN B 5  HIS B 43 1 ? 39 
HELX_P HELX_P5 AA5 ASP B 48 ? HIS B 66 ? ASP B 48 HIS B 66 1 ? 19 
HELX_P HELX_P6 AA6 ASP B 69 ? HIS B 95 ? ASP B 69 HIS B 95 1 ? 27 
# 
_struct_conf_type.id          HELX_P 
_struct_conf_type.criteria    ? 
_struct_conf_type.reference   ? 
# 
loop_
_struct_conn.id 
_struct_conn.conn_type_id 
_struct_conn.pdbx_leaving_atom_flag 
_struct_conn.pdbx_PDB_id 
_struct_conn.ptnr1_label_asym_id 
_struct_conn.ptnr1_label_comp_id 
_struct_conn.ptnr1_label_seq_id 
_struct_conn.ptnr1_label_atom_id 
_struct_conn.pdbx_ptnr1_label_alt_id 
_struct_conn.pdbx_ptnr1_PDB_ins_code 
_struct_conn.pdbx_ptnr1_standard_comp_id 
_struct_conn.ptnr1_symmetry 
_struct_conn.ptnr2_label_asym_id 
_struct_conn.ptnr2_label_comp_id 
_struct_conn.ptnr2_label_seq_id 
_struct_conn.ptnr2_label_atom_id 
_struct_conn.pdbx_ptnr2_label_alt_id 
_struct_conn.pdbx_ptnr2_PDB_ins_code 
_struct_conn.ptnr1_auth_asym_id 
_struct_conn.ptnr1_auth_comp_id 
_struct_conn.ptnr1_auth_seq_id 
_struct_conn.ptnr2_auth_asym_id 
_struct_conn.ptnr2_auth_comp_id 
_struct_conn.ptnr2_auth_seq_id 
_struct_conn.ptnr2_symmetry 
_struct_conn.pdbx_ptnr3_label_atom_id 
_struct_conn.pdbx_ptnr3_label_seq_id 
_struct_conn.pdbx_ptnr3_label_comp_id 
_struct_conn.pdbx_ptnr3_label_asym_id 
_struct_conn.pdbx_ptnr3_label_alt_id 
_struct_conn.pdbx_ptnr3_PDB_ins_code 
_struct_conn.details 
_struct_conn.pdbx_dist_value 
_struct_conn.pdbx_value_order 
_struct_conn.pdbx_role 
covale1 covale both ? A HIS 71 C ? ? ? 1_555 A PBF 72 N ? ? A HIS 71 A PBF 72 1_555 ? ? ? ? ? ? ? 1.316 ? ? 
covale2 covale both ? A PBF 72 C ? ? ? 1_555 A ILE 73 N ? ? A PBF 72 A ILE 73 1_555 ? ? ? ? ? ? ? 1.325 ? ? 
covale3 covale both ? B HIS 71 C ? ? ? 1_555 B PBF 72 N ? ? B HIS 71 B PBF 72 1_555 ? ? ? ? ? ? ? 1.330 ? ? 
covale4 covale both ? B PBF 72 C ? ? ? 1_555 B ILE 73 N ? ? B PBF 72 B ILE 73 1_555 ? ? ? ? ? ? ? 1.332 ? ? 
# 
_struct_conn_type.id          covale 
_struct_conn_type.criteria    ? 
_struct_conn_type.reference   ? 
# 
_atom_sites.entry_id                    5VHT 
_atom_sites.fract_transf_matrix[1][1]   -0.00829043 
_atom_sites.fract_transf_matrix[1][2]   -0.00954580 
_atom_sites.fract_transf_matrix[1][3]   -0.01835852 
_atom_sites.fract_transf_matrix[2][1]   0.00458444 
_atom_sites.fract_transf_matrix[2][2]   0.01295423 
_atom_sites.fract_transf_matrix[2][3]   -0.00880602 
_atom_sites.fract_transf_matrix[3][1]   0.01407720 
_atom_sites.fract_transf_matrix[3][2]   -0.00687367 
_atom_sites.fract_transf_matrix[3][3]   -0.00278298 
_atom_sites.fract_transf_vector[1]      1.101942 
_atom_sites.fract_transf_vector[2]      1.081972 
_atom_sites.fract_transf_vector[3]      0.157912 
# 
loop_
_atom_type.symbol 
C 
N 
O 
# 
loop_
_atom_site.group_PDB 
_atom_site.id 
_atom_site.type_symbol 
_atom_site.label_atom_id 
_atom_site.label_alt_id 
_atom_site.label_comp_id 
_atom_site.label_asym_id 
_atom_site.label_entity_id 
_atom_site.label_seq_id 
_atom_site.pdbx_PDB_ins_code 
_atom_site.Cartn_x 
_atom_site.Cartn_y 
_atom_site.Cartn_z 
_atom_site.occupancy 
_atom_site.B_iso_or_equiv 
_atom_site.pdbx_formal_charge 
_atom_site.auth_seq_id 
_atom_site.auth_comp_id 
_atom_site.auth_asym_id 
_atom_site.auth_atom_id 
_atom_site.pdbx_PDB_model_num 
ATOM   1    N N   . GLU A 1 4  ? -24.497 -2.631  -21.427 1.00 87.88  ? 4   GLU A N   1 
ATOM   2    C CA  . GLU A 1 4  ? -23.567 -1.753  -20.658 1.00 92.37  ? 4   GLU A CA  1 
ATOM   3    C C   . GLU A 1 4  ? -22.763 -2.631  -19.721 1.00 91.35  ? 4   GLU A C   1 
ATOM   4    O O   . GLU A 1 4  ? -23.350 -3.144  -18.784 1.00 99.04  ? 4   GLU A O   1 
ATOM   5    C CB  . GLU A 1 4  ? -24.362 -0.730  -19.841 1.00 91.51  ? 4   GLU A CB  1 
ATOM   6    N N   . ASN A 1 5  ? -21.481 -2.862  -20.016 1.00 84.11  ? 5   ASN A N   1 
ATOM   7    C CA  . ASN A 1 5  ? -20.662 -3.781  -19.219 1.00 77.13  ? 5   ASN A CA  1 
ATOM   8    C C   . ASN A 1 5  ? -20.212 -3.065  -17.926 1.00 69.46  ? 5   ASN A C   1 
ATOM   9    O O   . ASN A 1 5  ? -19.332 -2.192  -17.975 1.00 71.74  ? 5   ASN A O   1 
ATOM   10   C CB  . ASN A 1 5  ? -19.458 -4.288  -20.034 1.00 80.04  ? 5   ASN A CB  1 
ATOM   11   C CG  . ASN A 1 5  ? -18.641 -5.349  -19.300 1.00 81.37  ? 5   ASN A CG  1 
ATOM   12   O OD1 . ASN A 1 5  ? -18.982 -5.752  -18.184 1.00 89.78  ? 5   ASN A OD1 1 
ATOM   13   N ND2 . ASN A 1 5  ? -17.523 -5.754  -19.898 1.00 76.10  ? 5   ASN A ND2 1 
ATOM   14   N N   . PRO A 1 6  ? -20.798 -3.439  -16.767 1.00 60.08  ? 6   PRO A N   1 
ATOM   15   C CA  . PRO A 1 6  ? -20.502 -2.677  -15.541 1.00 56.71  ? 6   PRO A CA  1 
ATOM   16   C C   . PRO A 1 6  ? -19.086 -2.931  -14.986 1.00 51.96  ? 6   PRO A C   1 
ATOM   17   O O   . PRO A 1 6  ? -18.567 -2.096  -14.245 1.00 50.92  ? 6   PRO A O   1 
ATOM   18   C CB  . PRO A 1 6  ? -21.576 -3.156  -14.566 1.00 59.06  ? 6   PRO A CB  1 
ATOM   19   C CG  . PRO A 1 6  ? -21.839 -4.563  -14.986 1.00 60.79  ? 6   PRO A CG  1 
ATOM   20   C CD  . PRO A 1 6  ? -21.574 -4.663  -16.468 1.00 61.36  ? 6   PRO A CD  1 
ATOM   21   N N   . LEU A 1 7  ? -18.472 -4.057  -15.360 1.00 50.78  ? 7   LEU A N   1 
ATOM   22   C CA  . LEU A 1 7  ? -17.082 -4.356  -15.035 1.00 53.37  ? 7   LEU A CA  1 
ATOM   23   C C   . LEU A 1 7  ? -16.063 -3.359  -15.559 1.00 52.06  ? 7   LEU A C   1 
ATOM   24   O O   . LEU A 1 7  ? -15.066 -3.133  -14.885 1.00 47.25  ? 7   LEU A O   1 
ATOM   25   C CB  . LEU A 1 7  ? -16.688 -5.746  -15.517 1.00 55.97  ? 7   LEU A CB  1 
ATOM   26   C CG  . LEU A 1 7  ? -17.217 -6.890  -14.665 1.00 55.30  ? 7   LEU A CG  1 
ATOM   27   C CD1 . LEU A 1 7  ? -16.973 -8.201  -15.386 1.00 59.24  ? 7   LEU A CD1 1 
ATOM   28   C CD2 . LEU A 1 7  ? -16.541 -6.878  -13.304 1.00 56.42  ? 7   LEU A CD2 1 
ATOM   29   N N   . LEU A 1 8  ? -16.312 -2.769  -16.728 1.00 46.26  ? 8   LEU A N   1 
ATOM   30   C CA  . LEU A 1 8  ? -15.389 -1.786  -17.294 1.00 48.52  ? 8   LEU A CA  1 
ATOM   31   C C   . LEU A 1 8  ? -15.287 -0.514  -16.467 1.00 47.16  ? 8   LEU A C   1 
ATOM   32   O O   . LEU A 1 8  ? -14.182 -0.058  -16.217 1.00 47.14  ? 8   LEU A O   1 
ATOM   33   C CB  . LEU A 1 8  ? -15.755 -1.436  -18.743 1.00 53.27  ? 8   LEU A CB  1 
ATOM   34   C CG  . LEU A 1 8  ? -15.210 -2.457  -19.741 1.00 63.17  ? 8   LEU A CG  1 
ATOM   35   C CD1 . LEU A 1 8  ? -15.846 -2.267  -21.116 1.00 66.63  ? 8   LEU A CD1 1 
ATOM   36   C CD2 . LEU A 1 8  ? -13.686 -2.335  -19.793 1.00 63.01  ? 8   LEU A CD2 1 
ATOM   37   N N   . ALA A 1 9  ? -16.426 0.051   -16.066 1.00 43.49  ? 9   ALA A N   1 
ATOM   38   C CA  . ALA A 1 9  ? -16.429 1.216   -15.163 1.00 44.15  ? 9   ALA A CA  1 
ATOM   39   C C   . ALA A 1 9  ? -15.779 0.916   -13.782 1.00 42.85  ? 9   ALA A C   1 
ATOM   40   O O   . ALA A 1 9  ? -15.080 1.756   -13.199 1.00 38.36  ? 9   ALA A O   1 
ATOM   41   C CB  . ALA A 1 9  ? -17.859 1.713   -14.954 1.00 45.60  ? 9   ALA A CB  1 
ATOM   42   N N   . LEU A 1 10 ? -16.036 -0.270  -13.245 1.00 39.84  ? 10  LEU A N   1 
ATOM   43   C CA  . LEU A 1 10 ? -15.475 -0.640  -11.943 1.00 41.26  ? 10  LEU A CA  1 
ATOM   44   C C   . LEU A 1 10 ? -13.954 -0.790  -11.998 1.00 37.08  ? 10  LEU A C   1 
ATOM   45   O O   . LEU A 1 10 ? -13.256 -0.307  -11.113 1.00 38.65  ? 10  LEU A O   1 
ATOM   46   C CB  . LEU A 1 10 ? -16.136 -1.906  -11.400 1.00 41.06  ? 10  LEU A CB  1 
ATOM   47   C CG  . LEU A 1 10 ? -17.576 -1.693  -10.943 1.00 40.75  ? 10  LEU A CG  1 
ATOM   48   C CD1 . LEU A 1 10 ? -18.281 -3.034  -10.725 1.00 41.35  ? 10  LEU A CD1 1 
ATOM   49   C CD2 . LEU A 1 10 ? -17.635 -0.847  -9.688  1.00 43.15  ? 10  LEU A CD2 1 
ATOM   50   N N   . ARG A 1 11 ? -13.456 -1.451  -13.034 1.00 38.53  ? 11  ARG A N   1 
ATOM   51   C CA  . ARG A 1 11 ? -12.011 -1.578  -13.236 1.00 43.35  ? 11  ARG A CA  1 
ATOM   52   C C   . ARG A 1 11 ? -11.293 -0.265  -13.484 1.00 44.24  ? 11  ARG A C   1 
ATOM   53   O O   . ARG A 1 11 ? -10.133 -0.123  -13.101 1.00 45.45  ? 11  ARG A O   1 
ATOM   54   C CB  . ARG A 1 11 ? -11.689 -2.571  -14.348 1.00 48.35  ? 11  ARG A CB  1 
ATOM   55   C CG  . ARG A 1 11 ? -11.902 -3.993  -13.877 1.00 54.28  ? 11  ARG A CG  1 
ATOM   56   C CD  . ARG A 1 11 ? -11.844 -4.990  -14.996 1.00 57.90  ? 11  ARG A CD  1 
ATOM   57   N NE  . ARG A 1 11 ? -12.176 -6.326  -14.514 1.00 60.89  ? 11  ARG A NE  1 
ATOM   58   C CZ  . ARG A 1 11 ? -12.660 -7.305  -15.276 1.00 64.56  ? 11  ARG A CZ  1 
ATOM   59   N NH1 . ARG A 1 11 ? -12.884 -7.120  -16.581 1.00 69.54  ? 11  ARG A NH1 1 
ATOM   60   N NH2 . ARG A 1 11 ? -12.928 -8.488  -14.734 1.00 62.25  ? 11  ARG A NH2 1 
ATOM   61   N N   . GLU A 1 12 ? -11.965 0.676   -14.136 1.00 45.01  ? 12  GLU A N   1 
ATOM   62   C CA  . GLU A 1 12 ? -11.444 2.040   -14.294 1.00 46.20  ? 12  GLU A CA  1 
ATOM   63   C C   . GLU A 1 12 ? -11.410 2.806   -12.964 1.00 42.02  ? 12  GLU A C   1 
ATOM   64   O O   . GLU A 1 12 ? -10.467 3.547   -12.729 1.00 39.36  ? 12  GLU A O   1 
ATOM   65   C CB  . GLU A 1 12 ? -12.243 2.824   -15.351 1.00 48.79  ? 12  GLU A CB  1 
ATOM   66   N N   . LYS A 1 13 ? -12.407 2.637   -12.095 1.00 37.69  ? 13  LYS A N   1 
ATOM   67   C CA  . LYS A 1 13 ? -12.343 3.268   -10.773 1.00 40.23  ? 13  LYS A CA  1 
ATOM   68   C C   . LYS A 1 13 ? -11.230 2.669   -9.897  1.00 35.93  ? 13  LYS A C   1 
ATOM   69   O O   . LYS A 1 13 ? -10.634 3.375   -9.097  1.00 32.88  ? 13  LYS A O   1 
ATOM   70   C CB  . LYS A 1 13 ? -13.667 3.162   -10.023 1.00 45.52  ? 13  LYS A CB  1 
ATOM   71   C CG  . LYS A 1 13 ? -14.814 3.936   -10.674 1.00 48.18  ? 13  LYS A CG  1 
ATOM   72   C CD  . LYS A 1 13 ? -15.686 4.703   -9.677  1.00 58.06  ? 13  LYS A CD  1 
ATOM   73   C CE  . LYS A 1 13 ? -16.220 3.845   -8.540  1.00 61.37  ? 13  LYS A CE  1 
ATOM   74   N NZ  . LYS A 1 13 ? -16.849 2.590   -9.028  1.00 68.72  ? 13  LYS A NZ  1 
ATOM   75   N N   . ILE A 1 14 ? -10.994 1.371   -10.036 1.00 36.89  ? 14  ILE A N   1 
ATOM   76   C CA  . ILE A 1 14 ? -9.911  0.669   -9.300  1.00 35.80  ? 14  ILE A CA  1 
ATOM   77   C C   . ILE A 1 14 ? -8.548  1.147   -9.808  1.00 37.43  ? 14  ILE A C   1 
ATOM   78   O O   . ILE A 1 14 ? -7.642  1.356   -9.006  1.00 32.08  ? 14  ILE A O   1 
ATOM   79   C CB  . ILE A 1 14 ? -10.043 -0.879  -9.377  1.00 36.80  ? 14  ILE A CB  1 
ATOM   80   C CG1 . ILE A 1 14 ? -11.292 -1.325  -8.601  1.00 36.51  ? 14  ILE A CG1 1 
ATOM   81   C CG2 . ILE A 1 14 ? -8.816  -1.597  -8.781  1.00 37.57  ? 14  ILE A CG2 1 
ATOM   82   C CD1 . ILE A 1 14 ? -11.664 -2.788  -8.809  1.00 39.30  ? 14  ILE A CD1 1 
ATOM   83   N N   . SER A 1 15 ? -8.413  1.327   -11.126 1.00 38.82  ? 15  SER A N   1 
ATOM   84   C CA  . SER A 1 15 ? -7.182  1.904   -11.706 1.00 39.85  ? 15  SER A CA  1 
ATOM   85   C C   . SER A 1 15 ? -6.925  3.303   -11.225 1.00 34.81  ? 15  SER A C   1 
ATOM   86   O O   . SER A 1 15 ? -5.789  3.630   -10.918 1.00 34.38  ? 15  SER A O   1 
ATOM   87   C CB  . SER A 1 15 ? -7.203  1.901   -13.238 1.00 44.78  ? 15  SER A CB  1 
ATOM   88   O OG  . SER A 1 15 ? -7.254  0.573   -13.709 1.00 52.92  ? 15  SER A OG  1 
ATOM   89   N N   . ALA A 1 16 ? -7.957  4.135   -11.139 1.00 34.03  ? 16  ALA A N   1 
ATOM   90   C CA  . ALA A 1 16 ? -7.810  5.477   -10.567 1.00 33.49  ? 16  ALA A CA  1 
ATOM   91   C C   . ALA A 1 16 ? -7.339  5.451   -9.139  1.00 36.69  ? 16  ALA A C   1 
ATOM   92   O O   . ALA A 1 16 ? -6.520  6.271   -8.712  1.00 34.11  ? 16  ALA A O   1 
ATOM   93   C CB  . ALA A 1 16 ? -9.125  6.244   -10.647 1.00 36.55  ? 16  ALA A CB  1 
ATOM   94   N N   . LEU A 1 17 ? -7.887  4.510   -8.380  1.00 35.96  ? 17  LEU A N   1 
ATOM   95   C CA  . LEU A 1 17 ? -7.548  4.365   -6.997  1.00 33.28  ? 17  LEU A CA  1 
ATOM   96   C C   . LEU A 1 17 ? -6.046  3.926   -6.903  1.00 32.10  ? 17  LEU A C   1 
ATOM   97   O O   . LEU A 1 17 ? -5.279  4.498   -6.112  1.00 31.27  ? 17  LEU A O   1 
ATOM   98   C CB  . LEU A 1 17 ? -8.538  3.380   -6.358  1.00 35.09  ? 17  LEU A CB  1 
ATOM   99   C CG  . LEU A 1 17 ? -8.515  3.325   -4.842  1.00 37.46  ? 17  LEU A CG  1 
ATOM   100  C CD1 . LEU A 1 17 ? -9.832  2.822   -4.278  1.00 37.30  ? 17  LEU A CD1 1 
ATOM   101  C CD2 . LEU A 1 17 ? -7.349  2.460   -4.383  1.00 39.92  ? 17  LEU A CD2 1 
ATOM   102  N N   . ASP A 1 18 ? -5.640  2.970   -7.732  1.00 30.32  ? 18  ASP A N   1 
ATOM   103  C CA  . ASP A 1 18 ? -4.241  2.454   -7.722  1.00 31.53  ? 18  ASP A CA  1 
ATOM   104  C C   . ASP A 1 18 ? -3.208  3.551   -8.108  1.00 36.11  ? 18  ASP A C   1 
ATOM   105  O O   . ASP A 1 18 ? -2.124  3.632   -7.501  1.00 32.78  ? 18  ASP A O   1 
ATOM   106  C CB  . ASP A 1 18 ? -4.080  1.219   -8.611  1.00 34.15  ? 18  ASP A CB  1 
ATOM   107  N N   . GLU A 1 19 ? -3.569  4.433   -9.045  1.00 34.69  ? 19  GLU A N   1 
ATOM   108  C CA  . GLU A 1 19 ? -2.746  5.620   -9.364  1.00 34.74  ? 19  GLU A CA  1 
ATOM   109  C C   . GLU A 1 19 ? -2.631  6.587   -8.193  1.00 32.86  ? 19  GLU A C   1 
ATOM   110  O O   . GLU A 1 19 ? -1.546  7.076   -7.937  1.00 31.40  ? 19  GLU A O   1 
ATOM   111  C CB  . GLU A 1 19 ? -3.234  6.325   -10.644 1.00 34.56  ? 19  GLU A CB  1 
ATOM   112  N N   . LYS A 1 20 ? -3.714  6.840   -7.450  1.00 34.64  ? 20  LYS A N   1 
ATOM   113  C CA  . LYS A 1 20 ? -3.600  7.615   -6.225  1.00 34.86  ? 20  LYS A CA  1 
ATOM   114  C C   . LYS A 1 20 ? -2.720  6.931   -5.179  1.00 35.48  ? 20  LYS A C   1 
ATOM   115  O O   . LYS A 1 20 ? -2.064  7.611   -4.405  1.00 35.05  ? 20  LYS A O   1 
ATOM   116  C CB  . LYS A 1 20 ? -4.956  7.865   -5.563  1.00 38.05  ? 20  LYS A CB  1 
ATOM   117  C CG  . LYS A 1 20 ? -5.862  8.798   -6.314  1.00 47.30  ? 20  LYS A CG  1 
ATOM   118  C CD  . LYS A 1 20 ? -6.997  9.337   -5.433  1.00 53.04  ? 20  LYS A CD  1 
ATOM   119  C CE  . LYS A 1 20 ? -8.217  8.418   -5.402  1.00 58.40  ? 20  LYS A CE  1 
ATOM   120  N NZ  . LYS A 1 20 ? -8.881  8.235   -6.734  1.00 63.77  ? 20  LYS A NZ  1 
ATOM   121  N N   . LEU A 1 21 ? -2.772  5.600   -5.078  1.00 31.81  ? 21  LEU A N   1 
ATOM   122  C CA  . LEU A 1 21 ? -1.908  4.908   -4.110  1.00 31.73  ? 21  LEU A CA  1 
ATOM   123  C C   . LEU A 1 21 ? -0.435  5.113   -4.458  1.00 29.24  ? 21  LEU A C   1 
ATOM   124  O O   . LEU A 1 21 ? 0.352   5.385   -3.568  1.00 30.91  ? 21  LEU A O   1 
ATOM   125  C CB  . LEU A 1 21 ? -2.213  3.417   -3.993  1.00 31.25  ? 21  LEU A CB  1 
ATOM   126  C CG  . LEU A 1 21 ? -3.514  3.009   -3.311  1.00 30.72  ? 21  LEU A CG  1 
ATOM   127  C CD1 . LEU A 1 21 ? -3.700  1.518   -3.537  1.00 29.45  ? 21  LEU A CD1 1 
ATOM   128  C CD2 . LEU A 1 21 ? -3.504  3.300   -1.829  1.00 30.05  ? 21  LEU A CD2 1 
ATOM   129  N N   . LEU A 1 22 ? -0.096  5.001   -5.743  1.00 29.10  ? 22  LEU A N   1 
ATOM   130  C CA  . LEU A 1 22 ? 1.262   5.193   -6.239  1.00 30.41  ? 22  LEU A CA  1 
ATOM   131  C C   . LEU A 1 22 ? 1.775   6.578   -5.978  1.00 31.10  ? 22  LEU A C   1 
ATOM   132  O O   . LEU A 1 22 ? 2.914   6.734   -5.555  1.00 33.35  ? 22  LEU A O   1 
ATOM   133  C CB  . LEU A 1 22 ? 1.366   4.898   -7.737  1.00 32.10  ? 22  LEU A CB  1 
ATOM   134  C CG  . LEU A 1 22 ? 1.261   3.454   -8.185  1.00 34.44  ? 22  LEU A CG  1 
ATOM   135  C CD1 . LEU A 1 22 ? 1.338   3.463   -9.718  1.00 34.59  ? 22  LEU A CD1 1 
ATOM   136  C CD2 . LEU A 1 22 ? 2.413   2.624   -7.629  1.00 35.30  ? 22  LEU A CD2 1 
ATOM   137  N N   . ALA A 1 23 ? 0.944   7.577   -6.221  1.00 34.13  ? 23  ALA A N   1 
ATOM   138  C CA  . ALA A 1 23 ? 1.270   8.966   -5.886  1.00 34.28  ? 23  ALA A CA  1 
ATOM   139  C C   . ALA A 1 23 ? 1.525   9.147   -4.402  1.00 34.42  ? 23  ALA A C   1 
ATOM   140  O O   . ALA A 1 23 ? 2.446   9.857   -4.033  1.00 30.59  ? 23  ALA A O   1 
ATOM   141  C CB  . ALA A 1 23 ? 0.158   9.916   -6.350  1.00 37.88  ? 23  ALA A CB  1 
ATOM   142  N N   . LEU A 1 24 ? 0.744   8.505   -3.533  1.00 32.08  ? 24  LEU A N   1 
ATOM   143  C CA  . LEU A 1 24 ? 1.037   8.596   -2.100  1.00 31.48  ? 24  LEU A CA  1 
ATOM   144  C C   . LEU A 1 24 ? 2.316   7.828   -1.677  1.00 29.57  ? 24  LEU A C   1 
ATOM   145  O O   . LEU A 1 24 ? 3.050   8.294   -0.786  1.00 29.31  ? 24  LEU A O   1 
ATOM   146  C CB  . LEU A 1 24 ? -0.127  8.142   -1.264  1.00 34.28  ? 24  LEU A CB  1 
ATOM   147  C CG  . LEU A 1 24 ? -1.366  9.006   -1.292  1.00 36.76  ? 24  LEU A CG  1 
ATOM   148  C CD1 . LEU A 1 24 ? -2.520  8.246   -0.660  1.00 36.17  ? 24  LEU A CD1 1 
ATOM   149  C CD2 . LEU A 1 24 ? -1.118  10.324  -0.596  1.00 37.98  ? 24  LEU A CD2 1 
ATOM   150  N N   . PHE A 1 25 ? 2.573   6.688   -2.307  1.00 29.91  ? 25  PHE A N   1 
ATOM   151  C CA  . PHE A 1 25 ? 3.829   5.938   -2.111  1.00 28.97  ? 25  PHE A CA  1 
ATOM   152  C C   . PHE A 1 25 ? 5.021   6.848   -2.485  1.00 34.28  ? 25  PHE A C   1 
ATOM   153  O O   . PHE A 1 25 ? 6.017   6.939   -1.731  1.00 29.27  ? 25  PHE A O   1 
ATOM   154  C CB  . PHE A 1 25 ? 3.849   4.649   -2.954  1.00 28.92  ? 25  PHE A CB  1 
ATOM   155  C CG  . PHE A 1 25 ? 2.844   3.577   -2.518  1.00 26.92  ? 25  PHE A CG  1 
ATOM   156  C CD1 . PHE A 1 25 ? 2.261   3.576   -1.254  1.00 27.95  ? 25  PHE A CD1 1 
ATOM   157  C CD2 . PHE A 1 25 ? 2.510   2.566   -3.389  1.00 27.42  ? 25  PHE A CD2 1 
ATOM   158  C CE1 . PHE A 1 25 ? 1.367   2.573   -0.874  1.00 27.78  ? 25  PHE A CE1 1 
ATOM   159  C CE2 . PHE A 1 25 ? 1.605   1.576   -3.032  1.00 27.93  ? 25  PHE A CE2 1 
ATOM   160  C CZ  . PHE A 1 25 ? 1.023   1.591   -1.775  1.00 28.45  ? 25  PHE A CZ  1 
ATOM   161  N N   . ALA A 1 26 ? 4.918   7.534   -3.623  1.00 31.76  ? 26  ALA A N   1 
ATOM   162  C CA  . ALA A 1 26 ? 5.966   8.495   -4.062  1.00 32.15  ? 26  ALA A CA  1 
ATOM   163  C C   . ALA A 1 26 ? 6.159   9.590   -3.044  1.00 32.60  ? 26  ALA A C   1 
ATOM   164  O O   . ALA A 1 26 ? 7.288   9.873   -2.665  1.00 31.73  ? 26  ALA A O   1 
ATOM   165  C CB  . ALA A 1 26 ? 5.655   9.088   -5.433  1.00 32.27  ? 26  ALA A CB  1 
ATOM   166  N N   A GLU A 1 27 ? 5.073   10.201  -2.574  0.50 31.77  ? 27  GLU A N   1 
ATOM   167  N N   B GLU A 1 27 ? 5.073   10.203  -2.576  0.50 31.05  ? 27  GLU A N   1 
ATOM   168  C CA  A GLU A 1 27 ? 5.184   11.197  -1.509  0.50 33.28  ? 27  GLU A CA  1 
ATOM   169  C CA  B GLU A 1 27 ? 5.160   11.199  -1.508  0.50 32.10  ? 27  GLU A CA  1 
ATOM   170  C C   A GLU A 1 27 ? 5.787   10.623  -0.225  0.50 31.01  ? 27  GLU A C   1 
ATOM   171  C C   B GLU A 1 27 ? 5.783   10.624  -0.226  0.50 30.38  ? 27  GLU A C   1 
ATOM   172  O O   A GLU A 1 27 ? 6.576   11.297  0.437   0.50 26.91  ? 27  GLU A O   1 
ATOM   173  O O   B GLU A 1 27 ? 6.576   11.298  0.435   0.50 26.35  ? 27  GLU A O   1 
ATOM   174  C CB  A GLU A 1 27 ? 3.841   11.838  -1.205  0.50 37.48  ? 27  GLU A CB  1 
ATOM   175  C CB  B GLU A 1 27 ? 3.767   11.763  -1.218  0.50 35.23  ? 27  GLU A CB  1 
ATOM   176  C CG  A GLU A 1 27 ? 3.984   13.116  -0.357  0.50 41.98  ? 27  GLU A CG  1 
ATOM   177  C CG  B GLU A 1 27 ? 3.743   13.024  -0.383  0.50 38.37  ? 27  GLU A CG  1 
ATOM   178  C CD  A GLU A 1 27 ? 5.164   14.014  -0.763  0.50 45.16  ? 27  GLU A CD  1 
ATOM   179  C CD  B GLU A 1 27 ? 2.348   13.375  0.094   0.50 38.87  ? 27  GLU A CD  1 
ATOM   180  O OE1 A GLU A 1 27 ? 5.229   14.401  -1.959  0.50 49.36  ? 27  GLU A OE1 1 
ATOM   181  O OE1 B GLU A 1 27 ? 1.375   13.022  -0.603  0.50 36.84  ? 27  GLU A OE1 1 
ATOM   182  O OE2 A GLU A 1 27 ? 6.024   14.348  0.104   0.50 40.66  ? 27  GLU A OE2 1 
ATOM   183  O OE2 B GLU A 1 27 ? 2.239   14.015  1.167   0.50 42.11  ? 27  GLU A OE2 1 
ATOM   184  N N   . ARG A 1 28 ? 5.437   9.381   0.125   1.00 29.12  ? 28  ARG A N   1 
ATOM   185  C CA  . ARG A 1 28 ? 5.978   8.756   1.340   1.00 30.87  ? 28  ARG A CA  1 
ATOM   186  C C   . ARG A 1 28 ? 7.497   8.541   1.205   1.00 30.23  ? 28  ARG A C   1 
ATOM   187  O O   . ARG A 1 28 ? 8.235   8.754   2.149   1.00 30.38  ? 28  ARG A O   1 
ATOM   188  C CB  . ARG A 1 28 ? 5.246   7.439   1.667   1.00 29.84  ? 28  ARG A CB  1 
ATOM   189  C CG  . ARG A 1 28 ? 5.464   6.948   3.085   1.00 33.12  ? 28  ARG A CG  1 
ATOM   190  C CD  . ARG A 1 28 ? 4.767   5.604   3.317   1.00 36.23  ? 28  ARG A CD  1 
ATOM   191  N NE  . ARG A 1 28 ? 4.588   5.326   4.756   1.00 40.09  ? 28  ARG A NE  1 
ATOM   192  C CZ  . ARG A 1 28 ? 5.544   4.875   5.567   1.00 41.49  ? 28  ARG A CZ  1 
ATOM   193  N NH1 . ARG A 1 28 ? 6.764   4.647   5.110   1.00 42.03  ? 28  ARG A NH1 1 
ATOM   194  N NH2 . ARG A 1 28 ? 5.274   4.645   6.851   1.00 46.40  ? 28  ARG A NH2 1 
ATOM   195  N N   . ARG A 1 29 ? 7.950   8.169   0.013   1.00 30.77  ? 29  ARG A N   1 
ATOM   196  C CA  . ARG A 1 29 ? 9.385   8.045   -0.273  1.00 32.52  ? 29  ARG A CA  1 
ATOM   197  C C   . ARG A 1 29 ? 10.125  9.381   -0.163  1.00 33.16  ? 29  ARG A C   1 
ATOM   198  O O   . ARG A 1 29 ? 11.183  9.421   0.425   1.00 32.35  ? 29  ARG A O   1 
ATOM   199  C CB  . ARG A 1 29 ? 9.636   7.435   -1.635  1.00 36.91  ? 29  ARG A CB  1 
ATOM   200  C CG  . ARG A 1 29 ? 11.106  7.266   -1.890  1.00 41.28  ? 29  ARG A CG  1 
ATOM   201  C CD  . ARG A 1 29 ? 11.431  6.685   -3.241  1.00 49.74  ? 29  ARG A CD  1 
ATOM   202  N NE  . ARG A 1 29 ? 12.876  6.862   -3.474  1.00 59.38  ? 29  ARG A NE  1 
ATOM   203  C CZ  . ARG A 1 29 ? 13.466  7.640   -4.396  1.00 62.48  ? 29  ARG A CZ  1 
ATOM   204  N NH1 . ARG A 1 29 ? 14.805  7.675   -4.438  1.00 69.72  ? 29  ARG A NH1 1 
ATOM   205  N NH2 . ARG A 1 29 ? 12.753  8.381   -5.252  1.00 56.81  ? 29  ARG A NH2 1 
ATOM   206  N N   . GLU A 1 30 ? 9.580   10.464  -0.710  1.00 34.28  ? 30  GLU A N   1 
ATOM   207  C CA  . GLU A 1 30 ? 10.159  11.837  -0.515  1.00 35.32  ? 30  GLU A CA  1 
ATOM   208  C C   . GLU A 1 30 ? 10.317  12.180  0.956   1.00 34.14  ? 30  GLU A C   1 
ATOM   209  O O   . GLU A 1 30 ? 11.364  12.659  1.391   1.00 31.76  ? 30  GLU A O   1 
ATOM   210  C CB  . GLU A 1 30 ? 9.287   12.889  -1.194  1.00 37.65  ? 30  GLU A CB  1 
ATOM   211  C CG  . GLU A 1 30 ? 9.230   12.743  -2.717  1.00 43.27  ? 30  GLU A CG  1 
ATOM   212  C CD  . GLU A 1 30 ? 10.587  12.990  -3.373  1.00 46.06  ? 30  GLU A CD  1 
ATOM   213  O OE1 . GLU A 1 30 ? 11.300  13.936  -2.966  1.00 58.21  ? 30  GLU A OE1 1 
ATOM   214  O OE2 . GLU A 1 30 ? 10.964  12.247  -4.284  1.00 52.04  ? 30  GLU A OE2 1 
ATOM   215  N N   . LEU A 1 31 ? 9.273   11.909  1.735   1.00 31.62  ? 31  LEU A N   1 
ATOM   216  C CA  . LEU A 1 31 ? 9.365   12.083  3.181   1.00 31.26  ? 31  LEU A CA  1 
ATOM   217  C C   . LEU A 1 31 ? 10.453  11.215  3.847   1.00 30.30  ? 31  LEU A C   1 
ATOM   218  O O   . LEU A 1 31 ? 11.117  11.681  4.776   1.00 31.07  ? 31  LEU A O   1 
ATOM   219  C CB  . LEU A 1 31 ? 8.034   11.868  3.828   1.00 30.62  ? 31  LEU A CB  1 
ATOM   220  C CG  . LEU A 1 31 ? 6.972   12.912  3.476   1.00 34.10  ? 31  LEU A CG  1 
ATOM   221  C CD1 . LEU A 1 31 ? 5.583   12.419  3.897   1.00 35.07  ? 31  LEU A CD1 1 
ATOM   222  C CD2 . LEU A 1 31 ? 7.283   14.247  4.142   1.00 34.37  ? 31  LEU A CD2 1 
ATOM   223  N N   . ALA A 1 32 ? 10.618  9.974   3.392   1.00 29.59  ? 32  ALA A N   1 
ATOM   224  C CA  . ALA A 1 32 ? 11.663  9.075   3.936   1.00 30.18  ? 32  ALA A CA  1 
ATOM   225  C C   . ALA A 1 32 ? 13.069  9.679   3.676   1.00 28.62  ? 32  ALA A C   1 
ATOM   226  O O   . ALA A 1 32 ? 13.920  9.658   4.533   1.00 25.49  ? 32  ALA A O   1 
ATOM   227  C CB  . ALA A 1 32 ? 11.566  7.700   3.326   1.00 30.64  ? 32  ALA A CB  1 
ATOM   228  N N   . VAL A 1 33 ? 13.273  10.219  2.481   1.00 30.58  ? 33  VAL A N   1 
ATOM   229  C CA  . VAL A 1 33 ? 14.507  10.940  2.147   1.00 30.32  ? 33  VAL A CA  1 
ATOM   230  C C   . VAL A 1 33 ? 14.746  12.096  3.119   1.00 31.01  ? 33  VAL A C   1 
ATOM   231  O O   . VAL A 1 33 ? 15.871  12.231  3.630   1.00 28.45  ? 33  VAL A O   1 
ATOM   232  C CB  . VAL A 1 33 ? 14.549  11.384  0.663   1.00 32.32  ? 33  VAL A CB  1 
ATOM   233  C CG1 . VAL A 1 33 ? 15.760  12.293  0.381   1.00 34.94  ? 33  VAL A CG1 1 
ATOM   234  C CG2 . VAL A 1 33 ? 14.596  10.168  -0.242  1.00 31.52  ? 33  VAL A CG2 1 
ATOM   235  N N   . GLU A 1 34 ? 13.706  12.885  3.411   1.00 28.80  ? 34  GLU A N   1 
ATOM   236  C CA  . GLU A 1 34 ? 13.819  14.009  4.352   1.00 33.44  ? 34  GLU A CA  1 
ATOM   237  C C   . GLU A 1 34 ? 14.125  13.559  5.760   1.00 31.24  ? 34  GLU A C   1 
ATOM   238  O O   . GLU A 1 34 ? 14.884  14.207  6.467   1.00 30.08  ? 34  GLU A O   1 
ATOM   239  C CB  . GLU A 1 34 ? 12.538  14.853  4.396   1.00 38.42  ? 34  GLU A CB  1 
ATOM   240  C CG  . GLU A 1 34 ? 12.129  15.509  3.084   1.00 42.82  ? 34  GLU A CG  1 
ATOM   241  C CD  . GLU A 1 34 ? 11.235  16.737  3.270   1.00 57.04  ? 34  GLU A CD  1 
ATOM   242  O OE1 . GLU A 1 34 ? 11.640  17.636  4.048   1.00 66.00  ? 34  GLU A OE1 1 
ATOM   243  O OE2 . GLU A 1 34 ? 10.142  16.825  2.638   1.00 68.64  ? 34  GLU A OE2 1 
ATOM   244  N N   . VAL A 1 35 ? 13.547  12.432  6.171   1.00 29.15  ? 35  VAL A N   1 
ATOM   245  C CA  . VAL A 1 35 ? 13.841  11.816  7.465   1.00 28.29  ? 35  VAL A CA  1 
ATOM   246  C C   . VAL A 1 35 ? 15.309  11.384  7.488   1.00 28.36  ? 35  VAL A C   1 
ATOM   247  O O   . VAL A 1 35 ? 16.020  11.622  8.447   1.00 27.41  ? 35  VAL A O   1 
ATOM   248  C CB  . VAL A 1 35 ? 12.955  10.573  7.764   1.00 28.76  ? 35  VAL A CB  1 
ATOM   249  C CG1 . VAL A 1 35 ? 13.404  9.900   9.065   1.00 28.32  ? 35  VAL A CG1 1 
ATOM   250  C CG2 . VAL A 1 35 ? 11.494  10.933  7.872   1.00 33.77  ? 35  VAL A CG2 1 
ATOM   251  N N   . GLY A 1 36 ? 15.742  10.669  6.459   1.00 29.69  ? 36  GLY A N   1 
ATOM   252  C CA  . GLY A 1 36 ? 17.151  10.272  6.325   1.00 29.92  ? 36  GLY A CA  1 
ATOM   253  C C   . GLY A 1 36 ? 18.104  11.479  6.451   1.00 33.45  ? 36  GLY A C   1 
ATOM   254  O O   . GLY A 1 36 ? 19.070  11.426  7.207   1.00 32.37  ? 36  GLY A O   1 
ATOM   255  N N   . LYS A 1 37 ? 17.818  12.564  5.730   1.00 31.59  ? 37  LYS A N   1 
ATOM   256  C CA  . LYS A 1 37 ? 18.617  13.807  5.828   1.00 33.01  ? 37  LYS A CA  1 
ATOM   257  C C   . LYS A 1 37 ? 18.636  14.342  7.248   1.00 33.88  ? 37  LYS A C   1 
ATOM   258  O O   . LYS A 1 37 ? 19.707  14.623  7.777   1.00 37.97  ? 37  LYS A O   1 
ATOM   259  C CB  . LYS A 1 37 ? 18.136  14.905  4.869   1.00 31.46  ? 37  LYS A CB  1 
ATOM   260  C CG  . LYS A 1 37 ? 18.322  14.548  3.403   1.00 32.36  ? 37  LYS A CG  1 
ATOM   261  C CD  . LYS A 1 37 ? 17.742  15.605  2.479   1.00 35.64  ? 37  LYS A CD  1 
ATOM   262  C CE  . LYS A 1 37 ? 18.109  15.311  1.029   1.00 36.89  ? 37  LYS A CE  1 
ATOM   263  N NZ  . LYS A 1 37 ? 17.161  16.071  0.186   1.00 39.69  ? 37  LYS A NZ  1 
ATOM   264  N N   . ALA A 1 38 ? 17.479  14.449  7.882   1.00 36.83  ? 38  ALA A N   1 
ATOM   265  C CA  . ALA A 1 38 ? 17.400  14.986  9.235   1.00 39.60  ? 38  ALA A CA  1 
ATOM   266  C C   . ALA A 1 38 ? 18.141  14.123  10.230  1.00 36.75  ? 38  ALA A C   1 
ATOM   267  O O   . ALA A 1 38 ? 18.806  14.655  11.122  1.00 39.68  ? 38  ALA A O   1 
ATOM   268  C CB  . ALA A 1 38 ? 15.963  15.189  9.667   1.00 41.61  ? 38  ALA A CB  1 
ATOM   269  N N   . LYS A 1 39 ? 18.074  12.808  10.059  1.00 35.11  ? 39  LYS A N   1 
ATOM   270  C CA  . LYS A 1 39 ? 18.849  11.875  10.910  1.00 38.60  ? 39  LYS A CA  1 
ATOM   271  C C   . LYS A 1 39 ? 20.358  12.065  10.753  1.00 43.96  ? 39  LYS A C   1 
ATOM   272  O O   . LYS A 1 39 ? 21.099  12.066  11.728  1.00 42.29  ? 39  LYS A O   1 
ATOM   273  C CB  . LYS A 1 39 ? 18.456  10.436  10.625  1.00 39.51  ? 39  LYS A CB  1 
ATOM   274  C CG  . LYS A 1 39 ? 17.088  10.069  11.218  1.00 39.09  ? 39  LYS A CG  1 
ATOM   275  C CD  . LYS A 1 39 ? 16.769  8.609   11.022  1.00 38.89  ? 39  LYS A CD  1 
ATOM   276  C CE  . LYS A 1 39 ? 15.385  8.260   11.570  1.00 41.62  ? 39  LYS A CE  1 
ATOM   277  N NZ  . LYS A 1 39 ? 14.888  6.921   11.109  1.00 41.96  ? 39  LYS A NZ  1 
ATOM   278  N N   . LEU A 1 40 ? 20.805  12.213  9.513   1.00 39.65  ? 40  LEU A N   1 
ATOM   279  C CA  . LEU A 1 40 ? 22.204  12.477  9.219   1.00 39.11  ? 40  LEU A CA  1 
ATOM   280  C C   . LEU A 1 40 ? 22.657  13.783  9.860   1.00 41.34  ? 40  LEU A C   1 
ATOM   281  O O   . LEU A 1 40 ? 23.704  13.819  10.471  1.00 40.87  ? 40  LEU A O   1 
ATOM   282  C CB  . LEU A 1 40 ? 22.438  12.539  7.698   1.00 42.21  ? 40  LEU A CB  1 
ATOM   283  C CG  . LEU A 1 40 ? 23.863  12.799  7.187   1.00 46.73  ? 40  LEU A CG  1 
ATOM   284  C CD1 . LEU A 1 40 ? 24.938  12.097  8.020   1.00 49.78  ? 40  LEU A CD1 1 
ATOM   285  C CD2 . LEU A 1 40 ? 23.961  12.358  5.728   1.00 46.38  ? 40  LEU A CD2 1 
ATOM   286  N N   . LEU A 1 41 ? 21.876  14.852  9.705   1.00 43.07  ? 41  LEU A N   1 
ATOM   287  C CA  . LEU A 1 41 ? 22.165  16.153  10.371  1.00 47.72  ? 41  LEU A CA  1 
ATOM   288  C C   . LEU A 1 41 ? 22.140  16.080  11.903  1.00 51.42  ? 41  LEU A C   1 
ATOM   289  O O   . LEU A 1 41 ? 22.886  16.791  12.566  1.00 56.16  ? 41  LEU A O   1 
ATOM   290  C CB  . LEU A 1 41 ? 21.208  17.253  9.891   1.00 48.33  ? 41  LEU A CB  1 
ATOM   291  C CG  . LEU A 1 41 ? 21.405  17.641  8.410   1.00 47.51  ? 41  LEU A CG  1 
ATOM   292  C CD1 . LEU A 1 41 ? 20.200  18.349  7.809   1.00 50.25  ? 41  LEU A CD1 1 
ATOM   293  C CD2 . LEU A 1 41 ? 22.627  18.519  8.256   1.00 50.64  ? 41  LEU A CD2 1 
ATOM   294  N N   . SER A 1 42 ? 21.269  15.234  12.441  1.00 48.08  ? 42  SER A N   1 
ATOM   295  C CA  . SER A 1 42 ? 21.072  15.077  13.888  1.00 50.79  ? 42  SER A CA  1 
ATOM   296  C C   . SER A 1 42 ? 21.940  14.003  14.526  1.00 47.46  ? 42  SER A C   1 
ATOM   297  O O   . SER A 1 42 ? 21.876  13.827  15.713  1.00 46.40  ? 42  SER A O   1 
ATOM   298  C CB  . SER A 1 42 ? 19.602  14.721  14.179  1.00 50.88  ? 42  SER A CB  1 
ATOM   299  O OG  . SER A 1 42 ? 18.765  15.810  13.855  1.00 60.18  ? 42  SER A OG  1 
ATOM   300  N N   . HIS A 1 43 ? 22.702  13.260  13.730  1.00 54.52  ? 43  HIS A N   1 
ATOM   301  C CA  . HIS A 1 43 ? 23.446  12.066  14.179  1.00 57.63  ? 43  HIS A CA  1 
ATOM   302  C C   . HIS A 1 43 ? 22.613  11.017  14.917  1.00 58.41  ? 43  HIS A C   1 
ATOM   303  O O   . HIS A 1 43 ? 23.051  10.464  15.916  1.00 61.58  ? 43  HIS A O   1 
ATOM   304  C CB  . HIS A 1 43 ? 24.697  12.485  14.959  1.00 66.70  ? 43  HIS A CB  1 
ATOM   305  C CG  . HIS A 1 43 ? 25.650  13.330  14.164  1.00 75.21  ? 43  HIS A CG  1 
ATOM   306  N ND1 . HIS A 1 43 ? 25.988  14.611  14.542  1.00 84.97  ? 43  HIS A ND1 1 
ATOM   307  C CD2 . HIS A 1 43 ? 26.315  13.092  13.004  1.00 81.37  ? 43  HIS A CD2 1 
ATOM   308  C CE1 . HIS A 1 43 ? 26.826  15.124  13.657  1.00 87.49  ? 43  HIS A CE1 1 
ATOM   309  N NE2 . HIS A 1 43 ? 27.035  14.224  12.711  1.00 85.02  ? 43  HIS A NE2 1 
ATOM   310  N N   . ARG A 1 44 ? 21.411  10.747  14.405  1.00 55.71  ? 44  ARG A N   1 
ATOM   311  C CA  . ARG A 1 44 ? 20.507  9.732   14.951  1.00 56.44  ? 44  ARG A CA  1 
ATOM   312  C C   . ARG A 1 44 ? 20.572  8.505   14.030  1.00 49.97  ? 44  ARG A C   1 
ATOM   313  O O   . ARG A 1 44 ? 20.652  8.673   12.816  1.00 48.04  ? 44  ARG A O   1 
ATOM   314  C CB  . ARG A 1 44 ? 19.049  10.256  15.044  1.00 57.26  ? 44  ARG A CB  1 
ATOM   315  C CG  . ARG A 1 44 ? 18.699  10.974  16.350  1.00 60.02  ? 44  ARG A CG  1 
ATOM   316  N N   . PRO A 1 45 ? 20.562  7.272   14.592  1.00 52.14  ? 45  PRO A N   1 
ATOM   317  C CA  . PRO A 1 45 ? 20.600  6.106   13.711  1.00 50.05  ? 45  PRO A CA  1 
ATOM   318  C C   . PRO A 1 45 ? 19.308  5.936   12.883  1.00 52.36  ? 45  PRO A C   1 
ATOM   319  O O   . PRO A 1 45 ? 18.229  6.370   13.306  1.00 48.52  ? 45  PRO A O   1 
ATOM   320  C CB  . PRO A 1 45 ? 20.762  4.922   14.689  1.00 52.38  ? 45  PRO A CB  1 
ATOM   321  C CG  . PRO A 1 45 ? 20.328  5.438   16.017  1.00 52.80  ? 45  PRO A CG  1 
ATOM   322  C CD  . PRO A 1 45 ? 20.700  6.888   16.011  1.00 51.28  ? 45  PRO A CD  1 
ATOM   323  N N   . VAL A 1 46 ? 19.430  5.279   11.733  1.00 46.31  ? 46  VAL A N   1 
ATOM   324  C CA  . VAL A 1 46 ? 18.297  5.014   10.845  1.00 44.71  ? 46  VAL A CA  1 
ATOM   325  C C   . VAL A 1 46 ? 17.291  4.084   11.511  1.00 46.51  ? 46  VAL A C   1 
ATOM   326  O O   . VAL A 1 46 ? 16.092  4.393   11.495  1.00 48.57  ? 46  VAL A O   1 
ATOM   327  C CB  . VAL A 1 46 ? 18.726  4.424   9.491   1.00 42.96  ? 46  VAL A CB  1 
ATOM   328  C CG1 . VAL A 1 46 ? 17.527  3.921   8.682   1.00 43.86  ? 46  VAL A CG1 1 
ATOM   329  C CG2 . VAL A 1 46 ? 19.504  5.455   8.697   1.00 44.91  ? 46  VAL A CG2 1 
ATOM   330  N N   . ARG A 1 47 ? 17.770  2.963   12.021  1.00 44.40  ? 47  ARG A N   1 
ATOM   331  C CA  . ARG A 1 47 ? 16.879  1.904   12.542  1.00 46.24  ? 47  ARG A CA  1 
ATOM   332  C C   . ARG A 1 47 ? 16.590  2.100   14.032  1.00 46.75  ? 47  ARG A C   1 
ATOM   333  O O   . ARG A 1 47 ? 17.479  2.441   14.799  1.00 47.12  ? 47  ARG A O   1 
ATOM   334  C CB  . ARG A 1 47 ? 17.524  0.530   12.385  1.00 48.56  ? 47  ARG A CB  1 
ATOM   335  C CG  . ARG A 1 47 ? 17.700  0.081   10.970  1.00 54.17  ? 47  ARG A CG  1 
ATOM   336  C CD  . ARG A 1 47 ? 16.460  -0.676  10.530  1.00 56.10  ? 47  ARG A CD  1 
ATOM   337  N NE  . ARG A 1 47 ? 16.462  -2.052  10.998  1.00 62.09  ? 47  ARG A NE  1 
ATOM   338  C CZ  . ARG A 1 47 ? 15.458  -2.917  10.842  1.00 63.76  ? 47  ARG A CZ  1 
ATOM   339  N NH1 . ARG A 1 47 ? 15.583  -4.157  11.306  1.00 72.67  ? 47  ARG A NH1 1 
ATOM   340  N NH2 . ARG A 1 47 ? 14.304  -2.557  10.273  1.00 63.90  ? 47  ARG A NH2 1 
ATOM   341  N N   . ASP A 1 48 ? 15.337  1.931   14.420  1.00 50.92  ? 48  ASP A N   1 
ATOM   342  C CA  . ASP A 1 48 ? 14.930  1.768   15.813  1.00 53.13  ? 48  ASP A CA  1 
ATOM   343  C C   . ASP A 1 48 ? 13.790  0.777   15.729  1.00 51.25  ? 48  ASP A C   1 
ATOM   344  O O   . ASP A 1 48 ? 12.676  1.142   15.365  1.00 49.60  ? 48  ASP A O   1 
ATOM   345  C CB  . ASP A 1 48 ? 14.450  3.099   16.449  1.00 57.33  ? 48  ASP A CB  1 
ATOM   346  C CG  . ASP A 1 48 ? 14.108  2.960   17.952  1.00 61.69  ? 48  ASP A CG  1 
ATOM   347  O OD1 . ASP A 1 48 ? 13.412  1.988   18.361  1.00 58.29  ? 48  ASP A OD1 1 
ATOM   348  O OD2 . ASP A 1 48 ? 14.525  3.855   18.726  1.00 61.25  ? 48  ASP A OD2 1 
ATOM   349  N N   . ILE A 1 49 ? 14.074  -0.486  16.014  1.00 50.64  ? 49  ILE A N   1 
ATOM   350  C CA  . ILE A 1 49 ? 13.079  -1.568  15.861  1.00 57.39  ? 49  ILE A CA  1 
ATOM   351  C C   . ILE A 1 49 ? 11.876  -1.445  16.835  1.00 52.26  ? 49  ILE A C   1 
ATOM   352  O O   . ILE A 1 49 ? 10.806  -1.945  16.537  1.00 50.31  ? 49  ILE A O   1 
ATOM   353  C CB  . ILE A 1 49 ? 13.734  -2.985  15.980  1.00 61.71  ? 49  ILE A CB  1 
ATOM   354  C CG1 . ILE A 1 49 ? 12.752  -4.088  15.538  1.00 63.31  ? 49  ILE A CG1 1 
ATOM   355  C CG2 . ILE A 1 49 ? 14.251  -3.258  17.393  1.00 66.05  ? 49  ILE A CG2 1 
ATOM   356  C CD1 . ILE A 1 49 ? 13.373  -5.471  15.453  1.00 65.93  ? 49  ILE A CD1 1 
ATOM   357  N N   . ASP A 1 50 ? 12.053  -0.786  17.976  1.00 49.22  ? 50  ASP A N   1 
ATOM   358  C CA  . ASP A 1 50 ? 10.924  -0.481  18.855  1.00 45.37  ? 50  ASP A CA  1 
ATOM   359  C C   . ASP A 1 50 ? 9.991   0.554   18.225  1.00 42.32  ? 50  ASP A C   1 
ATOM   360  O O   . ASP A 1 50 ? 8.785   0.438   18.319  1.00 42.21  ? 50  ASP A O   1 
ATOM   361  C CB  . ASP A 1 50 ? 11.412  0.035   20.208  1.00 51.58  ? 50  ASP A CB  1 
ATOM   362  N N   A ARG A 1 51 ? 10.567  1.567   17.591  0.50 40.66  ? 51  ARG A N   1 
ATOM   363  N N   B ARG A 1 51 ? 10.564  1.569   17.590  0.50 42.02  ? 51  ARG A N   1 
ATOM   364  C CA  A ARG A 1 51 ? 9.781   2.561   16.857  0.50 41.86  ? 51  ARG A CA  1 
ATOM   365  C CA  B ARG A 1 51 ? 9.781   2.569   16.852  0.50 44.00  ? 51  ARG A CA  1 
ATOM   366  C C   A ARG A 1 51 ? 8.976   1.888   15.733  0.50 39.70  ? 51  ARG A C   1 
ATOM   367  C C   B ARG A 1 51 ? 8.976   1.890   15.732  0.50 40.94  ? 51  ARG A C   1 
ATOM   368  O O   A ARG A 1 51 ? 7.770   2.097   15.603  0.50 37.51  ? 51  ARG A O   1 
ATOM   369  O O   B ARG A 1 51 ? 7.769   2.096   15.603  0.50 38.73  ? 51  ARG A O   1 
ATOM   370  C CB  A ARG A 1 51 ? 10.686  3.646   16.280  0.50 43.67  ? 51  ARG A CB  1 
ATOM   371  C CB  B ARG A 1 51 ? 10.717  3.644   16.283  0.50 47.68  ? 51  ARG A CB  1 
ATOM   372  C CG  A ARG A 1 51 ? 9.908   4.846   15.766  0.50 46.56  ? 51  ARG A CG  1 
ATOM   373  C CG  B ARG A 1 51 ? 10.068  4.840   15.605  0.50 52.37  ? 51  ARG A CG  1 
ATOM   374  C CD  A ARG A 1 51 ? 10.603  5.496   14.589  0.50 47.19  ? 51  ARG A CD  1 
ATOM   375  C CD  B ARG A 1 51 ? 11.064  5.525   14.681  0.50 55.74  ? 51  ARG A CD  1 
ATOM   376  N NE  A ARG A 1 51 ? 10.552  4.666   13.384  0.50 46.30  ? 51  ARG A NE  1 
ATOM   377  N NE  B ARG A 1 51 ? 11.519  4.638   13.606  0.50 58.15  ? 51  ARG A NE  1 
ATOM   378  C CZ  A ARG A 1 51 ? 9.718   4.865   12.371  0.50 46.35  ? 51  ARG A CZ  1 
ATOM   379  C CZ  B ARG A 1 51 ? 12.792  4.422   13.295  0.50 59.45  ? 51  ARG A CZ  1 
ATOM   380  N NH1 A ARG A 1 51 ? 8.830   5.869   12.409  0.50 42.30  ? 51  ARG A NH1 1 
ATOM   381  N NH1 B ARG A 1 51 ? 13.759  5.048   13.963  0.50 57.79  ? 51  ARG A NH1 1 
ATOM   382  N NH2 A ARG A 1 51 ? 9.768   4.053   11.321  0.50 44.39  ? 51  ARG A NH2 1 
ATOM   383  N NH2 B ARG A 1 51 ? 13.099  3.591   12.294  0.50 60.65  ? 51  ARG A NH2 1 
ATOM   384  N N   . GLU A 1 52 ? 9.656   1.056   14.953  1.00 39.97  ? 52  GLU A N   1 
ATOM   385  C CA  . GLU A 1 52 ? 9.027   0.318   13.855  1.00 41.98  ? 52  GLU A CA  1 
ATOM   386  C C   . GLU A 1 52 ? 7.848   -0.533  14.332  1.00 39.24  ? 52  GLU A C   1 
ATOM   387  O O   . GLU A 1 52 ? 6.772   -0.462  13.765  1.00 39.32  ? 52  GLU A O   1 
ATOM   388  C CB  . GLU A 1 52 ? 10.064  -0.561  13.135  1.00 41.33  ? 52  GLU A CB  1 
ATOM   389  C CG  . GLU A 1 52 ? 11.119  0.238   12.375  1.00 47.15  ? 52  GLU A CG  1 
ATOM   390  C CD  . GLU A 1 52 ? 12.286  -0.631  11.922  1.00 49.36  ? 52  GLU A CD  1 
ATOM   391  O OE1 . GLU A 1 52 ? 13.442  -0.264  12.159  1.00 53.09  ? 52  GLU A OE1 1 
ATOM   392  O OE2 . GLU A 1 52 ? 12.028  -1.687  11.318  1.00 52.10  ? 52  GLU A OE2 1 
ATOM   393  N N   . ARG A 1 53 ? 8.054   -1.316  15.386  1.00 39.46  ? 53  ARG A N   1 
ATOM   394  C CA  . ARG A 1 53 ? 6.994   -2.195  15.951  1.00 41.08  ? 53  ARG A CA  1 
ATOM   395  C C   . ARG A 1 53 ? 5.807   -1.420  16.526  1.00 40.09  ? 53  ARG A C   1 
ATOM   396  O O   . ARG A 1 53 ? 4.663   -1.781  16.315  1.00 38.22  ? 53  ARG A O   1 
ATOM   397  C CB  . ARG A 1 53 ? 7.594   -3.131  17.024  1.00 43.50  ? 53  ARG A CB  1 
ATOM   398  N N   . ASP A 1 54 ? 6.081   -0.329  17.224  1.00 41.35  ? 54  ASP A N   1 
ATOM   399  C CA  . ASP A 1 54 ? 5.018   0.552   17.759  1.00 43.78  ? 54  ASP A CA  1 
ATOM   400  C C   . ASP A 1 54 ? 4.220   1.239   16.621  1.00 42.20  ? 54  ASP A C   1 
ATOM   401  O O   . ASP A 1 54 ? 2.997   1.373   16.706  1.00 41.10  ? 54  ASP A O   1 
ATOM   402  C CB  . ASP A 1 54 ? 5.613   1.607   18.691  1.00 44.82  ? 54  ASP A CB  1 
ATOM   403  C CG  . ASP A 1 54 ? 6.200   1.009   19.985  1.00 52.74  ? 54  ASP A CG  1 
ATOM   404  O OD1 . ASP A 1 54 ? 6.356   -0.235  20.099  1.00 52.10  ? 54  ASP A OD1 1 
ATOM   405  O OD2 . ASP A 1 54 ? 6.586   1.817   20.862  1.00 64.39  ? 54  ASP A OD2 1 
ATOM   406  N N   . LEU A 1 55 ? 4.917   1.668   15.566  1.00 37.12  ? 55  LEU A N   1 
ATOM   407  C CA  . LEU A 1 55 ? 4.248   2.252   14.398  1.00 39.20  ? 55  LEU A CA  1 
ATOM   408  C C   . LEU A 1 55 ? 3.256   1.255   13.784  1.00 35.09  ? 55  LEU A C   1 
ATOM   409  O O   . LEU A 1 55 ? 2.095   1.566   13.521  1.00 40.39  ? 55  LEU A O   1 
ATOM   410  C CB  . LEU A 1 55 ? 5.268   2.691   13.344  1.00 41.17  ? 55  LEU A CB  1 
ATOM   411  C CG  . LEU A 1 55 ? 4.682   3.241   12.035  1.00 44.08  ? 55  LEU A CG  1 
ATOM   412  C CD1 . LEU A 1 55 ? 3.608   4.304   12.297  1.00 48.35  ? 55  LEU A CD1 1 
ATOM   413  C CD2 . LEU A 1 55 ? 5.790   3.815   11.160  1.00 44.90  ? 55  LEU A CD2 1 
ATOM   414  N N   . LEU A 1 56 ? 3.742   0.053   13.582  1.00 36.91  ? 56  LEU A N   1 
ATOM   415  C CA  . LEU A 1 56 ? 2.944   -1.023  13.017  1.00 39.98  ? 56  LEU A CA  1 
ATOM   416  C C   . LEU A 1 56 ? 1.726   -1.309  13.897  1.00 37.11  ? 56  LEU A C   1 
ATOM   417  O O   . LEU A 1 56 ? 0.641   -1.369  13.379  1.00 36.50  ? 56  LEU A O   1 
ATOM   418  C CB  . LEU A 1 56 ? 3.828   -2.263  12.782  1.00 40.95  ? 56  LEU A CB  1 
ATOM   419  C CG  . LEU A 1 56 ? 3.375   -3.328  11.802  1.00 48.35  ? 56  LEU A CG  1 
ATOM   420  C CD1 . LEU A 1 56 ? 3.172   -2.722  10.407  1.00 52.06  ? 56  LEU A CD1 1 
ATOM   421  C CD2 . LEU A 1 56 ? 4.447   -4.411  11.743  1.00 48.57  ? 56  LEU A CD2 1 
ATOM   422  N N   . GLU A 1 57 ? 1.874   -1.379  15.231  1.00 41.59  ? 57  GLU A N   1 
ATOM   423  C CA  . GLU A 1 57 ? 0.702   -1.554  16.157  1.00 40.77  ? 57  GLU A CA  1 
ATOM   424  C C   . GLU A 1 57 ? -0.362  -0.470  16.028  1.00 35.11  ? 57  GLU A C   1 
ATOM   425  O O   . GLU A 1 57 ? -1.545  -0.736  16.085  1.00 34.51  ? 57  GLU A O   1 
ATOM   426  C CB  . GLU A 1 57 ? 1.126   -1.612  17.657  1.00 45.60  ? 57  GLU A CB  1 
ATOM   427  C CG  . GLU A 1 57 ? 1.892   -2.851  18.090  1.00 55.56  ? 57  GLU A CG  1 
ATOM   428  C CD  . GLU A 1 57 ? 1.060   -4.132  18.091  1.00 66.17  ? 57  GLU A CD  1 
ATOM   429  O OE1 . GLU A 1 57 ? -0.147  -4.109  17.742  1.00 72.97  ? 57  GLU A OE1 1 
ATOM   430  O OE2 . GLU A 1 57 ? 1.620   -5.193  18.467  1.00 80.80  ? 57  GLU A OE2 1 
ATOM   431  N N   . ARG A 1 58 ? 0.072   0.768   15.895  1.00 35.89  ? 58  ARG A N   1 
ATOM   432  C CA  . ARG A 1 58 ? -0.828  1.899   15.663  1.00 38.24  ? 58  ARG A CA  1 
ATOM   433  C C   . ARG A 1 58 ? -1.606  1.779   14.338  1.00 37.43  ? 58  ARG A C   1 
ATOM   434  O O   . ARG A 1 58 ? -2.802  2.123   14.251  1.00 34.29  ? 58  ARG A O   1 
ATOM   435  C CB  . ARG A 1 58 ? 0.019   3.178   15.683  1.00 40.95  ? 58  ARG A CB  1 
ATOM   436  C CG  . ARG A 1 58 ? -0.641  4.464   15.225  1.00 45.98  ? 58  ARG A CG  1 
ATOM   437  C CD  . ARG A 1 58 ? -1.732  4.837   16.194  1.00 53.13  ? 58  ARG A CD  1 
ATOM   438  N NE  . ARG A 1 58 ? -2.230  6.187   15.962  1.00 57.25  ? 58  ARG A NE  1 
ATOM   439  C CZ  . ARG A 1 58 ? -3.286  6.707   16.584  1.00 60.20  ? 58  ARG A CZ  1 
ATOM   440  N NH1 . ARG A 1 58 ? -3.970  5.994   17.484  1.00 64.74  ? 58  ARG A NH1 1 
ATOM   441  N NH2 . ARG A 1 58 ? -3.678  7.946   16.297  1.00 62.87  ? 58  ARG A NH2 1 
ATOM   442  N N   . LEU A 1 59 ? -0.901  1.350   13.288  1.00 39.08  ? 59  LEU A N   1 
ATOM   443  C CA  . LEU A 1 59 ? -1.522  1.186   11.962  1.00 35.49  ? 59  LEU A CA  1 
ATOM   444  C C   . LEU A 1 59 ? -2.560  0.072   11.999  1.00 34.94  ? 59  LEU A C   1 
ATOM   445  O O   . LEU A 1 59 ? -3.629  0.188   11.398  1.00 31.94  ? 59  LEU A O   1 
ATOM   446  C CB  . LEU A 1 59 ? -0.458  0.906   10.903  1.00 40.62  ? 59  LEU A CB  1 
ATOM   447  C CG  . LEU A 1 59 ? 0.422   2.149   10.667  1.00 41.30  ? 59  LEU A CG  1 
ATOM   448  C CD1 . LEU A 1 59 ? 1.763   1.815   10.076  1.00 43.47  ? 59  LEU A CD1 1 
ATOM   449  C CD2 . LEU A 1 59 ? -0.298  3.153   9.795   1.00 42.88  ? 59  LEU A CD2 1 
ATOM   450  N N   . ILE A 1 60 ? -2.260  -0.996  12.738  1.00 39.95  ? 60  ILE A N   1 
ATOM   451  C CA  . ILE A 1 60 ? -3.204  -2.118  12.924  1.00 39.80  ? 60  ILE A CA  1 
ATOM   452  C C   . ILE A 1 60 ? -4.496  -1.619  13.587  1.00 41.46  ? 60  ILE A C   1 
ATOM   453  O O   . ILE A 1 60 ? -5.588  -1.988  13.162  1.00 34.46  ? 60  ILE A O   1 
ATOM   454  C CB  . ILE A 1 60 ? -2.578  -3.271  13.756  1.00 42.38  ? 60  ILE A CB  1 
ATOM   455  C CG1 . ILE A 1 60 ? -1.470  -3.963  12.955  1.00 40.85  ? 60  ILE A CG1 1 
ATOM   456  C CG2 . ILE A 1 60 ? -3.611  -4.301  14.210  1.00 46.73  ? 60  ILE A CG2 1 
ATOM   457  C CD1 . ILE A 1 60 ? -0.533  -4.801  13.809  1.00 46.52  ? 60  ILE A CD1 1 
ATOM   458  N N   . THR A 1 61 ? -4.379  -0.767  14.604  1.00 38.33  ? 61  THR A N   1 
ATOM   459  C CA  . THR A 1 61 ? -5.564  -0.227  15.270  1.00 39.31  ? 61  THR A CA  1 
ATOM   460  C C   . THR A 1 61 ? -6.359  0.721   14.376  1.00 39.31  ? 61  THR A C   1 
ATOM   461  O O   . THR A 1 61 ? -7.581  0.629   14.302  1.00 38.05  ? 61  THR A O   1 
ATOM   462  C CB  . THR A 1 61 ? -5.228  0.483   16.577  1.00 42.86  ? 61  THR A CB  1 
ATOM   463  O OG1 . THR A 1 61 ? -4.343  -0.333  17.333  1.00 48.40  ? 61  THR A OG1 1 
ATOM   464  C CG2 . THR A 1 61 ? -6.510  0.727   17.384  1.00 44.12  ? 61  THR A CG2 1 
ATOM   465  N N   . LEU A 1 62 ? -5.674  1.616   13.680  1.00 37.46  ? 62  LEU A N   1 
ATOM   466  C CA  . LEU A 1 62 ? -6.376  2.471   12.726  1.00 38.09  ? 62  LEU A CA  1 
ATOM   467  C C   . LEU A 1 62 ? -7.069  1.626   11.608  1.00 37.99  ? 62  LEU A C   1 
ATOM   468  O O   . LEU A 1 62 ? -8.227  1.881   11.223  1.00 39.86  ? 62  LEU A O   1 
ATOM   469  C CB  . LEU A 1 62 ? -5.410  3.484   12.127  1.00 41.50  ? 62  LEU A CB  1 
ATOM   470  C CG  . LEU A 1 62 ? -4.816  4.508   13.094  1.00 45.40  ? 62  LEU A CG  1 
ATOM   471  C CD1 . LEU A 1 62 ? -3.689  5.318   12.436  1.00 45.02  ? 62  LEU A CD1 1 
ATOM   472  C CD2 . LEU A 1 62 ? -5.929  5.402   13.615  1.00 46.29  ? 62  LEU A CD2 1 
ATOM   473  N N   . GLY A 1 63 ? -6.361  0.617   11.108  1.00 33.86  ? 63  GLY A N   1 
ATOM   474  C CA  . GLY A 1 63 ? -6.945  -0.349  10.171  1.00 36.58  ? 63  GLY A CA  1 
ATOM   475  C C   . GLY A 1 63 ? -8.222  -1.029  10.637  1.00 37.08  ? 63  GLY A C   1 
ATOM   476  O O   . GLY A 1 63 ? -9.187  -1.156  9.858   1.00 33.41  ? 63  GLY A O   1 
ATOM   477  N N   . LYS A 1 64 ? -8.256  -1.462  11.895  1.00 40.23  ? 64  LYS A N   1 
ATOM   478  C CA  . LYS A 1 64 ? -9.441  -2.157  12.426  1.00 45.12  ? 64  LYS A CA  1 
ATOM   479  C C   . LYS A 1 64 ? -10.681 -1.255  12.382  1.00 44.64  ? 64  LYS A C   1 
ATOM   480  O O   . LYS A 1 64 ? -11.767 -1.755  12.147  1.00 44.34  ? 64  LYS A O   1 
ATOM   481  C CB  . LYS A 1 64 ? -9.205  -2.775  13.841  1.00 49.34  ? 64  LYS A CB  1 
ATOM   482  C CG  . LYS A 1 64 ? -9.605  -1.907  15.034  1.00 52.58  ? 64  LYS A CG  1 
ATOM   483  C CD  . LYS A 1 64 ? -9.859  -2.747  16.286  1.00 56.80  ? 64  LYS A CD  1 
ATOM   484  N N   . ALA A 1 65 ? -10.514 0.057   12.555  1.00 48.05  ? 65  ALA A N   1 
ATOM   485  C CA  . ALA A 1 65 ? -11.602 1.040   12.343  1.00 47.46  ? 65  ALA A CA  1 
ATOM   486  C C   . ALA A 1 65 ? -12.183 1.026   10.936  1.00 50.04  ? 65  ALA A C   1 
ATOM   487  O O   . ALA A 1 65 ? -13.369 1.282   10.750  1.00 48.29  ? 65  ALA A O   1 
ATOM   488  C CB  . ALA A 1 65 ? -11.122 2.450   12.683  1.00 51.16  ? 65  ALA A CB  1 
ATOM   489  N N   . HIS A 1 66 ? -11.344 0.745   9.939   1.00 45.56  ? 66  HIS A N   1 
ATOM   490  C CA  . HIS A 1 66 ? -11.819 0.513   8.566   1.00 41.68  ? 66  HIS A CA  1 
ATOM   491  C C   . HIS A 1 66 ? -12.224 -0.944  8.253   1.00 37.92  ? 66  HIS A C   1 
ATOM   492  O O   . HIS A 1 66 ? -12.539 -1.238  7.118   1.00 34.52  ? 66  HIS A O   1 
ATOM   493  C CB  . HIS A 1 66 ? -10.750 0.923   7.548   1.00 45.76  ? 66  HIS A CB  1 
ATOM   494  C CG  . HIS A 1 66 ? -10.474 2.390   7.476   1.00 44.03  ? 66  HIS A CG  1 
ATOM   495  N ND1 . HIS A 1 66 ? -11.251 3.283   6.762   1.00 43.90  ? 66  HIS A ND1 1 
ATOM   496  C CD2 . HIS A 1 66 ? -9.471  3.116   8.020   1.00 46.16  ? 66  HIS A CD2 1 
ATOM   497  C CE1 . HIS A 1 66 ? -10.737 4.496   6.875   1.00 46.04  ? 66  HIS A CE1 1 
ATOM   498  N NE2 . HIS A 1 66 ? -9.659  4.423   7.637   1.00 46.74  ? 66  HIS A NE2 1 
ATOM   499  N N   . HIS A 1 67 ? -12.204 -1.830  9.245   1.00 38.82  ? 67  HIS A N   1 
ATOM   500  C CA  . HIS A 1 67 ? -12.470 -3.278  9.074   1.00 39.87  ? 67  HIS A CA  1 
ATOM   501  C C   . HIS A 1 67 ? -11.486 -3.964  8.098   1.00 38.67  ? 67  HIS A C   1 
ATOM   502  O O   . HIS A 1 67 ? -11.867 -4.842  7.331   1.00 36.21  ? 67  HIS A O   1 
ATOM   503  C CB  . HIS A 1 67 ? -13.942 -3.527  8.692   1.00 45.55  ? 67  HIS A CB  1 
ATOM   504  C CG  . HIS A 1 67 ? -14.914 -2.916  9.650   1.00 50.57  ? 67  HIS A CG  1 
ATOM   505  N ND1 . HIS A 1 67 ? -15.723 -1.851  9.318   1.00 57.29  ? 67  HIS A ND1 1 
ATOM   506  C CD2 . HIS A 1 67 ? -15.184 -3.208  10.943  1.00 56.88  ? 67  HIS A CD2 1 
ATOM   507  C CE1 . HIS A 1 67 ? -16.447 -1.509  10.370  1.00 61.66  ? 67  HIS A CE1 1 
ATOM   508  N NE2 . HIS A 1 67 ? -16.140 -2.316  11.370  1.00 57.43  ? 67  HIS A NE2 1 
ATOM   509  N N   . LEU A 1 68 ? -10.218 -3.554  8.174   1.00 35.07  ? 68  LEU A N   1 
ATOM   510  C CA  . LEU A 1 68 ? -9.144  -4.119  7.379   1.00 34.22  ? 68  LEU A CA  1 
ATOM   511  C C   . LEU A 1 68 ? -8.430  -5.085  8.287   1.00 39.03  ? 68  LEU A C   1 
ATOM   512  O O   . LEU A 1 68 ? -8.119  -4.756  9.443   1.00 40.55  ? 68  LEU A O   1 
ATOM   513  C CB  . LEU A 1 68 ? -8.186  -3.031  6.900   1.00 32.75  ? 68  LEU A CB  1 
ATOM   514  C CG  . LEU A 1 68 ? -8.745  -2.063  5.865   1.00 29.75  ? 68  LEU A CG  1 
ATOM   515  C CD1 . LEU A 1 68 ? -7.836  -0.840  5.756   1.00 32.66  ? 68  LEU A CD1 1 
ATOM   516  C CD2 . LEU A 1 68 ? -8.916  -2.686  4.510   1.00 32.80  ? 68  LEU A CD2 1 
ATOM   517  N N   . ASP A 1 69 ? -8.144  -6.266  7.750   1.00 36.06  ? 69  ASP A N   1 
ATOM   518  C CA  . ASP A 1 69 ? -7.558  -7.345  8.502   1.00 38.24  ? 69  ASP A CA  1 
ATOM   519  C C   . ASP A 1 69 ? -6.179  -6.977  9.076   1.00 35.55  ? 69  ASP A C   1 
ATOM   520  O O   . ASP A 1 69 ? -5.342  -6.413  8.363   1.00 29.13  ? 69  ASP A O   1 
ATOM   521  C CB  . ASP A 1 69 ? -7.484  -8.572  7.547   1.00 42.96  ? 69  ASP A CB  1 
ATOM   522  C CG  . ASP A 1 69 ? -6.871  -9.765  8.181   1.00 49.17  ? 69  ASP A CG  1 
ATOM   523  O OD1 . ASP A 1 69 ? -7.582  -10.437 8.960   1.00 66.16  ? 69  ASP A OD1 1 
ATOM   524  O OD2 . ASP A 1 69 ? -5.690  -10.024 7.888   1.00 45.94  ? 69  ASP A OD2 1 
ATOM   525  N N   . ALA A 1 70 ? -5.933  -7.294  10.354  1.00 35.28  ? 70  ALA A N   1 
ATOM   526  C CA  . ALA A 1 70 ? -4.647  -6.964  11.010  1.00 35.39  ? 70  ALA A CA  1 
ATOM   527  C C   . ALA A 1 70 ? -3.431  -7.592  10.318  1.00 35.51  ? 70  ALA A C   1 
ATOM   528  O O   . ALA A 1 70 ? -2.357  -6.982  10.203  1.00 32.83  ? 70  ALA A O   1 
ATOM   529  C CB  . ALA A 1 70 ? -4.637  -7.403  12.468  1.00 39.23  ? 70  ALA A CB  1 
ATOM   530  N N   . HIS A 1 71 ? -3.606  -8.822  9.862   1.00 32.63  ? 71  HIS A N   1 
ATOM   531  C CA  . HIS A 1 71 ? -2.545  -9.492  9.183   1.00 35.08  ? 71  HIS A CA  1 
ATOM   532  C C   . HIS A 1 71 ? -2.152  -8.812  7.849   1.00 30.97  ? 71  HIS A C   1 
ATOM   533  O O   . HIS A 1 71 ? -0.978  -8.613  7.578   1.00 29.48  ? 71  HIS A O   1 
ATOM   534  C CB  . HIS A 1 71 ? -2.893  -10.965 8.927   1.00 36.65  ? 71  HIS A CB  1 
ATOM   535  C CG  . HIS A 1 71 ? -1.709  -11.751 8.473   1.00 38.08  ? 71  HIS A CG  1 
ATOM   536  N ND1 . HIS A 1 71 ? -1.549  -12.171 7.178   1.00 41.78  ? 71  HIS A ND1 1 
ATOM   537  C CD2 . HIS A 1 71 ? -0.583  -12.122 9.134   1.00 41.78  ? 71  HIS A CD2 1 
ATOM   538  C CE1 . HIS A 1 71 ? -0.397  -12.820 7.066   1.00 37.71  ? 71  HIS A CE1 1 
ATOM   539  N NE2 . HIS A 1 71 ? 0.209   -12.803 8.239   1.00 41.94  ? 71  HIS A NE2 1 
HETATM 540  N N   . PBF A 1 72 ? -3.137  -8.488  7.039   1.00 28.07  ? 72  PBF A N   1 
HETATM 541  C C   . PBF A 1 72 ? -2.339  -6.375  6.080   1.00 28.35  ? 72  PBF A C   1 
HETATM 542  O O   . PBF A 1 72 ? -1.416  -5.988  5.382   1.00 28.16  ? 72  PBF A O   1 
HETATM 543  C CA  . PBF A 1 72 ? -2.970  -7.728  5.803   1.00 29.19  ? 72  PBF A CA  1 
HETATM 544  C CB  . PBF A 1 72 ? -4.330  -7.565  5.173   1.00 29.06  ? 72  PBF A CB  1 
HETATM 545  C CG  . PBF A 1 72 ? -4.425  -6.545  4.076   1.00 27.05  ? 72  PBF A CG  1 
HETATM 546  C CD1 . PBF A 1 72 ? -5.161  -5.374  4.280   1.00 26.31  ? 72  PBF A CD1 1 
HETATM 547  C CD2 . PBF A 1 72 ? -3.834  -6.789  2.857   1.00 26.78  ? 72  PBF A CD2 1 
HETATM 548  C CE1 . PBF A 1 72 ? -5.269  -4.429  3.282   1.00 24.94  ? 72  PBF A CE1 1 
HETATM 549  C CE2 . PBF A 1 72 ? -3.927  -5.848  1.852   1.00 26.74  ? 72  PBF A CE2 1 
HETATM 550  C CZ  . PBF A 1 72 ? -4.652  -4.656  2.050   1.00 27.77  ? 72  PBF A CZ  1 
HETATM 551  C CN1 . PBF A 1 72 ? -4.813  -3.640  0.967   1.00 27.39  ? 72  PBF A CN1 1 
HETATM 552  O ON2 . PBF A 1 72 ? -5.897  -3.031  0.934   1.00 28.95  ? 72  PBF A ON2 1 
HETATM 553  C CT  . PBF A 1 72 ? -3.753  -3.275  -0.022  1.00 26.59  ? 72  PBF A CT  1 
HETATM 554  C CI1 . PBF A 1 72 ? -4.145  -2.673  -1.207  1.00 26.86  ? 72  PBF A CI1 1 
HETATM 555  C CI2 . PBF A 1 72 ? -2.398  -3.485  0.220   1.00 26.90  ? 72  PBF A CI2 1 
HETATM 556  C CK1 . PBF A 1 72 ? -3.228  -2.302  -2.175  1.00 26.96  ? 72  PBF A CK1 1 
HETATM 557  C CK2 . PBF A 1 72 ? -1.474  -3.106  -0.743  1.00 28.77  ? 72  PBF A CK2 1 
HETATM 558  C CL  . PBF A 1 72 ? -1.888  -2.517  -1.964  1.00 26.22  ? 72  PBF A CL  1 
ATOM   559  N N   . ILE A 1 73 ? -2.785  -5.681  7.117   1.00 27.90  ? 73  ILE A N   1 
ATOM   560  C CA  . ILE A 1 73 ? -2.182  -4.400  7.484   1.00 29.46  ? 73  ILE A CA  1 
ATOM   561  C C   . ILE A 1 73 ? -0.724  -4.551  7.897   1.00 29.67  ? 73  ILE A C   1 
ATOM   562  O O   . ILE A 1 73 ? 0.106   -3.769  7.495   1.00 28.14  ? 73  ILE A O   1 
ATOM   563  C CB  . ILE A 1 73 ? -3.014  -3.652  8.535   1.00 28.95  ? 73  ILE A CB  1 
ATOM   564  C CG1 . ILE A 1 73 ? -4.325  -3.218  7.909   1.00 28.88  ? 73  ILE A CG1 1 
ATOM   565  C CG2 . ILE A 1 73 ? -2.281  -2.439  9.091   1.00 31.17  ? 73  ILE A CG2 1 
ATOM   566  C CD1 . ILE A 1 73 ? -4.170  -2.489  6.577   1.00 30.93  ? 73  ILE A CD1 1 
ATOM   567  N N   . THR A 1 74 ? -0.433  -5.583  8.666   1.00 27.11  ? 74  THR A N   1 
ATOM   568  C CA  . THR A 1 74 ? 0.889   -5.880  9.111   1.00 32.19  ? 74  THR A CA  1 
ATOM   569  C C   . THR A 1 74 ? 1.808   -6.128  7.958   1.00 32.30  ? 74  THR A C   1 
ATOM   570  O O   . THR A 1 74 ? 2.879   -5.510  7.889   1.00 29.87  ? 74  THR A O   1 
ATOM   571  C CB  . THR A 1 74 ? 0.869   -7.112  10.051  1.00 34.28  ? 74  THR A CB  1 
ATOM   572  O OG1 . THR A 1 74 ? 0.134   -6.732  11.223  1.00 41.24  ? 74  THR A OG1 1 
ATOM   573  C CG2 . THR A 1 74 ? 2.251   -7.609  10.385  1.00 38.06  ? 74  THR A CG2 1 
ATOM   574  N N   . ARG A 1 75 ? 1.402   -7.012  7.059   1.00 28.04  ? 75  ARG A N   1 
ATOM   575  C CA  . ARG A 1 75 ? 2.251   -7.341  5.934   1.00 30.46  ? 75  ARG A CA  1 
ATOM   576  C C   . ARG A 1 75 ? 2.504   -6.136  4.997   1.00 26.46  ? 75  ARG A C   1 
ATOM   577  O O   . ARG A 1 75 ? 3.596   -5.942  4.508   1.00 25.02  ? 75  ARG A O   1 
ATOM   578  C CB  . ARG A 1 75 ? 1.707   -8.533  5.167   1.00 34.79  ? 75  ARG A CB  1 
ATOM   579  C CG  . ARG A 1 75 ? 1.703   -9.822  5.986   1.00 43.52  ? 75  ARG A CG  1 
ATOM   580  C CD  . ARG A 1 75 ? 1.430   -10.990 5.070   1.00 51.10  ? 75  ARG A CD  1 
ATOM   581  N NE  . ARG A 1 75 ? 2.518   -11.251 4.140   1.00 61.02  ? 75  ARG A NE  1 
ATOM   582  C CZ  . ARG A 1 75 ? 2.431   -12.050 3.078   1.00 60.38  ? 75  ARG A CZ  1 
ATOM   583  N NH1 . ARG A 1 75 ? 1.298   -12.692 2.785   1.00 62.38  ? 75  ARG A NH1 1 
ATOM   584  N NH2 . ARG A 1 75 ? 3.493   -12.192 2.295   1.00 60.35  ? 75  ARG A NH2 1 
ATOM   585  N N   . THR A 1 76 ? 1.470   -5.348  4.769   1.00 24.34  ? 76  THR A N   1 
ATOM   586  C CA  . THR A 1 76 ? 1.515   -4.242  3.839   1.00 25.16  ? 76  THR A CA  1 
ATOM   587  C C   . THR A 1 76 ? 2.424   -3.136  4.387   1.00 25.26  ? 76  THR A C   1 
ATOM   588  O O   . THR A 1 76 ? 3.336   -2.665  3.705   1.00 24.41  ? 76  THR A O   1 
ATOM   589  C CB  . THR A 1 76 ? 0.085   -3.681  3.624   1.00 24.96  ? 76  THR A CB  1 
ATOM   590  O OG1 . THR A 1 76 ? -0.732  -4.711  3.040   1.00 25.87  ? 76  THR A OG1 1 
ATOM   591  C CG2 . THR A 1 76 ? 0.093   -2.458  2.733   1.00 24.68  ? 76  THR A CG2 1 
ATOM   592  N N   . PHE A 1 77 ? 2.192   -2.766  5.641   1.00 25.31  ? 77  PHE A N   1 
ATOM   593  C CA  . PHE A 1 77 ? 2.980   -1.713  6.236   1.00 27.83  ? 77  PHE A CA  1 
ATOM   594  C C   . PHE A 1 77 ? 4.380   -2.130  6.653   1.00 27.35  ? 77  PHE A C   1 
ATOM   595  O O   . PHE A 1 77 ? 5.231   -1.278  6.694   1.00 28.95  ? 77  PHE A O   1 
ATOM   596  C CB  . PHE A 1 77 ? 2.237   -1.021  7.331   1.00 28.93  ? 77  PHE A CB  1 
ATOM   597  C CG  . PHE A 1 77 ? 1.262   -0.034  6.828   1.00 28.16  ? 77  PHE A CG  1 
ATOM   598  C CD1 . PHE A 1 77 ? 1.672   1.215   6.453   1.00 27.30  ? 77  PHE A CD1 1 
ATOM   599  C CD2 . PHE A 1 77 ? -0.065  -0.358  6.725   1.00 28.40  ? 77  PHE A CD2 1 
ATOM   600  C CE1 . PHE A 1 77 ? 0.769   2.165   5.983   1.00 30.45  ? 77  PHE A CE1 1 
ATOM   601  C CE2 . PHE A 1 77 ? -0.983  0.571   6.254   1.00 28.91  ? 77  PHE A CE2 1 
ATOM   602  C CZ  . PHE A 1 77 ? -0.564  1.838   5.865   1.00 28.10  ? 77  PHE A CZ  1 
ATOM   603  N N   . GLN A 1 78 ? 4.635   -3.412  6.861   1.00 29.35  ? 78  GLN A N   1 
ATOM   604  C CA  . GLN A 1 78 ? 6.008   -3.907  7.009   1.00 30.33  ? 78  GLN A CA  1 
ATOM   605  C C   . GLN A 1 78 ? 6.798   -3.628  5.731   1.00 27.65  ? 78  GLN A C   1 
ATOM   606  O O   . GLN A 1 78 ? 7.989   -3.282  5.797   1.00 27.14  ? 78  GLN A O   1 
ATOM   607  C CB  . GLN A 1 78 ? 6.077   -5.422  7.289   1.00 35.98  ? 78  GLN A CB  1 
ATOM   608  C CG  . GLN A 1 78 ? 5.961   -5.830  8.747   1.00 47.61  ? 78  GLN A CG  1 
ATOM   609  C CD  . GLN A 1 78 ? 5.817   -7.350  8.965   1.00 52.44  ? 78  GLN A CD  1 
ATOM   610  O OE1 . GLN A 1 78 ? 5.508   -8.131  8.039   1.00 54.93  ? 78  GLN A OE1 1 
ATOM   611  N NE2 . GLN A 1 78 ? 6.024   -7.770  10.206  1.00 58.35  ? 78  GLN A NE2 1 
ATOM   612  N N   . LEU A 1 79 ? 6.193   -3.831  4.574   1.00 25.91  ? 79  LEU A N   1 
ATOM   613  C CA  . LEU A 1 79 ? 6.863   -3.454  3.321   1.00 28.54  ? 79  LEU A CA  1 
ATOM   614  C C   . LEU A 1 79 ? 7.194   -1.969  3.259   1.00 29.41  ? 79  LEU A C   1 
ATOM   615  O O   . LEU A 1 79 ? 8.290   -1.611  2.838   1.00 24.92  ? 79  LEU A O   1 
ATOM   616  C CB  . LEU A 1 79 ? 6.068   -3.809  2.062   1.00 29.14  ? 79  LEU A CB  1 
ATOM   617  C CG  . LEU A 1 79 ? 5.897   -5.309  1.854   1.00 32.70  ? 79  LEU A CG  1 
ATOM   618  C CD1 . LEU A 1 79 ? 4.849   -5.590  0.795   1.00 33.07  ? 79  LEU A CD1 1 
ATOM   619  C CD2 . LEU A 1 79 ? 7.235   -5.953  1.470   1.00 39.13  ? 79  LEU A CD2 1 
ATOM   620  N N   . GLY A 1 80 ? 6.238   -1.129  3.629   1.00 26.92  ? 80  GLY A N   1 
ATOM   621  C CA  . GLY A 1 80 ? 6.416   0.325   3.582   1.00 30.12  ? 80  GLY A CA  1 
ATOM   622  C C   . GLY A 1 80 ? 7.504   0.819   4.515   1.00 28.01  ? 80  GLY A C   1 
ATOM   623  O O   . GLY A 1 80 ? 8.317   1.663   4.127   1.00 26.06  ? 80  GLY A O   1 
ATOM   624  N N   . ILE A 1 81 ? 7.506   0.292   5.732   1.00 28.41  ? 81  ILE A N   1 
ATOM   625  C CA  . ILE A 1 81 ? 8.509   0.626   6.729   1.00 29.97  ? 81  ILE A CA  1 
ATOM   626  C C   . ILE A 1 81 ? 9.893   0.175   6.274   1.00 30.00  ? 81  ILE A C   1 
ATOM   627  O O   . ILE A 1 81 ? 10.857  0.968   6.306   1.00 26.66  ? 81  ILE A O   1 
ATOM   628  C CB  . ILE A 1 81 ? 8.178   0.028   8.112   1.00 33.37  ? 81  ILE A CB  1 
ATOM   629  C CG1 . ILE A 1 81 ? 6.884   0.663   8.659   1.00 34.35  ? 81  ILE A CG1 1 
ATOM   630  C CG2 . ILE A 1 81 ? 9.346   0.226   9.087   1.00 35.99  ? 81  ILE A CG2 1 
ATOM   631  C CD1 . ILE A 1 81 ? 6.266   -0.062  9.842   1.00 33.69  ? 81  ILE A CD1 1 
ATOM   632  N N   . GLU A 1 82 ? 9.993   -1.076  5.840   1.00 28.66  ? 82  GLU A N   1 
ATOM   633  C CA  . GLU A 1 82 ? 11.235  -1.554  5.239   1.00 31.19  ? 82  GLU A CA  1 
ATOM   634  C C   . GLU A 1 82 ? 11.722  -0.706  4.053   1.00 28.26  ? 82  GLU A C   1 
ATOM   635  O O   . GLU A 1 82 ? 12.892  -0.350  3.995   1.00 27.75  ? 82  GLU A O   1 
ATOM   636  C CB  . GLU A 1 82 ? 11.126  -3.017  4.848   1.00 34.40  ? 82  GLU A CB  1 
ATOM   637  C CG  . GLU A 1 82 ? 11.192  -3.910  6.081   1.00 43.53  ? 82  GLU A CG  1 
ATOM   638  C CD  . GLU A 1 82 ? 10.918  -5.404  5.801   1.00 54.69  ? 82  GLU A CD  1 
ATOM   639  O OE1 . GLU A 1 82 ? 11.110  -5.869  4.641   1.00 57.95  ? 82  GLU A OE1 1 
ATOM   640  O OE2 . GLU A 1 82 ? 10.495  -6.102  6.761   1.00 55.14  ? 82  GLU A OE2 1 
ATOM   641  N N   . TYR A 1 83 ? 10.826  -0.336  3.136   1.00 28.20  ? 83  TYR A N   1 
ATOM   642  C CA  . TYR A 1 83 ? 11.233  0.525   2.043   1.00 28.53  ? 83  TYR A CA  1 
ATOM   643  C C   . TYR A 1 83 ? 11.727  1.911   2.501   1.00 27.09  ? 83  TYR A C   1 
ATOM   644  O O   . TYR A 1 83 ? 12.698  2.389   1.972   1.00 25.74  ? 83  TYR A O   1 
ATOM   645  C CB  . TYR A 1 83 ? 10.121  0.666   1.036   1.00 30.26  ? 83  TYR A CB  1 
ATOM   646  C CG  . TYR A 1 83 ? 10.513  1.332   -0.261  1.00 31.86  ? 83  TYR A CG  1 
ATOM   647  C CD1 . TYR A 1 83 ? 11.551  0.835   -1.071  1.00 35.17  ? 83  TYR A CD1 1 
ATOM   648  C CD2 . TYR A 1 83 ? 9.841   2.455   -0.691  1.00 32.75  ? 83  TYR A CD2 1 
ATOM   649  C CE1 . TYR A 1 83 ? 11.895  1.468   -2.259  1.00 33.84  ? 83  TYR A CE1 1 
ATOM   650  C CE2 . TYR A 1 83 ? 10.147  3.055   -1.903  1.00 36.10  ? 83  TYR A CE2 1 
ATOM   651  C CZ  . TYR A 1 83 ? 11.194  2.568   -2.671  1.00 35.58  ? 83  TYR A CZ  1 
ATOM   652  O OH  . TYR A 1 83 ? 11.474  3.144   -3.870  1.00 37.06  ? 83  TYR A OH  1 
ATOM   653  N N   . SER A 1 84 ? 11.077  2.529   3.474   1.00 27.68  ? 84  SER A N   1 
ATOM   654  C CA  A SER A 1 84 ? 11.541  3.798   4.067   0.50 25.90  ? 84  SER A CA  1 
ATOM   655  C CA  B SER A 1 84 ? 11.543  3.797   4.062   0.50 28.58  ? 84  SER A CA  1 
ATOM   656  C C   . SER A 1 84 ? 12.922  3.677   4.684   1.00 27.74  ? 84  SER A C   1 
ATOM   657  O O   . SER A 1 84 ? 13.780  4.531   4.483   1.00 25.25  ? 84  SER A O   1 
ATOM   658  C CB  A SER A 1 84 ? 10.535  4.321   5.108   0.50 24.47  ? 84  SER A CB  1 
ATOM   659  C CB  B SER A 1 84 ? 10.540  4.336   5.094   0.50 30.10  ? 84  SER A CB  1 
ATOM   660  O OG  A SER A 1 84 ? 11.087  5.331   5.929   0.50 20.88  ? 84  SER A OG  1 
ATOM   661  O OG  B SER A 1 84 ? 10.508  3.541   6.264   0.50 33.95  ? 84  SER A OG  1 
ATOM   662  N N   . VAL A 1 85 ? 13.140  2.619   5.440   1.00 28.24  ? 85  VAL A N   1 
ATOM   663  C CA  . VAL A 1 85 ? 14.442  2.363   6.020   1.00 28.21  ? 85  VAL A CA  1 
ATOM   664  C C   . VAL A 1 85 ? 15.551  2.128   4.975   1.00 29.29  ? 85  VAL A C   1 
ATOM   665  O O   . VAL A 1 85 ? 16.651  2.659   5.117   1.00 27.81  ? 85  VAL A O   1 
ATOM   666  C CB  . VAL A 1 85 ? 14.364  1.182   6.983   1.00 29.28  ? 85  VAL A CB  1 
ATOM   667  C CG1 . VAL A 1 85 ? 15.758  0.767   7.416   1.00 31.34  ? 85  VAL A CG1 1 
ATOM   668  C CG2 . VAL A 1 85 ? 13.518  1.564   8.188   1.00 30.02  ? 85  VAL A CG2 1 
ATOM   669  N N   . LEU A 1 86 ? 15.273  1.337   3.947   1.00 29.15  ? 86  LEU A N   1 
ATOM   670  C CA  . LEU A 1 86 ? 16.236  1.141   2.859   1.00 32.83  ? 86  LEU A CA  1 
ATOM   671  C C   . LEU A 1 86 ? 16.585  2.473   2.194   1.00 31.89  ? 86  LEU A C   1 
ATOM   672  O O   . LEU A 1 86 ? 17.724  2.715   1.881   1.00 31.80  ? 86  LEU A O   1 
ATOM   673  C CB  . LEU A 1 86 ? 15.712  0.153   1.785   1.00 33.55  ? 86  LEU A CB  1 
ATOM   674  C CG  . LEU A 1 86 ? 15.647  -1.305  2.249   1.00 41.62  ? 86  LEU A CG  1 
ATOM   675  C CD1 . LEU A 1 86 ? 14.815  -2.152  1.308   1.00 40.86  ? 86  LEU A CD1 1 
ATOM   676  C CD2 . LEU A 1 86 ? 17.062  -1.884  2.413   1.00 40.91  ? 86  LEU A CD2 1 
ATOM   677  N N   . THR A 1 87 ? 15.593  3.326   2.014   1.00 32.01  ? 87  THR A N   1 
ATOM   678  C CA  . THR A 1 87 ? 15.761  4.640   1.405   1.00 31.03  ? 87  THR A CA  1 
ATOM   679  C C   . THR A 1 87 ? 16.653  5.555   2.263   1.00 30.75  ? 87  THR A C   1 
ATOM   680  O O   . THR A 1 87 ? 17.545  6.239   1.738   1.00 33.10  ? 87  THR A O   1 
ATOM   681  C CB  . THR A 1 87 ? 14.373  5.338   1.173   1.00 32.19  ? 87  THR A CB  1 
ATOM   682  O OG1 . THR A 1 87 ? 13.564  4.579   0.264   1.00 30.42  ? 87  THR A OG1 1 
ATOM   683  C CG2 . THR A 1 87 ? 14.559  6.765   0.595   1.00 33.61  ? 87  THR A CG2 1 
ATOM   684  N N   . GLN A 1 88 ? 16.411  5.563   3.571   1.00 29.45  ? 88  GLN A N   1 
ATOM   685  C CA  . GLN A 1 88 ? 17.223  6.334   4.493   1.00 29.45  ? 88  GLN A CA  1 
ATOM   686  C C   . GLN A 1 88 ? 18.671  5.819   4.578   1.00 31.31  ? 88  GLN A C   1 
ATOM   687  O O   . GLN A 1 88 ? 19.600  6.621   4.642   1.00 30.23  ? 88  GLN A O   1 
ATOM   688  C CB  . GLN A 1 88 ? 16.622  6.354   5.878   1.00 30.71  ? 88  GLN A CB  1 
ATOM   689  C CG  . GLN A 1 88 ? 15.254  6.960   5.979   1.00 32.38  ? 88  GLN A CG  1 
ATOM   690  C CD  . GLN A 1 88 ? 14.650  6.721   7.341   1.00 33.47  ? 88  GLN A CD  1 
ATOM   691  O OE1 . GLN A 1 88 ? 15.304  6.927   8.366   1.00 35.88  ? 88  GLN A OE1 1 
ATOM   692  N NE2 . GLN A 1 88 ? 13.398  6.345   7.377   1.00 34.53  ? 88  GLN A NE2 1 
ATOM   693  N N   . GLN A 1 89 ? 18.844  4.499   4.638   1.00 29.73  ? 89  GLN A N   1 
ATOM   694  C CA  . GLN A 1 89 ? 20.160  3.885   4.643   1.00 31.58  ? 89  GLN A CA  1 
ATOM   695  C C   . GLN A 1 89 ? 20.965  4.139   3.369   1.00 33.21  ? 89  GLN A C   1 
ATOM   696  O O   . GLN A 1 89 ? 22.187  4.283   3.449   1.00 32.89  ? 89  GLN A O   1 
ATOM   697  C CB  . GLN A 1 89 ? 20.086  2.354   4.839   1.00 36.86  ? 89  GLN A CB  1 
ATOM   698  C CG  . GLN A 1 89 ? 19.896  1.913   6.287   1.00 39.62  ? 89  GLN A CG  1 
ATOM   699  C CD  . GLN A 1 89 ? 21.028  2.354   7.228   1.00 37.58  ? 89  GLN A CD  1 
ATOM   700  N N   . ALA A 1 90 ? 20.292  4.132   2.214   1.00 31.97  ? 90  ALA A N   1 
ATOM   701  C CA  . ALA A 1 90 ? 20.949  4.410   0.958   1.00 36.12  ? 90  ALA A CA  1 
ATOM   702  C C   . ALA A 1 90 ? 21.438  5.865   0.939   1.00 35.43  ? 90  ALA A C   1 
ATOM   703  O O   . ALA A 1 90 ? 22.523  6.136   0.429   1.00 31.32  ? 90  ALA A O   1 
ATOM   704  C CB  . ALA A 1 90 ? 20.017  4.149   -0.216  1.00 39.50  ? 90  ALA A CB  1 
ATOM   705  N N   . LEU A 1 91 ? 20.659  6.767   1.543   1.00 35.38  ? 91  LEU A N   1 
ATOM   706  C CA  . LEU A 1 91 ? 21.047  8.175   1.660   1.00 38.62  ? 91  LEU A CA  1 
ATOM   707  C C   . LEU A 1 91 ? 22.299  8.355   2.519   1.00 35.64  ? 91  LEU A C   1 
ATOM   708  O O   . LEU A 1 91 ? 23.216  9.089   2.135   1.00 34.46  ? 91  LEU A O   1 
ATOM   709  C CB  . LEU A 1 91 ? 19.873  8.996   2.189   1.00 37.35  ? 91  LEU A CB  1 
ATOM   710  C CG  . LEU A 1 91 ? 19.843  10.550  2.254   1.00 40.31  ? 91  LEU A CG  1 
ATOM   711  C CD1 . LEU A 1 91 ? 20.498  11.067  3.513   1.00 38.74  ? 91  LEU A CD1 1 
ATOM   712  C CD2 . LEU A 1 91 ? 20.471  11.222  1.033   1.00 38.97  ? 91  LEU A CD2 1 
ATOM   713  N N   . LEU A 1 92 ? 22.319  7.722   3.691   1.00 38.46  ? 92  LEU A N   1 
ATOM   714  C CA  . LEU A 1 92 ? 23.509  7.760   4.542   1.00 41.01  ? 92  LEU A CA  1 
ATOM   715  C C   . LEU A 1 92 ? 24.688  7.180   3.790   1.00 38.93  ? 92  LEU A C   1 
ATOM   716  O O   . LEU A 1 92 ? 25.737  7.795   3.744   1.00 39.16  ? 92  LEU A O   1 
ATOM   717  C CB  . LEU A 1 92 ? 23.326  6.976   5.833   1.00 43.59  ? 92  LEU A CB  1 
ATOM   718  C CG  . LEU A 1 92 ? 22.318  7.434   6.898   1.00 50.57  ? 92  LEU A CG  1 
ATOM   719  C CD1 . LEU A 1 92 ? 22.737  6.847   8.241   1.00 53.99  ? 92  LEU A CD1 1 
ATOM   720  C CD2 . LEU A 1 92 ? 22.142  8.935   7.022   1.00 51.93  ? 92  LEU A CD2 1 
ATOM   721  N N   . GLU A 1 93 ? 24.494  6.016   3.167   1.00 36.51  ? 93  GLU A N   1 
ATOM   722  C CA  . GLU A 1 93 ? 25.576  5.299   2.505   1.00 36.23  ? 93  GLU A CA  1 
ATOM   723  C C   . GLU A 1 93 ? 26.176  6.120   1.372   1.00 36.87  ? 93  GLU A C   1 
ATOM   724  O O   . GLU A 1 93 ? 27.401  6.113   1.223   1.00 39.77  ? 93  GLU A O   1 
ATOM   725  C CB  . GLU A 1 93 ? 25.096  3.941   1.962   1.00 34.02  ? 93  GLU A CB  1 
ATOM   726  N N   . HIS A 1 94 ? 25.345  6.870   0.640   1.00 37.58  ? 94  HIS A N   1 
ATOM   727  C CA  . HIS A 1 94 ? 25.835  7.711   -0.420  1.00 42.78  ? 94  HIS A CA  1 
ATOM   728  C C   . HIS A 1 94 ? 26.804  8.821   0.073   1.00 42.09  ? 94  HIS A C   1 
ATOM   729  O O   . HIS A 1 94 ? 27.859  9.079   -0.538  1.00 42.75  ? 94  HIS A O   1 
ATOM   730  C CB  . HIS A 1 94 ? 24.679  8.386   -1.172  1.00 41.11  ? 94  HIS A CB  1 
ATOM   731  C CG  . HIS A 1 94 ? 25.168  9.224   -2.320  1.00 44.81  ? 94  HIS A CG  1 
ATOM   732  N ND1 . HIS A 1 94 ? 25.275  10.600  -2.245  1.00 46.66  ? 94  HIS A ND1 1 
ATOM   733  C CD2 . HIS A 1 94 ? 25.728  8.865   -3.501  1.00 39.47  ? 94  HIS A CD2 1 
ATOM   734  C CE1 . HIS A 1 94 ? 25.803  11.053  -3.364  1.00 44.17  ? 94  HIS A CE1 1 
ATOM   735  N NE2 . HIS A 1 94 ? 26.107  10.021  -4.131  1.00 48.06  ? 94  HIS A NE2 1 
ATOM   736  N N   . HIS A 1 95 ? 26.390  9.476   1.158   1.00 36.66  ? 95  HIS A N   1 
ATOM   737  C CA  . HIS A 1 95 ? 27.175  10.608  1.675   1.00 40.35  ? 95  HIS A CA  1 
ATOM   738  C C   . HIS A 1 95 ? 28.468  10.164  2.352   1.00 44.99  ? 95  HIS A C   1 
ATOM   739  O O   . HIS A 1 95 ? 29.422  10.956  2.438   1.00 47.54  ? 95  HIS A O   1 
ATOM   740  C CB  . HIS A 1 95 ? 26.318  11.526  2.526   1.00 36.32  ? 95  HIS A CB  1 
ATOM   741  C CG  . HIS A 1 95 ? 25.382  12.323  1.679   1.00 35.55  ? 95  HIS A CG  1 
ATOM   742  N ND1 . HIS A 1 95 ? 25.824  13.370  0.906   1.00 36.61  ? 95  HIS A ND1 1 
ATOM   743  C CD2 . HIS A 1 95 ? 24.071  12.169  1.386   1.00 36.98  ? 95  HIS A CD2 1 
ATOM   744  C CE1 . HIS A 1 95 ? 24.807  13.886  0.240   1.00 38.25  ? 95  HIS A CE1 1 
ATOM   745  N NE2 . HIS A 1 95 ? 23.732  13.165  0.499   1.00 37.22  ? 95  HIS A NE2 1 
ATOM   746  N N   . HIS A 1 96 ? 28.516  8.912   2.843   1.00 49.55  ? 96  HIS A N   1 
ATOM   747  C CA  . HIS A 1 96 ? 29.751  8.322   3.411   1.00 53.79  ? 96  HIS A CA  1 
ATOM   748  C C   . HIS A 1 96 ? 30.699  7.773   2.372   1.00 55.16  ? 96  HIS A C   1 
ATOM   749  O O   . HIS A 1 96 ? 31.827  7.488   2.729   1.00 66.14  ? 96  HIS A O   1 
ATOM   750  C CB  . HIS A 1 96 ? 29.459  7.242   4.470   1.00 49.09  ? 96  HIS A CB  1 
ATOM   751  C CG  . HIS A 1 96 ? 28.940  7.791   5.759   1.00 48.77  ? 96  HIS A CG  1 
ATOM   752  N ND1 . HIS A 1 96 ? 29.761  8.363   6.700   1.00 48.92  ? 96  HIS A ND1 1 
ATOM   753  C CD2 . HIS A 1 96 ? 27.689  7.823   6.280   1.00 51.84  ? 96  HIS A CD2 1 
ATOM   754  C CE1 . HIS A 1 96 ? 29.039  8.738   7.742   1.00 50.08  ? 96  HIS A CE1 1 
ATOM   755  N NE2 . HIS A 1 96 ? 27.777  8.438   7.506   1.00 53.07  ? 96  HIS A NE2 1 
ATOM   756  N N   . HIS A 1 97 ? 30.265  7.618   1.118   1.00 62.78  ? 97  HIS A N   1 
ATOM   757  C CA  . HIS A 1 97 ? 31.154  7.242   -0.008  1.00 69.30  ? 97  HIS A CA  1 
ATOM   758  C C   . HIS A 1 97 ? 32.171  8.337   -0.411  1.00 76.55  ? 97  HIS A C   1 
ATOM   759  O O   . HIS A 1 97 ? 33.221  8.025   -0.971  1.00 81.80  ? 97  HIS A O   1 
ATOM   760  C CB  . HIS A 1 97 ? 30.340  6.815   -1.233  1.00 67.67  ? 97  HIS A CB  1 
ATOM   761  N N   . HIS A 1 98 ? 31.856  9.607   -0.155  1.00 79.95  ? 98  HIS A N   1 
ATOM   762  C CA  . HIS A 1 98 ? 32.878  10.687  -0.171  1.00 82.18  ? 98  HIS A CA  1 
ATOM   763  C C   . HIS A 1 98 ? 34.048  10.508  0.850   1.00 79.10  ? 98  HIS A C   1 
ATOM   764  O O   . HIS A 1 98 ? 33.972  10.857  2.046   1.00 72.26  ? 98  HIS A O   1 
ATOM   765  C CB  . HIS A 1 98 ? 32.203  12.049  0.013   1.00 82.38  ? 98  HIS A CB  1 
ATOM   766  N N   . GLU B 1 4  ? 12.577  24.071  15.575  1.00 85.81  ? 4   GLU B N   1 
ATOM   767  C CA  . GLU B 1 4  ? 12.057  22.791  16.164  1.00 83.84  ? 4   GLU B CA  1 
ATOM   768  C C   . GLU B 1 4  ? 12.881  21.524  15.832  1.00 81.95  ? 4   GLU B C   1 
ATOM   769  O O   . GLU B 1 4  ? 13.821  21.526  15.021  1.00 81.38  ? 4   GLU B O   1 
ATOM   770  C CB  . GLU B 1 4  ? 10.601  22.566  15.719  1.00 80.79  ? 4   GLU B CB  1 
ATOM   771  N N   . ASN B 1 5  ? 12.475  20.413  16.448  1.00 79.83  ? 5   ASN B N   1 
ATOM   772  C CA  . ASN B 1 5  ? 12.916  19.072  16.024  1.00 82.26  ? 5   ASN B CA  1 
ATOM   773  C C   . ASN B 1 5  ? 12.229  18.719  14.679  1.00 77.11  ? 5   ASN B C   1 
ATOM   774  O O   . ASN B 1 5  ? 11.020  18.477  14.656  1.00 71.71  ? 5   ASN B O   1 
ATOM   775  C CB  . ASN B 1 5  ? 12.577  18.030  17.103  1.00 80.23  ? 5   ASN B CB  1 
ATOM   776  C CG  . ASN B 1 5  ? 13.159  16.650  16.803  1.00 82.63  ? 5   ASN B CG  1 
ATOM   777  O OD1 . ASN B 1 5  ? 13.704  16.393  15.733  1.00 80.26  ? 5   ASN B OD1 1 
ATOM   778  N ND2 . ASN B 1 5  ? 13.090  15.763  17.790  1.00 82.28  ? 5   ASN B ND2 1 
ATOM   779  N N   . PRO B 1 6  ? 12.993  18.703  13.563  1.00 67.16  ? 6   PRO B N   1 
ATOM   780  C CA  . PRO B 1 6  ? 12.364  18.505  12.254  1.00 63.03  ? 6   PRO B CA  1 
ATOM   781  C C   . PRO B 1 6  ? 11.824  17.082  12.023  1.00 55.49  ? 6   PRO B C   1 
ATOM   782  O O   . PRO B 1 6  ? 10.924  16.913  11.203  1.00 48.77  ? 6   PRO B O   1 
ATOM   783  C CB  . PRO B 1 6  ? 13.488  18.844  11.274  1.00 63.20  ? 6   PRO B CB  1 
ATOM   784  C CG  . PRO B 1 6  ? 14.723  18.428  11.987  1.00 66.94  ? 6   PRO B CG  1 
ATOM   785  C CD  . PRO B 1 6  ? 14.463  18.662  13.460  1.00 68.75  ? 6   PRO B CD  1 
ATOM   786  N N   . LEU B 1 7  ? 12.347  16.094  12.752  1.00 52.29  ? 7   LEU B N   1 
ATOM   787  C CA  . LEU B 1 7  ? 11.830  14.716  12.714  1.00 50.06  ? 7   LEU B CA  1 
ATOM   788  C C   . LEU B 1 7  ? 10.386  14.571  13.161  1.00 47.59  ? 7   LEU B C   1 
ATOM   789  O O   . LEU B 1 7  ? 9.675   13.714  12.653  1.00 41.17  ? 7   LEU B O   1 
ATOM   790  C CB  . LEU B 1 7  ? 12.675  13.778  13.574  1.00 51.19  ? 7   LEU B CB  1 
ATOM   791  C CG  . LEU B 1 7  ? 14.001  13.360  12.983  1.00 55.39  ? 7   LEU B CG  1 
ATOM   792  C CD1 . LEU B 1 7  ? 14.713  12.500  14.014  1.00 57.99  ? 7   LEU B CD1 1 
ATOM   793  C CD2 . LEU B 1 7  ? 13.857  12.600  11.665  1.00 55.56  ? 7   LEU B CD2 1 
ATOM   794  N N   . LEU B 1 8  ? 9.951   15.394  14.115  1.00 49.60  ? 8   LEU B N   1 
ATOM   795  C CA  . LEU B 1 8  ? 8.584   15.318  14.635  1.00 49.26  ? 8   LEU B CA  1 
ATOM   796  C C   . LEU B 1 8  ? 7.564   15.734  13.597  1.00 46.69  ? 8   LEU B C   1 
ATOM   797  O O   . LEU B 1 8  ? 6.569   15.032  13.421  1.00 46.63  ? 8   LEU B O   1 
ATOM   798  C CB  . LEU B 1 8  ? 8.396   16.143  15.912  1.00 48.16  ? 8   LEU B CB  1 
ATOM   799  C CG  . LEU B 1 8  ? 9.112   15.683  17.186  1.00 50.02  ? 8   LEU B CG  1 
ATOM   800  C CD1 . LEU B 1 8  ? 8.412   16.306  18.392  1.00 54.28  ? 8   LEU B CD1 1 
ATOM   801  C CD2 . LEU B 1 8  ? 9.227   14.167  17.398  1.00 52.40  ? 8   LEU B CD2 1 
ATOM   802  N N   . ALA B 1 9  ? 7.799   16.852  12.901  1.00 46.16  ? 9   ALA B N   1 
ATOM   803  C CA  . ALA B 1 9  ? 6.939   17.280  11.783  1.00 42.89  ? 9   ALA B CA  1 
ATOM   804  C C   . ALA B 1 9  ? 6.890   16.240  10.625  1.00 40.48  ? 9   ALA B C   1 
ATOM   805  O O   . ALA B 1 9  ? 5.829   15.991  10.032  1.00 35.77  ? 9   ALA B O   1 
ATOM   806  C CB  . ALA B 1 9  ? 7.396   18.625  11.249  1.00 43.98  ? 9   ALA B CB  1 
ATOM   807  N N   . LEU B 1 10 ? 8.041   15.651  10.302  1.00 37.54  ? 10  LEU B N   1 
ATOM   808  C CA  . LEU B 1 10 ? 8.105   14.650  9.243   1.00 36.10  ? 10  LEU B CA  1 
ATOM   809  C C   . LEU B 1 10 ? 7.317   13.397  9.585   1.00 34.78  ? 10  LEU B C   1 
ATOM   810  O O   . LEU B 1 10 ? 6.583   12.899  8.739   1.00 32.98  ? 10  LEU B O   1 
ATOM   811  C CB  . LEU B 1 10 ? 9.562   14.299  8.884   1.00 38.20  ? 10  LEU B CB  1 
ATOM   812  C CG  . LEU B 1 10 ? 10.284  15.432  8.139   1.00 38.91  ? 10  LEU B CG  1 
ATOM   813  C CD1 . LEU B 1 10 ? 11.790  15.199  8.119   1.00 39.78  ? 10  LEU B CD1 1 
ATOM   814  C CD2 . LEU B 1 10 ? 9.704   15.612  6.741   1.00 38.27  ? 10  LEU B CD2 1 
ATOM   815  N N   A ARG B 1 11 ? 7.475   12.890  10.802  0.50 34.49  ? 11  ARG B N   1 
ATOM   816  N N   B ARG B 1 11 ? 7.451   12.906  10.817  0.50 33.87  ? 11  ARG B N   1 
ATOM   817  C CA  A ARG B 1 11 ? 6.736   11.709  11.240  0.50 39.05  ? 11  ARG B CA  1 
ATOM   818  C CA  B ARG B 1 11 ? 6.739   11.705  11.238  0.50 38.01  ? 11  ARG B CA  1 
ATOM   819  C C   A ARG B 1 11 ? 5.226   11.921  11.324  0.50 40.30  ? 11  ARG B C   1 
ATOM   820  C C   B ARG B 1 11 ? 5.231   11.937  11.267  0.50 39.42  ? 11  ARG B C   1 
ATOM   821  O O   A ARG B 1 11 ? 4.460   10.979  11.104  0.50 38.22  ? 11  ARG B O   1 
ATOM   822  O O   B ARG B 1 11 ? 4.471   11.038  10.914  0.50 36.66  ? 11  ARG B O   1 
ATOM   823  C CB  A ARG B 1 11 ? 7.262   11.199  12.573  0.50 41.12  ? 11  ARG B CB  1 
ATOM   824  C CB  B ARG B 1 11 ? 7.225   11.192  12.601  0.50 39.45  ? 11  ARG B CB  1 
ATOM   825  C CG  A ARG B 1 11 ? 8.574   10.475  12.398  0.50 42.62  ? 11  ARG B CG  1 
ATOM   826  C CG  B ARG B 1 11 ? 8.623   10.567  12.590  0.50 40.31  ? 11  ARG B CG  1 
ATOM   827  C CD  A ARG B 1 11 ? 9.247   10.149  13.712  0.50 42.68  ? 11  ARG B CD  1 
ATOM   828  C CD  B ARG B 1 11 ? 8.694   9.230   11.844  0.50 40.18  ? 11  ARG B CD  1 
ATOM   829  N NE  A ARG B 1 11 ? 10.537  9.506   13.461  0.50 41.98  ? 11  ARG B NE  1 
ATOM   830  N NE  B ARG B 1 11 ? 9.977   8.554   12.051  0.50 39.13  ? 11  ARG B NE  1 
ATOM   831  C CZ  A ARG B 1 11 ? 11.584  9.557   14.274  0.50 41.97  ? 11  ARG B CZ  1 
ATOM   832  C CZ  B ARG B 1 11 ? 10.622  7.827   11.137  0.50 36.82  ? 11  ARG B CZ  1 
ATOM   833  N NH1 A ARG B 1 11 ? 11.513  10.216  15.429  0.50 42.22  ? 11  ARG B NH1 1 
ATOM   834  N NH1 B ARG B 1 11 ? 11.785  7.274   11.447  0.50 33.17  ? 11  ARG B NH1 1 
ATOM   835  N NH2 A ARG B 1 11 ? 12.692  8.929   13.929  0.50 42.30  ? 11  ARG B NH2 1 
ATOM   836  N NH2 B ARG B 1 11 ? 10.121  7.663   9.915   0.50 35.74  ? 11  ARG B NH2 1 
ATOM   837  N N   . GLU B 1 12 ? 4.810   13.139  11.661  1.00 41.00  ? 12  GLU B N   1 
ATOM   838  C CA  . GLU B 1 12 ? 3.396   13.512  11.614  1.00 44.52  ? 12  GLU B CA  1 
ATOM   839  C C   . GLU B 1 12 ? 2.845   13.579  10.180  1.00 38.76  ? 12  GLU B C   1 
ATOM   840  O O   . GLU B 1 12 ? 1.707   13.148  9.947   1.00 35.27  ? 12  GLU B O   1 
ATOM   841  C CB  . GLU B 1 12 ? 3.137   14.822  12.368  1.00 51.39  ? 12  GLU B CB  1 
ATOM   842  C CG  . GLU B 1 12 ? 3.141   14.691  13.897  1.00 55.97  ? 12  GLU B CG  1 
ATOM   843  C CD  . GLU B 1 12 ? 2.269   13.552  14.481  1.00 60.62  ? 12  GLU B CD  1 
ATOM   844  O OE1 . GLU B 1 12 ? 1.020   13.600  14.380  1.00 62.51  ? 12  GLU B OE1 1 
ATOM   845  O OE2 . GLU B 1 12 ? 2.840   12.597  15.074  1.00 62.94  ? 12  GLU B OE2 1 
ATOM   846  N N   . LYS B 1 13 ? 3.632   14.086  9.226   1.00 35.58  ? 13  LYS B N   1 
ATOM   847  C CA  . LYS B 1 13 ? 3.187   14.062  7.825   1.00 36.68  ? 13  LYS B CA  1 
ATOM   848  C C   . LYS B 1 13 ? 3.097   12.634  7.269   1.00 36.29  ? 13  LYS B C   1 
ATOM   849  O O   . LYS B 1 13 ? 2.234   12.355  6.437   1.00 32.14  ? 13  LYS B O   1 
ATOM   850  C CB  . LYS B 1 13 ? 4.089   14.876  6.923   1.00 38.25  ? 13  LYS B CB  1 
ATOM   851  C CG  . LYS B 1 13 ? 4.047   16.381  7.206   1.00 42.69  ? 13  LYS B CG  1 
ATOM   852  C CD  . LYS B 1 13 ? 4.875   17.045  6.121   1.00 45.91  ? 13  LYS B CD  1 
ATOM   853  C CE  . LYS B 1 13 ? 5.737   18.174  6.650   1.00 53.59  ? 13  LYS B CE  1 
ATOM   854  N NZ  . LYS B 1 13 ? 4.942   19.191  7.383   1.00 54.81  ? 13  LYS B NZ  1 
ATOM   855  N N   . ILE B 1 14 ? 4.009   11.754  7.711   1.00 36.77  ? 14  ILE B N   1 
ATOM   856  C CA  . ILE B 1 14 ? 4.005   10.331  7.300   1.00 35.90  ? 14  ILE B CA  1 
ATOM   857  C C   . ILE B 1 14 ? 2.778   9.633   7.887   1.00 34.21  ? 14  ILE B C   1 
ATOM   858  O O   . ILE B 1 14 ? 2.158   8.825   7.188   1.00 33.75  ? 14  ILE B O   1 
ATOM   859  C CB  . ILE B 1 14 ? 5.320   9.599   7.694   1.00 33.06  ? 14  ILE B CB  1 
ATOM   860  C CG1 . ILE B 1 14 ? 6.495   10.160  6.881   1.00 33.79  ? 14  ILE B CG1 1 
ATOM   861  C CG2 . ILE B 1 14 ? 5.238   8.070   7.517   1.00 33.16  ? 14  ILE B CG2 1 
ATOM   862  C CD1 . ILE B 1 14 ? 7.867   9.702   7.361   1.00 35.04  ? 14  ILE B CD1 1 
ATOM   863  N N   . SER B 1 15 ? 2.429   9.932   9.144   1.00 34.55  ? 15  SER B N   1 
ATOM   864  C CA  . SER B 1 15 ? 1.207   9.388   9.747   1.00 37.05  ? 15  SER B CA  1 
ATOM   865  C C   . SER B 1 15 ? -0.051  9.842   9.020   1.00 37.51  ? 15  SER B C   1 
ATOM   866  O O   . SER B 1 15 ? -0.966  9.057   8.814   1.00 38.51  ? 15  SER B O   1 
ATOM   867  C CB  . SER B 1 15 ? 1.089   9.758   11.222  1.00 43.67  ? 15  SER B CB  1 
ATOM   868  O OG  . SER B 1 15 ? 2.173   9.211   11.957  1.00 48.73  ? 15  SER B OG  1 
ATOM   869  N N   . ALA B 1 16 ? -0.108  11.107  8.625   1.00 35.50  ? 16  ALA B N   1 
ATOM   870  C CA  . ALA B 1 16 ? -1.247  11.603  7.824   1.00 36.14  ? 16  ALA B CA  1 
ATOM   871  C C   . ALA B 1 16 ? -1.361  10.879  6.490   1.00 34.73  ? 16  ALA B C   1 
ATOM   872  O O   . ALA B 1 16 ? -2.452  10.554  6.017   1.00 31.16  ? 16  ALA B O   1 
ATOM   873  C CB  . ALA B 1 16 ? -1.131  13.085  7.593   1.00 37.49  ? 16  ALA B CB  1 
ATOM   874  N N   . LEU B 1 17 ? -0.208  10.604  5.891   1.00 32.85  ? 17  LEU B N   1 
ATOM   875  C CA  . LEU B 1 17 ? -0.153  9.931   4.642   1.00 33.22  ? 17  LEU B CA  1 
ATOM   876  C C   . LEU B 1 17 ? -0.665  8.466   4.848   1.00 32.78  ? 17  LEU B C   1 
ATOM   877  O O   . LEU B 1 17 ? -1.478  7.966   4.040   1.00 32.52  ? 17  LEU B O   1 
ATOM   878  C CB  . LEU B 1 17 ? 1.281   10.030  4.096   1.00 34.05  ? 17  LEU B CB  1 
ATOM   879  C CG  . LEU B 1 17 ? 1.528   9.582   2.688   1.00 34.26  ? 17  LEU B CG  1 
ATOM   880  C CD1 . LEU B 1 17 ? 2.815   10.228  2.184   1.00 37.14  ? 17  LEU B CD1 1 
ATOM   881  C CD2 . LEU B 1 17 ? 1.580   8.060   2.622   1.00 35.85  ? 17  LEU B CD2 1 
ATOM   882  N N   . ASP B 1 18 ? -0.222  7.813   5.920   1.00 29.94  ? 18  ASP B N   1 
ATOM   883  C CA  . ASP B 1 18 ? -0.620  6.418   6.215   1.00 35.88  ? 18  ASP B CA  1 
ATOM   884  C C   . ASP B 1 18 ? -2.157  6.281   6.471   1.00 36.84  ? 18  ASP B C   1 
ATOM   885  O O   . ASP B 1 18 ? -2.786  5.317   6.021   1.00 28.32  ? 18  ASP B O   1 
ATOM   886  C CB  . ASP B 1 18 ? 0.237   5.831   7.355   1.00 35.89  ? 18  ASP B CB  1 
ATOM   887  C CG  . ASP B 1 18 ? 1.762   5.574   6.922   1.00 42.98  ? 18  ASP B CG  1 
ATOM   888  O OD1 . ASP B 1 18 ? 2.096   5.599   5.684   1.00 37.78  ? 18  ASP B OD1 1 
ATOM   889  O OD2 . ASP B 1 18 ? 2.646   5.313   7.807   1.00 40.30  ? 18  ASP B OD2 1 
ATOM   890  N N   . GLU B 1 19 ? -2.759  7.284   7.122   1.00 38.12  ? 19  GLU B N   1 
ATOM   891  C CA  . GLU B 1 19 ? -4.228  7.347   7.256   1.00 37.08  ? 19  GLU B CA  1 
ATOM   892  C C   . GLU B 1 19 ? -4.958  7.497   5.908   1.00 36.93  ? 19  GLU B C   1 
ATOM   893  O O   . GLU B 1 19 ? -5.964  6.830   5.680   1.00 37.18  ? 19  GLU B O   1 
ATOM   894  C CB  . GLU B 1 19 ? -4.650  8.410   8.270   1.00 42.11  ? 19  GLU B CB  1 
ATOM   895  C CG  . GLU B 1 19 ? -4.196  8.038   9.693   1.00 44.38  ? 19  GLU B CG  1 
ATOM   896  C CD  . GLU B 1 19 ? -4.697  8.966   10.822  1.00 54.77  ? 19  GLU B CD  1 
ATOM   897  O OE1 . GLU B 1 19 ? -5.791  9.576   10.687  1.00 59.75  ? 19  GLU B OE1 1 
ATOM   898  O OE2 . GLU B 1 19 ? -3.991  9.071   11.868  1.00 53.48  ? 19  GLU B OE2 1 
ATOM   899  N N   . LYS B 1 20 ? -4.433  8.299   4.987   1.00 31.23  ? 20  LYS B N   1 
ATOM   900  C CA  . LYS B 1 20 ? -4.968  8.336   3.648   1.00 32.50  ? 20  LYS B CA  1 
ATOM   901  C C   . LYS B 1 20 ? -4.828  7.011   2.910   1.00 31.10  ? 20  LYS B C   1 
ATOM   902  O O   . LYS B 1 20 ? -5.679  6.654   2.080   1.00 26.50  ? 20  LYS B O   1 
ATOM   903  C CB  . LYS B 1 20 ? -4.294  9.417   2.785   1.00 35.31  ? 20  LYS B CB  1 
ATOM   904  C CG  . LYS B 1 20 ? -4.610  10.833  3.226   1.00 38.67  ? 20  LYS B CG  1 
ATOM   905  C CD  . LYS B 1 20 ? -3.933  11.841  2.316   1.00 42.56  ? 20  LYS B CD  1 
ATOM   906  C CE  . LYS B 1 20 ? -3.885  13.212  2.950   1.00 46.02  ? 20  LYS B CE  1 
ATOM   907  N NZ  . LYS B 1 20 ? -3.110  14.137  2.084   1.00 48.87  ? 20  LYS B NZ  1 
ATOM   908  N N   . LEU B 1 21 ? -3.720  6.305   3.142   1.00 30.48  ? 21  LEU B N   1 
ATOM   909  C CA  . LEU B 1 21 ? -3.560  4.978   2.500   1.00 29.10  ? 21  LEU B CA  1 
ATOM   910  C C   . LEU B 1 21 ? -4.616  4.017   2.970   1.00 26.79  ? 21  LEU B C   1 
ATOM   911  O O   . LEU B 1 21 ? -5.177  3.309   2.147   1.00 26.15  ? 21  LEU B O   1 
ATOM   912  C CB  . LEU B 1 21 ? -2.156  4.381   2.702   1.00 28.62  ? 21  LEU B CB  1 
ATOM   913  C CG  . LEU B 1 21 ? -1.018  5.058   1.937   1.00 29.49  ? 21  LEU B CG  1 
ATOM   914  C CD1 . LEU B 1 21 ? 0.275   4.433   2.459   1.00 29.57  ? 21  LEU B CD1 1 
ATOM   915  C CD2 . LEU B 1 21 ? -1.146  4.901   0.424   1.00 30.30  ? 21  LEU B CD2 1 
ATOM   916  N N   . LEU B 1 22 ? -4.882  4.013   4.276   1.00 28.18  ? 22  LEU B N   1 
ATOM   917  C CA  . LEU B 1 22 ? -5.869  3.130   4.892   1.00 32.17  ? 22  LEU B CA  1 
ATOM   918  C C   . LEU B 1 22 ? -7.270  3.380   4.353   1.00 34.92  ? 22  LEU B C   1 
ATOM   919  O O   . LEU B 1 22 ? -8.005  2.426   4.038   1.00 31.56  ? 22  LEU B O   1 
ATOM   920  C CB  . LEU B 1 22 ? -5.902  3.280   6.399   1.00 33.10  ? 22  LEU B CB  1 
ATOM   921  C CG  . LEU B 1 22 ? -4.706  2.736   7.192   1.00 33.39  ? 22  LEU B CG  1 
ATOM   922  C CD1 . LEU B 1 22 ? -4.970  3.016   8.654   1.00 32.77  ? 22  LEU B CD1 1 
ATOM   923  C CD2 . LEU B 1 22 ? -4.476  1.222   6.989   1.00 30.26  ? 22  LEU B CD2 1 
ATOM   924  N N   . ALA B 1 23 ? -7.616  4.660   4.225   1.00 32.56  ? 23  ALA B N   1 
ATOM   925  C CA  . ALA B 1 23 ? -8.879  5.050   3.616   1.00 33.49  ? 23  ALA B CA  1 
ATOM   926  C C   . ALA B 1 23 ? -9.002  4.552   2.183   1.00 33.86  ? 23  ALA B C   1 
ATOM   927  O O   . ALA B 1 23 ? -10.060 4.084   1.778   1.00 34.04  ? 23  ALA B O   1 
ATOM   928  C CB  . ALA B 1 23 ? -9.070  6.550   3.685   1.00 32.76  ? 23  ALA B CB  1 
ATOM   929  N N   . LEU B 1 24 ? -7.926  4.631   1.415   1.00 29.94  ? 24  LEU B N   1 
ATOM   930  C CA  . LEU B 1 24 ? -7.981  4.102   0.050   1.00 32.30  ? 24  LEU B CA  1 
ATOM   931  C C   . LEU B 1 24 ? -8.031  2.571   -0.022  1.00 29.27  ? 24  LEU B C   1 
ATOM   932  O O   . LEU B 1 24 ? -8.705  2.027   -0.916  1.00 28.84  ? 24  LEU B O   1 
ATOM   933  C CB  . LEU B 1 24 ? -6.860  4.655   -0.813  1.00 32.93  ? 24  LEU B CB  1 
ATOM   934  C CG  . LEU B 1 24 ? -7.029  6.145   -1.137  1.00 34.84  ? 24  LEU B CG  1 
ATOM   935  C CD1 . LEU B 1 24 ? -5.738  6.667   -1.751  1.00 39.23  ? 24  LEU B CD1 1 
ATOM   936  C CD2 . LEU B 1 24 ? -8.243  6.453   -2.012  1.00 38.22  ? 24  LEU B CD2 1 
ATOM   937  N N   . PHE B 1 25 ? -7.333  1.897   0.900   1.00 29.43  ? 25  PHE B N   1 
ATOM   938  C CA  . PHE B 1 25 ? -7.426  0.432   1.049   1.00 28.09  ? 25  PHE B CA  1 
ATOM   939  C C   . PHE B 1 25 ? -8.909  0.021   1.281   1.00 30.48  ? 25  PHE B C   1 
ATOM   940  O O   . PHE B 1 25 ? -9.444  -0.889  0.614   1.00 30.95  ? 25  PHE B O   1 
ATOM   941  C CB  . PHE B 1 25 ? -6.524  -0.060  2.191   1.00 28.00  ? 25  PHE B CB  1 
ATOM   942  C CG  . PHE B 1 25 ? -5.024  0.067   1.927   1.00 28.10  ? 25  PHE B CG  1 
ATOM   943  C CD1 . PHE B 1 25 ? -4.493  0.243   0.658   1.00 27.61  ? 25  PHE B CD1 1 
ATOM   944  C CD2 . PHE B 1 25 ? -4.140  0.004   2.986   1.00 32.84  ? 25  PHE B CD2 1 
ATOM   945  C CE1 . PHE B 1 25 ? -3.118  0.307   0.450   1.00 28.72  ? 25  PHE B CE1 1 
ATOM   946  C CE2 . PHE B 1 25 ? -2.761  0.117   2.785   1.00 29.12  ? 25  PHE B CE2 1 
ATOM   947  C CZ  . PHE B 1 25 ? -2.267  0.249   1.518   1.00 30.09  ? 25  PHE B CZ  1 
ATOM   948  N N   . ALA B 1 26 ? -9.560  0.734   2.210   1.00 31.08  ? 26  ALA B N   1 
ATOM   949  C CA  . ALA B 1 26 ? -10.978 0.504   2.507   1.00 30.72  ? 26  ALA B CA  1 
ATOM   950  C C   . ALA B 1 26 ? -11.852 0.695   1.266   1.00 32.41  ? 26  ALA B C   1 
ATOM   951  O O   . ALA B 1 26 ? -12.674 -0.172  0.932   1.00 33.88  ? 26  ALA B O   1 
ATOM   952  C CB  . ALA B 1 26 ? -11.457 1.368   3.648   1.00 30.80  ? 26  ALA B CB  1 
ATOM   953  N N   . GLU B 1 27 ? -11.652 1.808   0.566   1.00 33.12  ? 27  GLU B N   1 
ATOM   954  C CA  . GLU B 1 27 ? -12.366 2.036   -0.694  1.00 34.58  ? 27  GLU B CA  1 
ATOM   955  C C   . GLU B 1 27 ? -12.086 0.940   -1.740  1.00 33.74  ? 27  GLU B C   1 
ATOM   956  O O   . GLU B 1 27 ? -13.015 0.503   -2.469  1.00 30.13  ? 27  GLU B O   1 
ATOM   957  C CB  . GLU B 1 27 ? -12.012 3.428   -1.224  1.00 40.35  ? 27  GLU B CB  1 
ATOM   958  C CG  . GLU B 1 27 ? -12.848 3.983   -2.336  1.00 49.84  ? 27  GLU B CG  1 
ATOM   959  C CD  . GLU B 1 27 ? -12.427 5.421   -2.708  1.00 57.75  ? 27  GLU B CD  1 
ATOM   960  O OE1 . GLU B 1 27 ? -11.910 6.188   -1.840  1.00 60.64  ? 27  GLU B OE1 1 
ATOM   961  O OE2 . GLU B 1 27 ? -12.612 5.787   -3.888  1.00 58.30  ? 27  GLU B OE2 1 
ATOM   962  N N   . ARG B 1 28 ? -10.827 0.487   -1.821  1.00 31.28  ? 28  ARG B N   1 
ATOM   963  C CA  . ARG B 1 28 ? -10.466 -0.548  -2.794  1.00 31.93  ? 28  ARG B CA  1 
ATOM   964  C C   . ARG B 1 28 ? -11.201 -1.888  -2.484  1.00 31.01  ? 28  ARG B C   1 
ATOM   965  O O   . ARG B 1 28 ? -11.667 -2.565  -3.402  1.00 27.67  ? 28  ARG B O   1 
ATOM   966  C CB  . ARG B 1 28 ? -8.942  -0.751  -2.868  1.00 31.88  ? 28  ARG B CB  1 
ATOM   967  C CG  . ARG B 1 28 ? -8.464  -1.487  -4.103  1.00 33.30  ? 28  ARG B CG  1 
ATOM   968  C CD  . ARG B 1 28 ? -6.924  -1.609  -4.113  1.00 36.87  ? 28  ARG B CD  1 
ATOM   969  N NE  . ARG B 1 28 ? -6.409  -1.983  -5.437  1.00 37.92  ? 28  ARG B NE  1 
ATOM   970  C CZ  . ARG B 1 28 ? -6.450  -3.207  -5.961  1.00 46.99  ? 28  ARG B CZ  1 
ATOM   971  N NH1 . ARG B 1 28 ? -6.972  -4.237  -5.271  1.00 45.89  ? 28  ARG B NH1 1 
ATOM   972  N NH2 . ARG B 1 28 ? -5.959  -3.411  -7.186  1.00 43.03  ? 28  ARG B NH2 1 
ATOM   973  N N   . ARG B 1 29 ? -11.327 -2.209  -1.198  1.00 30.26  ? 29  ARG B N   1 
ATOM   974  C CA  . ARG B 1 29 ? -12.080 -3.372  -0.774  1.00 35.20  ? 29  ARG B CA  1 
ATOM   975  C C   . ARG B 1 29 ? -13.593 -3.299  -1.141  1.00 31.94  ? 29  ARG B C   1 
ATOM   976  O O   . ARG B 1 29 ? -14.149 -4.287  -1.636  1.00 33.33  ? 29  ARG B O   1 
ATOM   977  C CB  . ARG B 1 29 ? -11.935 -3.612  0.723   1.00 38.44  ? 29  ARG B CB  1 
ATOM   978  C CG  . ARG B 1 29 ? -12.780 -4.790  1.200   1.00 44.10  ? 29  ARG B CG  1 
ATOM   979  C CD  . ARG B 1 29 ? -12.408 -5.363  2.520   1.00 50.64  ? 29  ARG B CD  1 
ATOM   980  N NE  . ARG B 1 29 ? -12.861 -6.747  2.494   1.00 56.24  ? 29  ARG B NE  1 
ATOM   981  C CZ  . ARG B 1 29 ? -13.348 -7.421  3.516   1.00 57.75  ? 29  ARG B CZ  1 
ATOM   982  N NH1 . ARG B 1 29 ? -13.412 -6.892  4.738   1.00 61.76  ? 29  ARG B NH1 1 
ATOM   983  N NH2 . ARG B 1 29 ? -13.750 -8.669  3.308   1.00 54.62  ? 29  ARG B NH2 1 
ATOM   984  N N   . GLU B 1 30 ? -14.226 -2.150  -0.919  1.00 35.41  ? 30  GLU B N   1 
ATOM   985  C CA  . GLU B 1 30 ? -15.636 -1.937  -1.351  1.00 34.88  ? 30  GLU B CA  1 
ATOM   986  C C   . GLU B 1 30 ? -15.802 -2.175  -2.862  1.00 37.73  ? 30  GLU B C   1 
ATOM   987  O O   . GLU B 1 30 ? -16.728 -2.863  -3.317  1.00 34.94  ? 30  GLU B O   1 
ATOM   988  C CB  . GLU B 1 30 ? -16.098 -0.511  -1.044  1.00 34.58  ? 30  GLU B CB  1 
ATOM   989  C CG  . GLU B 1 30 ? -16.068 -0.130  0.430   1.00 40.56  ? 30  GLU B CG  1 
ATOM   990  N N   . LEU B 1 31 ? -14.878 -1.627  -3.637  1.00 36.60  ? 31  LEU B N   1 
ATOM   991  C CA  . LEU B 1 31 ? -14.857 -1.895  -5.067  1.00 34.78  ? 31  LEU B CA  1 
ATOM   992  C C   . LEU B 1 31 ? -14.667 -3.359  -5.437  1.00 32.20  ? 31  LEU B C   1 
ATOM   993  O O   . LEU B 1 31 ? -15.274 -3.804  -6.411  1.00 32.07  ? 31  LEU B O   1 
ATOM   994  C CB  . LEU B 1 31 ? -13.808 -1.025  -5.758  1.00 35.44  ? 31  LEU B CB  1 
ATOM   995  C CG  . LEU B 1 31 ? -14.179 0.470   -5.737  1.00 36.01  ? 31  LEU B CG  1 
ATOM   996  C CD1 . LEU B 1 31 ? -12.962 1.272   -6.172  1.00 39.29  ? 31  LEU B CD1 1 
ATOM   997  C CD2 . LEU B 1 31 ? -15.326 0.770   -6.669  1.00 37.72  ? 31  LEU B CD2 1 
ATOM   998  N N   . ALA B 1 32 ? -13.829 -4.095  -4.695  1.00 31.06  ? 32  ALA B N   1 
ATOM   999  C CA  . ALA B 1 32 ? -13.640 -5.533  -4.928  1.00 32.81  ? 32  ALA B CA  1 
ATOM   1000 C C   . ALA B 1 32 ? -14.985 -6.292  -4.774  1.00 29.31  ? 32  ALA B C   1 
ATOM   1001 O O   . ALA B 1 32 ? -15.315 -7.154  -5.583  1.00 30.75  ? 32  ALA B O   1 
ATOM   1002 C CB  . ALA B 1 32 ? -12.606 -6.118  -3.978  1.00 31.55  ? 32  ALA B CB  1 
ATOM   1003 N N   . VAL B 1 33 ? -15.731 -5.936  -3.732  1.00 30.95  ? 33  VAL B N   1 
ATOM   1004 C CA  . VAL B 1 33 ? -17.066 -6.502  -3.502  1.00 34.40  ? 33  VAL B CA  1 
ATOM   1005 C C   . VAL B 1 33 ? -17.988 -6.239  -4.701  1.00 31.55  ? 33  VAL B C   1 
ATOM   1006 O O   . VAL B 1 33 ? -18.662 -7.171  -5.182  1.00 29.97  ? 33  VAL B O   1 
ATOM   1007 C CB  . VAL B 1 33 ? -17.677 -6.038  -2.166  1.00 34.09  ? 33  VAL B CB  1 
ATOM   1008 C CG1 . VAL B 1 33 ? -19.127 -6.570  -2.024  1.00 39.43  ? 33  VAL B CG1 1 
ATOM   1009 C CG2 . VAL B 1 33 ? -16.849 -6.532  -1.016  1.00 33.62  ? 33  VAL B CG2 1 
ATOM   1010 N N   . GLU B 1 34 ? -17.967 -5.004  -5.206  1.00 34.85  ? 34  GLU B N   1 
ATOM   1011 C CA  . GLU B 1 34 ? -18.787 -4.619  -6.370  1.00 37.31  ? 34  GLU B CA  1 
ATOM   1012 C C   . GLU B 1 34 ? -18.386 -5.368  -7.630  1.00 35.53  ? 34  GLU B C   1 
ATOM   1013 O O   . GLU B 1 34 ? -19.249 -5.763  -8.405  1.00 33.70  ? 34  GLU B O   1 
ATOM   1014 C CB  . GLU B 1 34 ? -18.688 -3.125  -6.675  1.00 40.06  ? 34  GLU B CB  1 
ATOM   1015 C CG  . GLU B 1 34 ? -19.188 -2.183  -5.621  1.00 47.24  ? 34  GLU B CG  1 
ATOM   1016 C CD  . GLU B 1 34 ? -20.658 -2.374  -5.263  1.00 56.21  ? 34  GLU B CD  1 
ATOM   1017 O OE1 . GLU B 1 34 ? -21.480 -2.787  -6.125  1.00 58.54  ? 34  GLU B OE1 1 
ATOM   1018 O OE2 . GLU B 1 34 ? -20.986 -2.080  -4.089  1.00 62.39  ? 34  GLU B OE2 1 
ATOM   1019 N N   . VAL B 1 35 ? -17.081 -5.573  -7.826  1.00 34.37  ? 35  VAL B N   1 
ATOM   1020 C CA  . VAL B 1 35 ? -16.568 -6.365  -8.931  1.00 31.14  ? 35  VAL B CA  1 
ATOM   1021 C C   . VAL B 1 35 ? -17.042 -7.812  -8.786  1.00 32.94  ? 35  VAL B C   1 
ATOM   1022 O O   . VAL B 1 35 ? -17.488 -8.419  -9.761  1.00 35.79  ? 35  VAL B O   1 
ATOM   1023 C CB  . VAL B 1 35 ? -15.013 -6.335  -8.989  1.00 32.39  ? 35  VAL B CB  1 
ATOM   1024 C CG1 . VAL B 1 35 ? -14.439 -7.378  -9.954  1.00 34.08  ? 35  VAL B CG1 1 
ATOM   1025 C CG2 . VAL B 1 35 ? -14.512 -4.951  -9.372  1.00 35.99  ? 35  VAL B CG2 1 
ATOM   1026 N N   . GLY B 1 36 ? -16.892 -8.386  -7.596  1.00 31.89  ? 36  GLY B N   1 
ATOM   1027 C CA  . GLY B 1 36 ? -17.379 -9.750  -7.343  1.00 33.98  ? 36  GLY B CA  1 
ATOM   1028 C C   . GLY B 1 36 ? -18.879 -9.897  -7.709  1.00 29.67  ? 36  GLY B C   1 
ATOM   1029 O O   . GLY B 1 36 ? -19.286 -10.842 -8.424  1.00 30.64  ? 36  GLY B O   1 
ATOM   1030 N N   . LYS B 1 37 ? -19.688 -8.958  -7.241  1.00 30.81  ? 37  LYS B N   1 
ATOM   1031 C CA  . LYS B 1 37 ? -21.125 -8.949  -7.591  1.00 37.64  ? 37  LYS B CA  1 
ATOM   1032 C C   . LYS B 1 37 ? -21.372 -8.877  -9.087  1.00 36.03  ? 37  LYS B C   1 
ATOM   1033 O O   . LYS B 1 37 ? -22.129 -9.682  -9.629  1.00 37.62  ? 37  LYS B O   1 
ATOM   1034 C CB  . LYS B 1 37 ? -21.908 -7.876  -6.815  1.00 39.29  ? 37  LYS B CB  1 
ATOM   1035 C CG  . LYS B 1 37 ? -21.917 -8.243  -5.332  1.00 48.53  ? 37  LYS B CG  1 
ATOM   1036 C CD  . LYS B 1 37 ? -22.953 -7.544  -4.460  1.00 58.69  ? 37  LYS B CD  1 
ATOM   1037 C CE  . LYS B 1 37 ? -22.686 -7.923  -3.001  1.00 63.22  ? 37  LYS B CE  1 
ATOM   1038 N NZ  . LYS B 1 37 ? -23.922 -8.152  -2.174  1.00 69.40  ? 37  LYS B NZ  1 
ATOM   1039 N N   . ALA B 1 38 ? -20.696 -7.957  -9.752  1.00 35.78  ? 38  ALA B N   1 
ATOM   1040 C CA  . ALA B 1 38 ? -20.867 -7.780  -11.193 1.00 39.54  ? 38  ALA B CA  1 
ATOM   1041 C C   . ALA B 1 38 ? -20.448 -9.002  -11.964 1.00 42.33  ? 38  ALA B C   1 
ATOM   1042 O O   . ALA B 1 38 ? -21.113 -9.357  -12.942 1.00 38.91  ? 38  ALA B O   1 
ATOM   1043 C CB  . ALA B 1 38 ? -20.127 -6.560  -11.701 1.00 40.62  ? 38  ALA B CB  1 
ATOM   1044 N N   . LYS B 1 39 ? -19.372 -9.657  -11.536 1.00 46.79  ? 39  LYS B N   1 
ATOM   1045 C CA  . LYS B 1 39 ? -18.943 -10.915 -12.162 1.00 49.02  ? 39  LYS B CA  1 
ATOM   1046 C C   . LYS B 1 39 ? -19.998 -12.027 -12.042 1.00 48.26  ? 39  LYS B C   1 
ATOM   1047 O O   . LYS B 1 39 ? -20.270 -12.749 -13.018 1.00 52.59  ? 39  LYS B O   1 
ATOM   1048 C CB  . LYS B 1 39 ? -17.627 -11.416 -11.565 1.00 48.54  ? 39  LYS B CB  1 
ATOM   1049 C CG  . LYS B 1 39 ? -16.407 -10.660 -12.037 1.00 50.53  ? 39  LYS B CG  1 
ATOM   1050 C CD  . LYS B 1 39 ? -15.158 -11.167 -11.314 1.00 54.28  ? 39  LYS B CD  1 
ATOM   1051 C CE  . LYS B 1 39 ? -13.882 -10.478 -11.786 1.00 54.68  ? 39  LYS B CE  1 
ATOM   1052 N NZ  . LYS B 1 39 ? -12.750 -10.751 -10.869 1.00 55.87  ? 39  LYS B NZ  1 
ATOM   1053 N N   . LEU B 1 40 ? -20.573 -12.149 -10.848 1.00 44.76  ? 40  LEU B N   1 
ATOM   1054 C CA  . LEU B 1 40 ? -21.619 -13.093 -10.597 1.00 49.24  ? 40  LEU B CA  1 
ATOM   1055 C C   . LEU B 1 40 ? -22.827 -12.828 -11.513 1.00 56.17  ? 40  LEU B C   1 
ATOM   1056 O O   . LEU B 1 40 ? -23.326 -13.770 -12.145 1.00 56.29  ? 40  LEU B O   1 
ATOM   1057 C CB  . LEU B 1 40 ? -22.071 -13.049 -9.137  1.00 49.94  ? 40  LEU B CB  1 
ATOM   1058 C CG  . LEU B 1 40 ? -21.332 -13.918 -8.146  1.00 54.62  ? 40  LEU B CG  1 
ATOM   1059 C CD1 . LEU B 1 40 ? -21.879 -13.643 -6.757  1.00 57.70  ? 40  LEU B CD1 1 
ATOM   1060 C CD2 . LEU B 1 40 ? -21.463 -15.386 -8.536  1.00 57.82  ? 40  LEU B CD2 1 
ATOM   1061 N N   . LEU B 1 41 ? -23.274 -11.562 -11.577 1.00 55.23  ? 41  LEU B N   1 
ATOM   1062 C CA  . LEU B 1 41 ? -24.364 -11.160 -12.485 1.00 60.69  ? 41  LEU B CA  1 
ATOM   1063 C C   . LEU B 1 41 ? -24.045 -11.386 -13.983 1.00 66.01  ? 41  LEU B C   1 
ATOM   1064 O O   . LEU B 1 41 ? -24.942 -11.695 -14.771 1.00 70.96  ? 41  LEU B O   1 
ATOM   1065 C CB  . LEU B 1 41 ? -24.716 -9.677  -12.300 1.00 57.51  ? 41  LEU B CB  1 
ATOM   1066 C CG  . LEU B 1 41 ? -25.312 -9.244  -10.984 1.00 60.54  ? 41  LEU B CG  1 
ATOM   1067 C CD1 . LEU B 1 41 ? -25.156 -7.743  -10.789 1.00 60.68  ? 41  LEU B CD1 1 
ATOM   1068 C CD2 . LEU B 1 41 ? -26.761 -9.659  -10.926 1.00 63.06  ? 41  LEU B CD2 1 
ATOM   1069 N N   . SER B 1 42 ? -22.776 -11.206 -14.350 1.00 70.69  ? 42  SER B N   1 
ATOM   1070 C CA  . SER B 1 42 ? -22.323 -11.272 -15.732 1.00 76.30  ? 42  SER B CA  1 
ATOM   1071 C C   . SER B 1 42 ? -21.837 -12.641 -16.158 1.00 85.48  ? 42  SER B C   1 
ATOM   1072 O O   . SER B 1 42 ? -21.476 -12.785 -17.323 1.00 87.96  ? 42  SER B O   1 
ATOM   1073 C CB  . SER B 1 42 ? -21.161 -10.290 -15.952 1.00 81.57  ? 42  SER B CB  1 
ATOM   1074 O OG  . SER B 1 42 ? -21.593 -8.946  -15.831 1.00 89.67  ? 42  SER B OG  1 
ATOM   1075 N N   . HIS B 1 43 ? -21.789 -13.627 -15.246 1.00 92.07  ? 43  HIS B N   1 
ATOM   1076 C CA  . HIS B 1 43 ? -21.121 -14.914 -15.512 1.00 90.49  ? 43  HIS B CA  1 
ATOM   1077 C C   . HIS B 1 43 ? -19.670 -14.809 -16.050 1.00 89.75  ? 43  HIS B C   1 
ATOM   1078 O O   . HIS B 1 43 ? -19.279 -15.522 -16.987 1.00 91.42  ? 43  HIS B O   1 
ATOM   1079 C CB  . HIS B 1 43 ? -21.976 -15.788 -16.452 1.00 94.85  ? 43  HIS B CB  1 
ATOM   1080 C CG  . HIS B 1 43 ? -23.152 -16.402 -15.777 1.00 96.08  ? 43  HIS B CG  1 
ATOM   1081 N ND1 . HIS B 1 43 ? -24.454 -16.043 -16.050 1.00 95.55  ? 43  HIS B ND1 1 
ATOM   1082 C CD2 . HIS B 1 43 ? -23.213 -17.370 -14.837 1.00 96.02  ? 43  HIS B CD2 1 
ATOM   1083 C CE1 . HIS B 1 43 ? -25.269 -16.768 -15.303 1.00 99.20  ? 43  HIS B CE1 1 
ATOM   1084 N NE2 . HIS B 1 43 ? -24.541 -17.583 -14.559 1.00 96.55  ? 43  HIS B NE2 1 
ATOM   1085 N N   . ARG B 1 44 ? -18.881 -13.928 -15.436 1.00 85.94  ? 44  ARG B N   1 
ATOM   1086 C CA  . ARG B 1 44 ? -17.409 -14.050 -15.480 1.00 89.83  ? 44  ARG B CA  1 
ATOM   1087 C C   . ARG B 1 44 ? -16.988 -14.820 -14.212 1.00 100.29 ? 44  ARG B C   1 
ATOM   1088 O O   . ARG B 1 44 ? -17.588 -14.629 -13.157 1.00 111.12 ? 44  ARG B O   1 
ATOM   1089 C CB  . ARG B 1 44 ? -16.738 -12.672 -15.516 1.00 86.42  ? 44  ARG B CB  1 
ATOM   1090 C CG  . ARG B 1 44 ? -16.483 -12.107 -16.912 1.00 85.00  ? 44  ARG B CG  1 
ATOM   1091 C CD  . ARG B 1 44 ? -17.605 -11.204 -17.390 1.00 81.88  ? 44  ARG B CD  1 
ATOM   1092 N NE  . ARG B 1 44 ? -17.268 -10.558 -18.660 1.00 80.19  ? 44  ARG B NE  1 
ATOM   1093 C CZ  . ARG B 1 44 ? -17.903 -9.501  -19.182 1.00 76.35  ? 44  ARG B CZ  1 
ATOM   1094 N NH1 . ARG B 1 44 ? -17.498 -9.011  -20.347 1.00 77.89  ? 44  ARG B NH1 1 
ATOM   1095 N NH2 . ARG B 1 44 ? -18.927 -8.917  -18.559 1.00 73.15  ? 44  ARG B NH2 1 
ATOM   1096 N N   . PRO B 1 45 ? -15.962 -15.690 -14.299 1.00 105.64 ? 45  PRO B N   1 
ATOM   1097 C CA  . PRO B 1 45 ? -15.449 -16.295 -13.059 1.00 107.45 ? 45  PRO B CA  1 
ATOM   1098 C C   . PRO B 1 45 ? -14.806 -15.276 -12.106 1.00 105.84 ? 45  PRO B C   1 
ATOM   1099 O O   . PRO B 1 45 ? -14.273 -14.249 -12.559 1.00 102.16 ? 45  PRO B O   1 
ATOM   1100 C CB  . PRO B 1 45 ? -14.411 -17.316 -13.554 1.00 109.08 ? 45  PRO B CB  1 
ATOM   1101 C CG  . PRO B 1 45 ? -14.063 -16.885 -14.932 1.00 110.99 ? 45  PRO B CG  1 
ATOM   1102 C CD  . PRO B 1 45 ? -15.309 -16.260 -15.488 1.00 109.28 ? 45  PRO B CD  1 
ATOM   1103 N N   . VAL B 1 46 ? -14.854 -15.590 -10.805 1.00 100.90 ? 46  VAL B N   1 
ATOM   1104 C CA  . VAL B 1 46 ? -14.411 -14.675 -9.750  1.00 94.56  ? 46  VAL B CA  1 
ATOM   1105 C C   . VAL B 1 46 ? -12.920 -14.402 -9.846  1.00 84.93  ? 46  VAL B C   1 
ATOM   1106 O O   . VAL B 1 46 ? -12.495 -13.272 -9.772  1.00 91.98  ? 46  VAL B O   1 
ATOM   1107 C CB  . VAL B 1 46 ? -14.703 -15.231 -8.342  1.00 87.24  ? 46  VAL B CB  1 
ATOM   1108 N N   . ARG B 1 47 ? -12.128 -15.455 -10.042 1.00 77.82  ? 47  ARG B N   1 
ATOM   1109 C CA  . ARG B 1 47 ? -10.712 -15.318 -10.366 1.00 75.92  ? 47  ARG B CA  1 
ATOM   1110 C C   . ARG B 1 47 ? -10.470 -15.114 -11.860 1.00 72.05  ? 47  ARG B C   1 
ATOM   1111 O O   . ARG B 1 47 ? -11.091 -15.780 -12.687 1.00 62.01  ? 47  ARG B O   1 
ATOM   1112 C CB  . ARG B 1 47 ? -9.955  -16.548 -9.907  1.00 75.18  ? 47  ARG B CB  1 
ATOM   1113 C CG  . ARG B 1 47 ? -9.833  -16.612 -8.398  1.00 74.60  ? 47  ARG B CG  1 
ATOM   1114 C CD  . ARG B 1 47 ? -8.506  -17.172 -7.989  1.00 72.00  ? 47  ARG B CD  1 
ATOM   1115 N NE  . ARG B 1 47 ? -7.369  -16.280 -8.258  1.00 69.96  ? 47  ARG B NE  1 
ATOM   1116 C CZ  . ARG B 1 47 ? -6.133  -16.532 -7.831  1.00 67.19  ? 47  ARG B CZ  1 
ATOM   1117 N NH1 . ARG B 1 47 ? -5.893  -17.641 -7.118  1.00 63.76  ? 47  ARG B NH1 1 
ATOM   1118 N NH2 . ARG B 1 47 ? -5.142  -15.699 -8.094  1.00 63.30  ? 47  ARG B NH2 1 
ATOM   1119 N N   . ASP B 1 48 ? -9.556  -14.194 -12.182 1.00 64.01  ? 48  ASP B N   1 
ATOM   1120 C CA  . ASP B 1 48 ? -8.965  -14.133 -13.515 1.00 62.58  ? 48  ASP B CA  1 
ATOM   1121 C C   . ASP B 1 48 ? -7.480  -13.911 -13.314 1.00 58.97  ? 48  ASP B C   1 
ATOM   1122 O O   . ASP B 1 48 ? -7.050  -12.775 -13.185 1.00 60.89  ? 48  ASP B O   1 
ATOM   1123 C CB  . ASP B 1 48 ? -9.614  -13.025 -14.345 1.00 58.62  ? 48  ASP B CB  1 
ATOM   1124 N N   . ILE B 1 49 ? -6.707  -15.000 -13.275 1.00 59.01  ? 49  ILE B N   1 
ATOM   1125 C CA  . ILE B 1 49 ? -5.265  -14.927 -12.987 1.00 62.88  ? 49  ILE B CA  1 
ATOM   1126 C C   . ILE B 1 49 ? -4.450  -14.199 -14.054 1.00 60.11  ? 49  ILE B C   1 
ATOM   1127 O O   . ILE B 1 49 ? -3.387  -13.632 -13.752 1.00 59.69  ? 49  ILE B O   1 
ATOM   1128 C CB  . ILE B 1 49 ? -4.649  -16.321 -12.648 1.00 68.42  ? 49  ILE B CB  1 
ATOM   1129 C CG1 . ILE B 1 49 ? -3.235  -16.172 -12.045 1.00 70.54  ? 49  ILE B CG1 1 
ATOM   1130 C CG2 . ILE B 1 49 ? -4.614  -17.228 -13.872 1.00 71.97  ? 49  ILE B CG2 1 
ATOM   1131 C CD1 . ILE B 1 49 ? -2.612  -17.463 -11.558 1.00 75.97  ? 49  ILE B CD1 1 
ATOM   1132 N N   . ASP B 1 50 ? -4.933  -14.217 -15.299 1.00 59.38  ? 50  ASP B N   1 
ATOM   1133 C CA  . ASP B 1 50 ? -4.300  -13.424 -16.364 1.00 57.33  ? 50  ASP B CA  1 
ATOM   1134 C C   . ASP B 1 50 ? -4.505  -11.927 -16.119 1.00 49.24  ? 50  ASP B C   1 
ATOM   1135 O O   . ASP B 1 50 ? -3.596  -11.127 -16.339 1.00 47.18  ? 50  ASP B O   1 
ATOM   1136 C CB  . ASP B 1 50 ? -4.854  -13.806 -17.727 1.00 57.00  ? 50  ASP B CB  1 
ATOM   1137 N N   . ARG B 1 51 ? -5.707  -11.552 -15.696 1.00 48.34  ? 51  ARG B N   1 
ATOM   1138 C CA  . ARG B 1 51 ? -5.991  -10.162 -15.346 1.00 55.49  ? 51  ARG B CA  1 
ATOM   1139 C C   . ARG B 1 51 ? -5.088  -9.698  -14.202 1.00 52.17  ? 51  ARG B C   1 
ATOM   1140 O O   . ARG B 1 51 ? -4.469  -8.647  -14.288 1.00 52.04  ? 51  ARG B O   1 
ATOM   1141 C CB  . ARG B 1 51 ? -7.461  -9.972  -14.956 1.00 61.01  ? 51  ARG B CB  1 
ATOM   1142 C CG  . ARG B 1 51 ? -7.842  -8.492  -14.883 1.00 67.35  ? 51  ARG B CG  1 
ATOM   1143 C CD  . ARG B 1 51 ? -9.197  -8.223  -14.228 1.00 80.39  ? 51  ARG B CD  1 
ATOM   1144 N NE  . ARG B 1 51 ? -9.239  -6.896  -13.581 1.00 87.61  ? 51  ARG B NE  1 
ATOM   1145 C CZ  . ARG B 1 51 ? -8.696  -6.597  -12.397 1.00 87.52  ? 51  ARG B CZ  1 
ATOM   1146 N NH1 . ARG B 1 51 ? -8.807  -5.355  -11.920 1.00 91.89  ? 51  ARG B NH1 1 
ATOM   1147 N NH2 . ARG B 1 51 ? -8.036  -7.518  -11.686 1.00 90.01  ? 51  ARG B NH2 1 
ATOM   1148 N N   . GLU B 1 52 ? -5.016  -10.505 -13.147 1.00 50.99  ? 52  GLU B N   1 
ATOM   1149 C CA  . GLU B 1 52 ? -4.167  -10.210 -11.986 1.00 51.96  ? 52  GLU B CA  1 
ATOM   1150 C C   . GLU B 1 52 ? -2.700  -9.977  -12.388 1.00 52.45  ? 52  GLU B C   1 
ATOM   1151 O O   . GLU B 1 52 ? -2.110  -8.965  -12.006 1.00 47.97  ? 52  GLU B O   1 
ATOM   1152 C CB  . GLU B 1 52 ? -4.243  -11.351 -10.966 1.00 48.82  ? 52  GLU B CB  1 
ATOM   1153 C CG  . GLU B 1 52 ? -5.588  -11.542 -10.298 1.00 49.94  ? 52  GLU B CG  1 
ATOM   1154 C CD  . GLU B 1 52 ? -5.678  -12.858 -9.536  1.00 53.58  ? 52  GLU B CD  1 
ATOM   1155 O OE1 . GLU B 1 52 ? -6.742  -13.535 -9.666  1.00 52.56  ? 52  GLU B OE1 1 
ATOM   1156 O OE2 . GLU B 1 52 ? -4.672  -13.252 -8.855  1.00 46.88  ? 52  GLU B OE2 1 
ATOM   1157 N N   . ARG B 1 53 ? -2.134  -10.897 -13.180 1.00 57.06  ? 53  ARG B N   1 
ATOM   1158 C CA  . ARG B 1 53 ? -0.730  -10.803 -13.627 1.00 55.47  ? 53  ARG B CA  1 
ATOM   1159 C C   . ARG B 1 53 ? -0.450  -9.558  -14.517 1.00 54.67  ? 53  ARG B C   1 
ATOM   1160 O O   . ARG B 1 53 ? 0.563   -8.837  -14.337 1.00 50.86  ? 53  ARG B O   1 
ATOM   1161 C CB  . ARG B 1 53 ? -0.325  -12.090 -14.354 1.00 54.67  ? 53  ARG B CB  1 
ATOM   1162 N N   . ASP B 1 54 ? -1.372  -9.288  -15.445 1.00 52.68  ? 54  ASP B N   1 
ATOM   1163 C CA  . ASP B 1 54 ? -1.268  -8.107  -16.310 1.00 47.90  ? 54  ASP B CA  1 
ATOM   1164 C C   . ASP B 1 54 ? -1.385  -6.787  -15.510 1.00 45.58  ? 54  ASP B C   1 
ATOM   1165 O O   . ASP B 1 54 ? -0.661  -5.814  -15.787 1.00 41.85  ? 54  ASP B O   1 
ATOM   1166 C CB  . ASP B 1 54 ? -2.349  -8.151  -17.405 1.00 48.85  ? 54  ASP B CB  1 
ATOM   1167 C CG  . ASP B 1 54 ? -2.099  -9.264  -18.439 1.00 49.24  ? 54  ASP B CG  1 
ATOM   1168 N N   . LEU B 1 55 ? -2.292  -6.767  -14.528 1.00 42.87  ? 55  LEU B N   1 
ATOM   1169 C CA  . LEU B 1 55 ? -2.457  -5.596  -13.671 1.00 42.27  ? 55  LEU B CA  1 
ATOM   1170 C C   . LEU B 1 55 ? -1.184  -5.268  -12.939 1.00 39.63  ? 55  LEU B C   1 
ATOM   1171 O O   . LEU B 1 55 ? -0.737  -4.113  -12.917 1.00 41.18  ? 55  LEU B O   1 
ATOM   1172 C CB  . LEU B 1 55 ? -3.588  -5.819  -12.641 1.00 43.30  ? 55  LEU B CB  1 
ATOM   1173 C CG  . LEU B 1 55 ? -3.848  -4.671  -11.676 1.00 43.40  ? 55  LEU B CG  1 
ATOM   1174 C CD1 . LEU B 1 55 ? -3.949  -3.328  -12.394 1.00 48.59  ? 55  LEU B CD1 1 
ATOM   1175 C CD2 . LEU B 1 55 ? -5.109  -4.946  -10.873 1.00 46.64  ? 55  LEU B CD2 1 
ATOM   1176 N N   . LEU B 1 56 ? -0.596  -6.304  -12.351 1.00 42.84  ? 56  LEU B N   1 
ATOM   1177 C CA  . LEU B 1 56 ? 0.640   -6.169  -11.593 1.00 49.49  ? 56  LEU B CA  1 
ATOM   1178 C C   . LEU B 1 56 ? 1.745   -5.585  -12.485 1.00 49.07  ? 56  LEU B C   1 
ATOM   1179 O O   . LEU B 1 56 ? 2.387   -4.618  -12.089 1.00 47.93  ? 56  LEU B O   1 
ATOM   1180 C CB  . LEU B 1 56 ? 1.010   -7.514  -10.950 1.00 48.59  ? 56  LEU B CB  1 
ATOM   1181 C CG  . LEU B 1 56 ? 2.082   -7.550  -9.863  1.00 52.90  ? 56  LEU B CG  1 
ATOM   1182 C CD1 . LEU B 1 56 ? 1.671   -6.698  -8.669  1.00 49.58  ? 56  LEU B CD1 1 
ATOM   1183 C CD2 . LEU B 1 56 ? 2.373   -8.992  -9.464  1.00 56.14  ? 56  LEU B CD2 1 
ATOM   1184 N N   . GLU B 1 57 ? 1.904   -6.105  -13.715 1.00 55.26  ? 57  GLU B N   1 
ATOM   1185 C CA  . GLU B 1 57 ? 2.925   -5.578  -14.652 1.00 52.42  ? 57  GLU B CA  1 
ATOM   1186 C C   . GLU B 1 57 ? 2.759   -4.084  -14.984 1.00 47.65  ? 57  GLU B C   1 
ATOM   1187 O O   . GLU B 1 57 ? 3.735   -3.326  -15.082 1.00 47.14  ? 57  GLU B O   1 
ATOM   1188 C CB  . GLU B 1 57 ? 2.966   -6.381  -15.964 1.00 64.01  ? 57  GLU B CB  1 
ATOM   1189 C CG  . GLU B 1 57 ? 3.527   -7.805  -15.842 1.00 69.46  ? 57  GLU B CG  1 
ATOM   1190 C CD  . GLU B 1 57 ? 5.032   -7.865  -15.562 1.00 79.68  ? 57  GLU B CD  1 
ATOM   1191 O OE1 . GLU B 1 57 ? 5.694   -6.805  -15.413 1.00 82.82  ? 57  GLU B OE1 1 
ATOM   1192 O OE2 . GLU B 1 57 ? 5.561   -8.997  -15.491 1.00 85.88  ? 57  GLU B OE2 1 
ATOM   1193 N N   . ARG B 1 58 ? 1.519   -3.679  -15.184 1.00 46.23  ? 58  ARG B N   1 
ATOM   1194 C CA  . ARG B 1 58 ? 1.169   -2.274  -15.415 1.00 45.56  ? 58  ARG B CA  1 
ATOM   1195 C C   . ARG B 1 58 ? 1.531   -1.375  -14.222 1.00 44.30  ? 58  ARG B C   1 
ATOM   1196 O O   . ARG B 1 58 ? 1.987   -0.235  -14.398 1.00 42.14  ? 58  ARG B O   1 
ATOM   1197 C CB  . ARG B 1 58 ? -0.336  -2.220  -15.714 1.00 52.94  ? 58  ARG B CB  1 
ATOM   1198 C CG  . ARG B 1 58 ? -1.025  -0.877  -15.689 1.00 60.52  ? 58  ARG B CG  1 
ATOM   1199 C CD  . ARG B 1 58 ? -0.538  0.045   -16.778 1.00 71.78  ? 58  ARG B CD  1 
ATOM   1200 N NE  . ARG B 1 58 ? -1.570  1.032   -17.112 1.00 80.83  ? 58  ARG B NE  1 
ATOM   1201 C CZ  . ARG B 1 58 ? -1.439  1.983   -18.030 1.00 84.49  ? 58  ARG B CZ  1 
ATOM   1202 N NH1 . ARG B 1 58 ? -0.312  2.104   -18.730 1.00 87.40  ? 58  ARG B NH1 1 
ATOM   1203 N NH2 . ARG B 1 58 ? -2.445  2.823   -18.240 1.00 89.81  ? 58  ARG B NH2 1 
ATOM   1204 N N   . LEU B 1 59 ? 1.263   -1.865  -13.015 1.00 42.86  ? 59  LEU B N   1 
ATOM   1205 C CA  . LEU B 1 59 ? 1.546   -1.097  -11.787 1.00 43.63  ? 59  LEU B CA  1 
ATOM   1206 C C   . LEU B 1 59 ? 3.035   -0.917  -11.603 1.00 38.54  ? 59  LEU B C   1 
ATOM   1207 O O   . LEU B 1 59 ? 3.494   0.178   -11.202 1.00 41.97  ? 59  LEU B O   1 
ATOM   1208 C CB  . LEU B 1 59 ? 0.933   -1.778  -10.570 1.00 40.64  ? 59  LEU B CB  1 
ATOM   1209 C CG  . LEU B 1 59 ? -0.603  -1.677  -10.604 1.00 44.11  ? 59  LEU B CG  1 
ATOM   1210 C CD1 . LEU B 1 59 ? -1.238  -2.762  -9.734  1.00 47.20  ? 59  LEU B CD1 1 
ATOM   1211 C CD2 . LEU B 1 59 ? -1.093  -0.288  -10.237 1.00 43.97  ? 59  LEU B CD2 1 
ATOM   1212 N N   . ILE B 1 60 ? 3.793   -1.966  -11.932 1.00 41.93  ? 60  ILE B N   1 
ATOM   1213 C CA  . ILE B 1 60 ? 5.266   -1.900  -11.872 1.00 43.54  ? 60  ILE B CA  1 
ATOM   1214 C C   . ILE B 1 60 ? 5.790   -0.780  -12.784 1.00 43.51  ? 60  ILE B C   1 
ATOM   1215 O O   . ILE B 1 60 ? 6.654   0.007   -12.392 1.00 43.23  ? 60  ILE B O   1 
ATOM   1216 C CB  . ILE B 1 60 ? 5.933   -3.255  -12.215 1.00 45.69  ? 60  ILE B CB  1 
ATOM   1217 C CG1 . ILE B 1 60 ? 5.612   -4.288  -11.135 1.00 49.75  ? 60  ILE B CG1 1 
ATOM   1218 C CG2 . ILE B 1 60 ? 7.454   -3.102  -12.275 1.00 44.65  ? 60  ILE B CG2 1 
ATOM   1219 C CD1 . ILE B 1 60 ? 5.828   -5.733  -11.564 1.00 53.04  ? 60  ILE B CD1 1 
ATOM   1220 N N   . THR B 1 61 ? 5.248   -0.701  -13.999 1.00 45.35  ? 61  THR B N   1 
ATOM   1221 C CA  . THR B 1 61 ? 5.687   0.327   -14.947 1.00 47.71  ? 61  THR B CA  1 
ATOM   1222 C C   . THR B 1 61 ? 5.264   1.719   -14.527 1.00 43.68  ? 61  THR B C   1 
ATOM   1223 O O   . THR B 1 61 ? 6.035   2.644   -14.605 1.00 45.52  ? 61  THR B O   1 
ATOM   1224 C CB  . THR B 1 61 ? 5.183   0.018   -16.371 1.00 50.80  ? 61  THR B CB  1 
ATOM   1225 O OG1 . THR B 1 61 ? 5.551   -1.337  -16.689 1.00 50.37  ? 61  THR B OG1 1 
ATOM   1226 C CG2 . THR B 1 61 ? 5.789   0.960   -17.398 1.00 51.69  ? 61  THR B CG2 1 
ATOM   1227 N N   . LEU B 1 62 ? 4.031   1.880   -14.077 1.00 44.98  ? 62  LEU B N   1 
ATOM   1228 C CA  . LEU B 1 62 ? 3.613   3.180   -13.547 1.00 50.78  ? 62  LEU B CA  1 
ATOM   1229 C C   . LEU B 1 62 ? 4.463   3.595   -12.329 1.00 46.69  ? 62  LEU B C   1 
ATOM   1230 O O   . LEU B 1 62 ? 4.865   4.750   -12.217 1.00 48.35  ? 62  LEU B O   1 
ATOM   1231 C CB  . LEU B 1 62 ? 2.119   3.147   -13.203 1.00 52.90  ? 62  LEU B CB  1 
ATOM   1232 C CG  . LEU B 1 62 ? 1.183   3.000   -14.412 1.00 56.04  ? 62  LEU B CG  1 
ATOM   1233 C CD1 . LEU B 1 62 ? -0.249  2.816   -13.923 1.00 56.79  ? 62  LEU B CD1 1 
ATOM   1234 C CD2 . LEU B 1 62 ? 1.322   4.190   -15.364 1.00 56.78  ? 62  LEU B CD2 1 
ATOM   1235 N N   . GLY B 1 63 ? 4.740   2.646   -11.439 1.00 44.84  ? 63  GLY B N   1 
ATOM   1236 C CA  . GLY B 1 63 ? 5.674   2.889   -10.315 1.00 46.97  ? 63  GLY B CA  1 
ATOM   1237 C C   . GLY B 1 63 ? 7.067   3.397   -10.731 1.00 44.94  ? 63  GLY B C   1 
ATOM   1238 O O   . GLY B 1 63 ? 7.603   4.349   -10.142 1.00 37.57  ? 63  GLY B O   1 
ATOM   1239 N N   . LYS B 1 64 ? 7.643   2.780   -11.764 1.00 47.15  ? 64  LYS B N   1 
ATOM   1240 C CA  . LYS B 1 64 ? 8.986   3.191   -12.231 1.00 49.94  ? 64  LYS B CA  1 
ATOM   1241 C C   . LYS B 1 64 ? 9.012   4.668   -12.667 1.00 46.32  ? 64  LYS B C   1 
ATOM   1242 O O   . LYS B 1 64 ? 10.003  5.356   -12.446 1.00 46.70  ? 64  LYS B O   1 
ATOM   1243 C CB  . LYS B 1 64 ? 9.567   2.224   -13.305 1.00 53.35  ? 64  LYS B CB  1 
ATOM   1244 C CG  . LYS B 1 64 ? 10.422  1.058   -12.775 1.00 59.05  ? 64  LYS B CG  1 
ATOM   1245 C CD  . LYS B 1 64 ? 10.281  -0.245  -13.577 1.00 59.04  ? 64  LYS B CD  1 
ATOM   1246 N N   . ALA B 1 65 ? 7.909   5.152   -13.244 1.00 48.03  ? 65  ALA B N   1 
ATOM   1247 C CA  . ALA B 1 65 ? 7.732   6.569   -13.586 1.00 45.23  ? 65  ALA B CA  1 
ATOM   1248 C C   . ALA B 1 65 ? 7.802   7.501   -12.374 1.00 48.37  ? 65  ALA B C   1 
ATOM   1249 O O   . ALA B 1 65 ? 8.246   8.635   -12.497 1.00 44.02  ? 65  ALA B O   1 
ATOM   1250 C CB  . ALA B 1 65 ? 6.404   6.778   -14.304 1.00 45.48  ? 65  ALA B CB  1 
ATOM   1251 N N   . HIS B 1 66 ? 7.342   7.018   -11.209 1.00 47.07  ? 66  HIS B N   1 
ATOM   1252 C CA  . HIS B 1 66 ? 7.504   7.730   -9.952  1.00 46.07  ? 66  HIS B CA  1 
ATOM   1253 C C   . HIS B 1 66 ? 8.837   7.449   -9.217  1.00 46.29  ? 66  HIS B C   1 
ATOM   1254 O O   . HIS B 1 66 ? 9.004   7.911   -8.076  1.00 41.23  ? 66  HIS B O   1 
ATOM   1255 C CB  . HIS B 1 66 ? 6.372   7.376   -8.992  1.00 45.87  ? 66  HIS B CB  1 
ATOM   1256 C CG  . HIS B 1 66 ? 5.056   7.992   -9.332  1.00 44.34  ? 66  HIS B CG  1 
ATOM   1257 N ND1 . HIS B 1 66 ? 4.107   7.344   -10.094 1.00 48.02  ? 66  HIS B ND1 1 
ATOM   1258 C CD2 . HIS B 1 66 ? 4.482   9.145   -8.911  1.00 44.10  ? 66  HIS B CD2 1 
ATOM   1259 C CE1 . HIS B 1 66 ? 3.017   8.094   -10.160 1.00 46.41  ? 66  HIS B CE1 1 
ATOM   1260 N NE2 . HIS B 1 66 ? 3.223   9.197   -9.454  1.00 43.67  ? 66  HIS B NE2 1 
ATOM   1261 N N   . HIS B 1 67 ? 9.747   6.691   -9.833  1.00 42.01  ? 67  HIS B N   1 
ATOM   1262 C CA  . HIS B 1 67 ? 11.013  6.277   -9.210  1.00 47.38  ? 67  HIS B CA  1 
ATOM   1263 C C   . HIS B 1 67 ? 10.815  5.429   -7.932  1.00 43.59  ? 67  HIS B C   1 
ATOM   1264 O O   . HIS B 1 67 ? 11.570  5.555   -6.950  1.00 42.36  ? 67  HIS B O   1 
ATOM   1265 C CB  . HIS B 1 67 ? 11.945  7.491   -8.965  1.00 51.76  ? 67  HIS B CB  1 
ATOM   1266 C CG  . HIS B 1 67 ? 12.193  8.307   -10.200 1.00 56.49  ? 67  HIS B CG  1 
ATOM   1267 N ND1 . HIS B 1 67 ? 11.704  9.587   -10.355 1.00 61.92  ? 67  HIS B ND1 1 
ATOM   1268 C CD2 . HIS B 1 67 ? 12.805  7.995   -11.369 1.00 62.07  ? 67  HIS B CD2 1 
ATOM   1269 C CE1 . HIS B 1 67 ? 12.044  10.048  -11.546 1.00 63.24  ? 67  HIS B CE1 1 
ATOM   1270 N NE2 . HIS B 1 67 ? 12.712  9.102   -12.181 1.00 66.95  ? 67  HIS B NE2 1 
ATOM   1271 N N   . LEU B 1 68 ? 9.794   4.566   -7.962  1.00 37.97  ? 68  LEU B N   1 
ATOM   1272 C CA  . LEU B 1 68 ? 9.518   3.627   -6.878  1.00 35.78  ? 68  LEU B CA  1 
ATOM   1273 C C   . LEU B 1 68 ? 10.091  2.308   -7.309  1.00 34.71  ? 68  LEU B C   1 
ATOM   1274 O O   . LEU B 1 68 ? 9.898   1.880   -8.451  1.00 35.49  ? 68  LEU B O   1 
ATOM   1275 C CB  . LEU B 1 68 ? 7.999   3.514   -6.655  1.00 33.58  ? 68  LEU B CB  1 
ATOM   1276 C CG  . LEU B 1 68 ? 7.330   4.760   -6.071  1.00 31.26  ? 68  LEU B CG  1 
ATOM   1277 C CD1 . LEU B 1 68 ? 5.824   4.700   -6.293  1.00 34.55  ? 68  LEU B CD1 1 
ATOM   1278 C CD2 . LEU B 1 68 ? 7.689   4.889   -4.596  1.00 34.24  ? 68  LEU B CD2 1 
ATOM   1279 N N   . ASP B 1 69 ? 10.772  1.645   -6.398  1.00 37.71  ? 69  ASP B N   1 
ATOM   1280 C CA  . ASP B 1 69 ? 11.405  0.363   -6.665  1.00 38.87  ? 69  ASP B CA  1 
ATOM   1281 C C   . ASP B 1 69 ? 10.388  -0.724  -7.122  1.00 40.17  ? 69  ASP B C   1 
ATOM   1282 O O   . ASP B 1 69 ? 9.330   -0.913  -6.507  1.00 33.26  ? 69  ASP B O   1 
ATOM   1283 C CB  . ASP B 1 69 ? 12.145  -0.064  -5.388  1.00 43.75  ? 69  ASP B CB  1 
ATOM   1284 C CG  . ASP B 1 69 ? 12.862  -1.383  -5.541  1.00 52.54  ? 69  ASP B CG  1 
ATOM   1285 N N   . ALA B 1 70 ? 10.715  -1.435  -8.202  1.00 36.85  ? 70  ALA B N   1 
ATOM   1286 C CA  . ALA B 1 70 ? 9.848   -2.480  -8.759  1.00 39.03  ? 70  ALA B CA  1 
ATOM   1287 C C   . ALA B 1 70 ? 9.572   -3.606  -7.797  1.00 35.94  ? 70  ALA B C   1 
ATOM   1288 O O   . ALA B 1 70 ? 8.446   -4.131  -7.762  1.00 40.87  ? 70  ALA B O   1 
ATOM   1289 C CB  . ALA B 1 70 ? 10.436  -3.059  -10.057 1.00 39.22  ? 70  ALA B CB  1 
ATOM   1290 N N   . HIS B 1 71 ? 10.562  -3.990  -7.010  1.00 36.00  ? 71  HIS B N   1 
ATOM   1291 C CA  . HIS B 1 71 ? 10.352  -5.066  -6.052  1.00 40.49  ? 71  HIS B CA  1 
ATOM   1292 C C   . HIS B 1 71 ? 9.323   -4.663  -4.970  1.00 39.15  ? 71  HIS B C   1 
ATOM   1293 O O   . HIS B 1 71 ? 8.420   -5.448  -4.670  1.00 40.59  ? 71  HIS B O   1 
ATOM   1294 C CB  . HIS B 1 71 ? 11.652  -5.531  -5.427  1.00 44.27  ? 71  HIS B CB  1 
ATOM   1295 C CG  . HIS B 1 71 ? 11.486  -6.722  -4.533  1.00 49.03  ? 71  HIS B CG  1 
ATOM   1296 N ND1 . HIS B 1 71 ? 11.528  -6.628  -3.158  1.00 51.01  ? 71  HIS B ND1 1 
ATOM   1297 C CD2 . HIS B 1 71 ? 11.221  -8.023  -4.813  1.00 51.26  ? 71  HIS B CD2 1 
ATOM   1298 C CE1 . HIS B 1 71 ? 11.341  -7.828  -2.632  1.00 60.21  ? 71  HIS B CE1 1 
ATOM   1299 N NE2 . HIS B 1 71 ? 11.111  -8.684  -3.614  1.00 55.50  ? 71  HIS B NE2 1 
HETATM 1300 N N   . PBF B 1 72 ? 9.489   -3.472  -4.402  1.00 31.34  ? 72  PBF B N   1 
HETATM 1301 C C   . PBF B 1 72 ? 7.143   -2.805  -4.065  1.00 30.28  ? 72  PBF B C   1 
HETATM 1302 O O   . PBF B 1 72 ? 6.182   -3.208  -3.422  1.00 28.40  ? 72  PBF B O   1 
HETATM 1303 C CA  . PBF B 1 72 ? 8.530   -2.898  -3.463  1.00 31.92  ? 72  PBF B CA  1 
HETATM 1304 C CB  . PBF B 1 72 ? 9.052   -1.511  -3.100  1.00 31.18  ? 72  PBF B CB  1 
HETATM 1305 C CG  . PBF B 1 72 ? 8.051   -0.651  -2.355  1.00 30.22  ? 72  PBF B CG  1 
HETATM 1306 C CD1 . PBF B 1 72 ? 7.546   0.485   -2.932  1.00 27.93  ? 72  PBF B CD1 1 
HETATM 1307 C CD2 . PBF B 1 72 ? 7.719   -0.978  -1.047  1.00 28.77  ? 72  PBF B CD2 1 
HETATM 1308 C CE1 . PBF B 1 72 ? 6.657   1.307   -2.241  1.00 31.49  ? 72  PBF B CE1 1 
HETATM 1309 C CE2 . PBF B 1 72 ? 6.829   -0.191  -0.371  1.00 27.08  ? 72  PBF B CE2 1 
HETATM 1310 C CZ  . PBF B 1 72 ? 6.293   0.965   -0.950  1.00 27.87  ? 72  PBF B CZ  1 
HETATM 1311 C CN1 . PBF B 1 72 ? 5.380   1.884   -0.188  1.00 28.49  ? 72  PBF B CN1 1 
HETATM 1312 O ON2 . PBF B 1 72 ? 5.505   3.086   -0.380  1.00 29.86  ? 72  PBF B ON2 1 
HETATM 1313 C CT  . PBF B 1 72 ? 4.382   1.423   0.808   1.00 25.57  ? 72  PBF B CT  1 
HETATM 1314 C CI1 . PBF B 1 72 ? 4.016   2.269   1.834   1.00 26.50  ? 72  PBF B CI1 1 
HETATM 1315 C CI2 . PBF B 1 72 ? 3.793   0.135   0.717   1.00 25.24  ? 72  PBF B CI2 1 
HETATM 1316 C CK1 . PBF B 1 72 ? 3.047   1.897   2.767   1.00 26.27  ? 72  PBF B CK1 1 
HETATM 1317 C CK2 . PBF B 1 72 ? 2.832   -0.213  1.629   1.00 24.83  ? 72  PBF B CK2 1 
HETATM 1318 C CL  . PBF B 1 72 ? 2.479   0.614   2.673   1.00 26.81  ? 72  PBF B CL  1 
ATOM   1319 N N   . ILE B 1 73 ? 7.040   -2.325  -5.304  1.00 28.52  ? 73  ILE B N   1 
ATOM   1320 C CA  . ILE B 1 73 ? 5.738   -2.256  -5.974  1.00 34.31  ? 73  ILE B CA  1 
ATOM   1321 C C   . ILE B 1 73 ? 5.097   -3.627  -6.169  1.00 36.01  ? 73  ILE B C   1 
ATOM   1322 O O   . ILE B 1 73 ? 3.907   -3.797  -5.919  1.00 35.35  ? 73  ILE B O   1 
ATOM   1323 C CB  . ILE B 1 73 ? 5.799   -1.457  -7.288  1.00 32.68  ? 73  ILE B CB  1 
ATOM   1324 C CG1 . ILE B 1 73 ? 6.130   -0.001  -6.955  1.00 35.25  ? 73  ILE B CG1 1 
ATOM   1325 C CG2 . ILE B 1 73 ? 4.466   -1.530  -8.034  1.00 34.71  ? 73  ILE B CG2 1 
ATOM   1326 C CD1 . ILE B 1 73 ? 5.254   0.629   -5.891  1.00 36.40  ? 73  ILE B CD1 1 
ATOM   1327 N N   . THR B 1 74 ? 5.915   -4.589  -6.581  1.00 32.41  ? 74  THR B N   1 
ATOM   1328 C CA  . THR B 1 74 ? 5.476   -5.921  -6.801  1.00 33.90  ? 74  THR B CA  1 
ATOM   1329 C C   . THR B 1 74 ? 4.923   -6.547  -5.550  1.00 32.55  ? 74  THR B C   1 
ATOM   1330 O O   . THR B 1 74 ? 3.803   -7.091  -5.560  1.00 30.41  ? 74  THR B O   1 
ATOM   1331 C CB  . THR B 1 74 ? 6.659   -6.806  -7.297  1.00 36.57  ? 74  THR B CB  1 
ATOM   1332 O OG1 . THR B 1 74 ? 7.074   -6.307  -8.556  1.00 37.01  ? 74  THR B OG1 1 
ATOM   1333 C CG2 . THR B 1 74 ? 6.233   -8.256  -7.445  1.00 37.32  ? 74  THR B CG2 1 
ATOM   1334 N N   . ARG B 1 75 ? 5.698   -6.477  -4.488  1.00 29.86  ? 75  ARG B N   1 
ATOM   1335 C CA  . ARG B 1 75 ? 5.268   -7.071  -3.238  1.00 34.49  ? 75  ARG B CA  1 
ATOM   1336 C C   . ARG B 1 75 ? 4.019   -6.430  -2.661  1.00 32.37  ? 75  ARG B C   1 
ATOM   1337 O O   . ARG B 1 75 ? 3.166   -7.144  -2.140  1.00 30.35  ? 75  ARG B O   1 
ATOM   1338 C CB  . ARG B 1 75 ? 6.407   -7.097  -2.215  1.00 39.25  ? 75  ARG B CB  1 
ATOM   1339 C CG  . ARG B 1 75 ? 7.591   -7.953  -2.646  1.00 45.11  ? 75  ARG B CG  1 
ATOM   1340 C CD  . ARG B 1 75 ? 7.617   -9.351  -2.073  1.00 54.14  ? 75  ARG B CD  1 
ATOM   1341 N NE  . ARG B 1 75 ? 7.711   -9.320  -0.605  1.00 68.35  ? 75  ARG B NE  1 
ATOM   1342 C CZ  . ARG B 1 75 ? 8.003   -10.369 0.176   1.00 64.74  ? 75  ARG B CZ  1 
ATOM   1343 N NH1 . ARG B 1 75 ? 8.061   -10.202 1.488   1.00 64.46  ? 75  ARG B NH1 1 
ATOM   1344 N NH2 . ARG B 1 75 ? 8.254   -11.580 -0.333  1.00 65.89  ? 75  ARG B NH2 1 
ATOM   1345 N N   . THR B 1 76 ? 3.924   -5.113  -2.760  1.00 28.89  ? 76  THR B N   1 
ATOM   1346 C CA  . THR B 1 76 ? 2.843   -4.354  -2.167  1.00 28.38  ? 76  THR B CA  1 
ATOM   1347 C C   . THR B 1 76 ? 1.542   -4.672  -2.908  1.00 29.37  ? 76  THR B C   1 
ATOM   1348 O O   . THR B 1 76 ? 0.546   -5.006  -2.305  1.00 27.35  ? 76  THR B O   1 
ATOM   1349 C CB  . THR B 1 76 ? 3.160   -2.843  -2.276  1.00 27.22  ? 76  THR B CB  1 
ATOM   1350 O OG1 . THR B 1 76 ? 4.336   -2.532  -1.510  1.00 27.09  ? 76  THR B OG1 1 
ATOM   1351 C CG2 . THR B 1 76 ? 1.993   -1.970  -1.769  1.00 29.01  ? 76  THR B CG2 1 
ATOM   1352 N N   . PHE B 1 77 ? 1.582   -4.592  -4.228  1.00 29.17  ? 77  PHE B N   1 
ATOM   1353 C CA  . PHE B 1 77 ? 0.390   -4.852  -5.009  1.00 33.60  ? 77  PHE B CA  1 
ATOM   1354 C C   . PHE B 1 77 ? 0.010   -6.303  -5.131  1.00 33.37  ? 77  PHE B C   1 
ATOM   1355 O O   . PHE B 1 77 ? -1.164  -6.563  -5.294  1.00 34.69  ? 77  PHE B O   1 
ATOM   1356 C CB  . PHE B 1 77 ? 0.420   -4.156  -6.353  1.00 31.93  ? 77  PHE B CB  1 
ATOM   1357 C CG  . PHE B 1 77 ? 0.087   -2.722  -6.229  1.00 29.71  ? 77  PHE B CG  1 
ATOM   1358 C CD1 . PHE B 1 77 ? -1.247  -2.320  -6.061  1.00 29.52  ? 77  PHE B CD1 1 
ATOM   1359 C CD2 . PHE B 1 77 ? 1.063   -1.782  -6.184  1.00 29.53  ? 77  PHE B CD2 1 
ATOM   1360 C CE1 . PHE B 1 77 ? -1.572  -0.992  -5.910  1.00 28.04  ? 77  PHE B CE1 1 
ATOM   1361 C CE2 . PHE B 1 77 ? 0.736   -0.444  -6.030  1.00 28.69  ? 77  PHE B CE2 1 
ATOM   1362 C CZ  . PHE B 1 77 ? -0.581  -0.060  -5.885  1.00 28.56  ? 77  PHE B CZ  1 
ATOM   1363 N N   . GLN B 1 78 ? 0.951   -7.229  -4.955  1.00 32.44  ? 78  GLN B N   1 
ATOM   1364 C CA  . GLN B 1 78 ? 0.591   -8.643  -4.826  1.00 37.10  ? 78  GLN B CA  1 
ATOM   1365 C C   . GLN B 1 78 ? -0.310  -8.838  -3.599  1.00 33.65  ? 78  GLN B C   1 
ATOM   1366 O O   . GLN B 1 78 ? -1.273  -9.617  -3.650  1.00 26.73  ? 78  GLN B O   1 
ATOM   1367 C CB  . GLN B 1 78 ? 1.811   -9.559  -4.679  1.00 38.41  ? 78  GLN B CB  1 
ATOM   1368 C CG  . GLN B 1 78 ? 2.475   -9.980  -5.983  1.00 46.21  ? 78  GLN B CG  1 
ATOM   1369 C CD  . GLN B 1 78 ? 3.808   -10.720 -5.782  1.00 51.39  ? 78  GLN B CD  1 
ATOM   1370 O OE1 . GLN B 1 78 ? 4.442   -10.650 -4.712  1.00 53.08  ? 78  GLN B OE1 1 
ATOM   1371 N NE2 . GLN B 1 78 ? 4.236   -11.422 -6.821  1.00 58.53  ? 78  GLN B NE2 1 
ATOM   1372 N N   . LEU B 1 79 ? 0.041   -8.189  -2.490  1.00 29.21  ? 79  LEU B N   1 
ATOM   1373 C CA  . LEU B 1 79 ? -0.821  -8.265  -1.298  1.00 29.82  ? 79  LEU B CA  1 
ATOM   1374 C C   . LEU B 1 79 ? -2.203  -7.715  -1.567  1.00 25.00  ? 79  LEU B C   1 
ATOM   1375 O O   . LEU B 1 79 ? -3.178  -8.306  -1.131  1.00 24.97  ? 79  LEU B O   1 
ATOM   1376 C CB  . LEU B 1 79 ? -0.244  -7.518  -0.093  1.00 29.33  ? 79  LEU B CB  1 
ATOM   1377 C CG  . LEU B 1 79 ? 1.020   -8.115  0.492   1.00 37.68  ? 79  LEU B CG  1 
ATOM   1378 C CD1 . LEU B 1 79 ? 1.633   -7.138  1.494   1.00 37.71  ? 79  LEU B CD1 1 
ATOM   1379 C CD2 . LEU B 1 79 ? 0.742   -9.458  1.148   1.00 41.56  ? 79  LEU B CD2 1 
ATOM   1380 N N   . GLY B 1 80 ? -2.258  -6.550  -2.209  1.00 26.18  ? 80  GLY B N   1 
ATOM   1381 C CA  . GLY B 1 80 ? -3.531  -5.847  -2.490  1.00 27.25  ? 80  GLY B CA  1 
ATOM   1382 C C   . GLY B 1 80 ? -4.461  -6.657  -3.385  1.00 27.70  ? 80  GLY B C   1 
ATOM   1383 O O   . GLY B 1 80 ? -5.678  -6.744  -3.159  1.00 27.27  ? 80  GLY B O   1 
ATOM   1384 N N   . ILE B 1 81 ? -3.873  -7.203  -4.436  1.00 27.37  ? 81  ILE B N   1 
ATOM   1385 C CA  . ILE B 1 81 ? -4.602  -8.030  -5.397  1.00 28.90  ? 81  ILE B CA  1 
ATOM   1386 C C   . ILE B 1 81 ? -5.086  -9.296  -4.720  1.00 29.97  ? 81  ILE B C   1 
ATOM   1387 O O   . ILE B 1 81 ? -6.263  -9.646  -4.866  1.00 28.72  ? 81  ILE B O   1 
ATOM   1388 C CB  . ILE B 1 81 ? -3.733  -8.362  -6.636  1.00 31.12  ? 81  ILE B CB  1 
ATOM   1389 C CG1 . ILE B 1 81 ? -3.513  -7.064  -7.430  1.00 32.16  ? 81  ILE B CG1 1 
ATOM   1390 C CG2 . ILE B 1 81 ? -4.379  -9.462  -7.494  1.00 31.38  ? 81  ILE B CG2 1 
ATOM   1391 C CD1 . ILE B 1 81 ? -2.461  -7.117  -8.524  1.00 33.62  ? 81  ILE B CD1 1 
ATOM   1392 N N   . GLU B 1 82 ? -4.213  -9.987  -4.004  1.00 27.16  ? 82  GLU B N   1 
ATOM   1393 C CA  . GLU B 1 82 ? -4.638  -11.134 -3.188  1.00 29.26  ? 82  GLU B CA  1 
ATOM   1394 C C   . GLU B 1 82 ? -5.775  -10.788 -2.214  1.00 27.94  ? 82  GLU B C   1 
ATOM   1395 O O   . GLU B 1 82 ? -6.744  -11.534 -2.147  1.00 24.99  ? 82  GLU B O   1 
ATOM   1396 C CB  . GLU B 1 82 ? -3.461  -11.764 -2.437  1.00 34.40  ? 82  GLU B CB  1 
ATOM   1397 C CG  . GLU B 1 82 ? -3.825  -12.979 -1.614  1.00 38.88  ? 82  GLU B CG  1 
ATOM   1398 C CD  . GLU B 1 82 ? -2.702  -13.416 -0.667  1.00 42.24  ? 82  GLU B CD  1 
ATOM   1399 O OE1 . GLU B 1 82 ? -2.245  -14.564 -0.817  1.00 42.85  ? 82  GLU B OE1 1 
ATOM   1400 O OE2 . GLU B 1 82 ? -2.262  -12.628 0.223   1.00 48.60  ? 82  GLU B OE2 1 
ATOM   1401 N N   . TYR B 1 83 ? -5.680  -9.688  -1.491  1.00 22.82  ? 83  TYR B N   1 
ATOM   1402 C CA  . TYR B 1 83 ? -6.767  -9.294  -0.611  1.00 27.37  ? 83  TYR B CA  1 
ATOM   1403 C C   . TYR B 1 83 ? -8.130  -9.099  -1.346  1.00 28.04  ? 83  TYR B C   1 
ATOM   1404 O O   . TYR B 1 83 ? -9.184  -9.613  -0.870  1.00 30.51  ? 83  TYR B O   1 
ATOM   1405 C CB  . TYR B 1 83 ? -6.380  -8.082  0.170   1.00 27.78  ? 83  TYR B CB  1 
ATOM   1406 C CG  . TYR B 1 83 ? -7.251  -7.707  1.328   1.00 27.85  ? 83  TYR B CG  1 
ATOM   1407 C CD1 . TYR B 1 83 ? -7.224  -8.449  2.498   1.00 30.80  ? 83  TYR B CD1 1 
ATOM   1408 C CD2 . TYR B 1 83 ? -8.001  -6.544  1.316   1.00 31.11  ? 83  TYR B CD2 1 
ATOM   1409 C CE1 . TYR B 1 83 ? -7.957  -8.067  3.619   1.00 31.71  ? 83  TYR B CE1 1 
ATOM   1410 C CE2 . TYR B 1 83 ? -8.707  -6.133  2.428   1.00 33.69  ? 83  TYR B CE2 1 
ATOM   1411 C CZ  . TYR B 1 83 ? -8.715  -6.921  3.564   1.00 34.41  ? 83  TYR B CZ  1 
ATOM   1412 O OH  . TYR B 1 83 ? -9.465  -6.518  4.640   1.00 36.99  ? 83  TYR B OH  1 
ATOM   1413 N N   . SER B 1 84 ? -8.105  -8.415  -2.499  1.00 28.26  ? 84  SER B N   1 
ATOM   1414 C CA  A SER B 1 84 ? -9.294  -8.273  -3.334  0.50 29.63  ? 84  SER B CA  1 
ATOM   1415 C CA  B SER B 1 84 ? -9.315  -8.279  -3.317  0.50 29.17  ? 84  SER B CA  1 
ATOM   1416 C C   . SER B 1 84 ? -9.880  -9.613  -3.824  1.00 30.06  ? 84  SER B C   1 
ATOM   1417 O O   . SER B 1 84 ? -11.086 -9.841  -3.826  1.00 26.82  ? 84  SER B O   1 
ATOM   1418 C CB  A SER B 1 84 ? -8.970  -7.374  -4.536  0.50 31.43  ? 84  SER B CB  1 
ATOM   1419 C CB  B SER B 1 84 ? -9.064  -7.343  -4.498  0.50 30.37  ? 84  SER B CB  1 
ATOM   1420 O OG  A SER B 1 84 ? -9.019  -6.029  -4.142  0.50 33.82  ? 84  SER B OG  1 
ATOM   1421 O OG  B SER B 1 84 ? -10.144 -7.409  -5.413  0.50 31.42  ? 84  SER B OG  1 
ATOM   1422 N N   . VAL B 1 85 ? -9.009  -10.493 -4.277  1.00 28.79  ? 85  VAL B N   1 
ATOM   1423 C CA  . VAL B 1 85 ? -9.399  -11.805 -4.723  1.00 29.58  ? 85  VAL B CA  1 
ATOM   1424 C C   . VAL B 1 85 ? -10.015 -12.665 -3.604  1.00 30.18  ? 85  VAL B C   1 
ATOM   1425 O O   . VAL B 1 85 ? -11.001 -13.350 -3.843  1.00 27.53  ? 85  VAL B O   1 
ATOM   1426 C CB  . VAL B 1 85 ? -8.181  -12.533 -5.340  1.00 29.20  ? 85  VAL B CB  1 
ATOM   1427 C CG1 . VAL B 1 85 ? -8.448  -14.002 -5.535  1.00 32.80  ? 85  VAL B CG1 1 
ATOM   1428 C CG2 . VAL B 1 85 ? -7.864  -11.877 -6.671  1.00 32.72  ? 85  VAL B CG2 1 
ATOM   1429 N N   . LEU B 1 86 ? -9.424  -12.650 -2.403  1.00 30.13  ? 86  LEU B N   1 
ATOM   1430 C CA  . LEU B 1 86 ? -9.990  -13.393 -1.281  1.00 29.71  ? 86  LEU B CA  1 
ATOM   1431 C C   . LEU B 1 86 ? -11.405 -12.880 -0.974  1.00 29.94  ? 86  LEU B C   1 
ATOM   1432 O O   . LEU B 1 86 ? -12.302 -13.660 -0.703  1.00 29.50  ? 86  LEU B O   1 
ATOM   1433 C CB  . LEU B 1 86 ? -9.120  -13.299 -0.031  1.00 29.36  ? 86  LEU B CB  1 
ATOM   1434 C CG  . LEU B 1 86 ? -7.766  -14.005 -0.090  1.00 33.63  ? 86  LEU B CG  1 
ATOM   1435 C CD1 . LEU B 1 86 ? -6.866  -13.486 1.058   1.00 35.43  ? 86  LEU B CD1 1 
ATOM   1436 C CD2 . LEU B 1 86 ? -7.954  -15.515 -0.045  1.00 35.01  ? 86  LEU B CD2 1 
ATOM   1437 N N   . THR B 1 87 ? -11.590 -11.569 -1.055  1.00 29.89  ? 87  THR B N   1 
ATOM   1438 C CA  . THR B 1 87 ? -12.889 -10.940 -0.845  1.00 32.34  ? 87  THR B CA  1 
ATOM   1439 C C   . THR B 1 87 ? -13.938 -11.377 -1.884  1.00 32.51  ? 87  THR B C   1 
ATOM   1440 O O   . THR B 1 87 ? -15.090 -11.646 -1.546  1.00 34.27  ? 87  THR B O   1 
ATOM   1441 C CB  . THR B 1 87 ? -12.711 -9.396  -0.804  1.00 34.59  ? 87  THR B CB  1 
ATOM   1442 O OG1 . THR B 1 87 ? -12.071 -9.049  0.426   1.00 40.50  ? 87  THR B OG1 1 
ATOM   1443 C CG2 . THR B 1 87 ? -14.052 -8.614  -0.910  1.00 37.38  ? 87  THR B CG2 1 
ATOM   1444 N N   . GLN B 1 88 ? -13.542 -11.395 -3.148  1.00 29.23  ? 88  GLN B N   1 
ATOM   1445 C CA  . GLN B 1 88 ? -14.421 -11.852 -4.221  1.00 31.33  ? 88  GLN B CA  1 
ATOM   1446 C C   . GLN B 1 88 ? -14.756 -13.361 -4.106  1.00 32.97  ? 88  GLN B C   1 
ATOM   1447 O O   . GLN B 1 88 ? -15.861 -13.749 -4.361  1.00 32.73  ? 88  GLN B O   1 
ATOM   1448 C CB  . GLN B 1 88 ? -13.808 -11.555 -5.580  1.00 28.56  ? 88  GLN B CB  1 
ATOM   1449 C CG  . GLN B 1 88 ? -13.718 -10.090 -5.857  1.00 32.37  ? 88  GLN B CG  1 
ATOM   1450 C CD  . GLN B 1 88 ? -12.899 -9.782  -7.085  1.00 37.14  ? 88  GLN B CD  1 
ATOM   1451 O OE1 . GLN B 1 88 ? -12.991 -10.467 -8.117  1.00 45.67  ? 88  GLN B OE1 1 
ATOM   1452 N NE2 . GLN B 1 88 ? -12.136 -8.727  -6.996  1.00 38.38  ? 88  GLN B NE2 1 
ATOM   1453 N N   . GLN B 1 89 ? -13.784 -14.180 -3.763  1.00 34.42  ? 89  GLN B N   1 
ATOM   1454 C CA  . GLN B 1 89 ? -14.000 -15.617 -3.519  1.00 37.56  ? 89  GLN B CA  1 
ATOM   1455 C C   . GLN B 1 89 ? -14.925 -15.911 -2.345  1.00 35.32  ? 89  GLN B C   1 
ATOM   1456 O O   . GLN B 1 89 ? -15.685 -16.874 -2.388  1.00 36.24  ? 89  GLN B O   1 
ATOM   1457 C CB  . GLN B 1 89 ? -12.671 -16.358 -3.296  1.00 38.87  ? 89  GLN B CB  1 
ATOM   1458 C CG  . GLN B 1 89 ? -11.929 -16.671 -4.575  1.00 45.12  ? 89  GLN B CG  1 
ATOM   1459 C CD  . GLN B 1 89 ? -12.663 -17.695 -5.421  1.00 47.23  ? 89  GLN B CD  1 
ATOM   1460 O OE1 . GLN B 1 89 ? -12.915 -17.457 -6.593  1.00 54.22  ? 89  GLN B OE1 1 
ATOM   1461 N NE2 . GLN B 1 89 ? -13.029 -18.836 -4.819  1.00 48.44  ? 89  GLN B NE2 1 
ATOM   1462 N N   . ALA B 1 90 ? -14.808 -15.124 -1.283  1.00 36.24  ? 90  ALA B N   1 
ATOM   1463 C CA  . ALA B 1 90 ? -15.689 -15.248 -0.137  1.00 42.83  ? 90  ALA B CA  1 
ATOM   1464 C C   . ALA B 1 90 ? -17.131 -14.895 -0.549  1.00 48.19  ? 90  ALA B C   1 
ATOM   1465 O O   . ALA B 1 90 ? -18.068 -15.515 -0.095  1.00 43.03  ? 90  ALA B O   1 
ATOM   1466 C CB  . ALA B 1 90 ? -15.218 -14.374 1.009   1.00 39.13  ? 90  ALA B CB  1 
ATOM   1467 N N   . LEU B 1 91 ? -17.286 -13.926 -1.436  1.00 47.41  ? 91  LEU B N   1 
ATOM   1468 C CA  . LEU B 1 91 ? -18.609 -13.553 -1.957  1.00 47.11  ? 91  LEU B CA  1 
ATOM   1469 C C   . LEU B 1 91 ? -19.233 -14.676 -2.815  1.00 51.07  ? 91  LEU B C   1 
ATOM   1470 O O   . LEU B 1 91 ? -20.419 -14.973 -2.697  1.00 45.36  ? 91  LEU B O   1 
ATOM   1471 C CB  . LEU B 1 91 ? -18.484 -12.244 -2.742  1.00 52.37  ? 91  LEU B CB  1 
ATOM   1472 C CG  . LEU B 1 91 ? -19.659 -11.423 -3.278  1.00 59.55  ? 91  LEU B CG  1 
ATOM   1473 C CD1 . LEU B 1 91 ? -20.070 -11.900 -4.660  1.00 59.32  ? 91  LEU B CD1 1 
ATOM   1474 C CD2 . LEU B 1 91 ? -20.847 -11.367 -2.323  1.00 61.08  ? 91  LEU B CD2 1 
ATOM   1475 N N   A LEU B 1 92 ? -18.452 -15.270 -3.703  0.50 48.52  ? 92  LEU B N   1 
ATOM   1476 N N   B LEU B 1 92 ? -18.415 -15.276 -3.683  0.50 48.38  ? 92  LEU B N   1 
ATOM   1477 C CA  A LEU B 1 92 ? -18.916 -16.455 -4.429  0.50 51.50  ? 92  LEU B CA  1 
ATOM   1478 C CA  B LEU B 1 92 ? -18.774 -16.476 -4.446  0.50 51.22  ? 92  LEU B CA  1 
ATOM   1479 C C   A LEU B 1 92 ? -19.293 -17.566 -3.453  0.50 52.52  ? 92  LEU B C   1 
ATOM   1480 C C   B LEU B 1 92 ? -19.182 -17.650 -3.564  0.50 52.48  ? 92  LEU B C   1 
ATOM   1481 O O   A LEU B 1 92 ? -20.354 -18.124 -3.565  0.50 55.44  ? 92  LEU B O   1 
ATOM   1482 O O   B LEU B 1 92 ? -20.093 -18.396 -3.900  0.50 55.85  ? 92  LEU B O   1 
ATOM   1483 C CB  A LEU B 1 92 ? -17.871 -16.977 -5.404  0.50 50.60  ? 92  LEU B CB  1 
ATOM   1484 C CB  B LEU B 1 92 ? -17.578 -16.936 -5.278  0.50 49.89  ? 92  LEU B CB  1 
ATOM   1485 C CG  A LEU B 1 92 ? -18.163 -18.413 -5.830  0.50 50.71  ? 92  LEU B CG  1 
ATOM   1486 C CG  B LEU B 1 92 ? -17.624 -16.791 -6.790  0.50 49.71  ? 92  LEU B CG  1 
ATOM   1487 C CD1 A LEU B 1 92 ? -19.559 -18.511 -6.426  0.50 52.25  ? 92  LEU B CD1 1 
ATOM   1488 C CD1 B LEU B 1 92 ? -16.552 -17.677 -7.405  0.50 49.77  ? 92  LEU B CD1 1 
ATOM   1489 C CD2 A LEU B 1 92 ? -17.122 -18.903 -6.819  0.50 52.07  ? 92  LEU B CD2 1 
ATOM   1490 C CD2 B LEU B 1 92 ? -18.980 -17.200 -7.315  0.50 49.99  ? 92  LEU B CD2 1 
ATOM   1491 N N   . GLU B 1 93 ? -18.447 -17.845 -2.473  1.00 52.36  ? 93  GLU B N   1 
ATOM   1492 C CA  . GLU B 1 93 ? -18.733 -18.915 -1.503  1.00 56.94  ? 93  GLU B CA  1 
ATOM   1493 C C   . GLU B 1 93 ? -20.035 -18.655 -0.706  1.00 58.52  ? 93  GLU B C   1 
ATOM   1494 O O   . GLU B 1 93 ? -20.787 -19.567 -0.438  1.00 52.20  ? 93  GLU B O   1 
ATOM   1495 C CB  . GLU B 1 93 ? -17.544 -19.141 -0.550  1.00 58.58  ? 93  GLU B CB  1 
ATOM   1496 C CG  . GLU B 1 93 ? -17.786 -20.140 0.580   1.00 61.71  ? 93  GLU B CG  1 
ATOM   1497 C CD  . GLU B 1 93 ? -18.258 -21.505 0.087   1.00 65.33  ? 93  GLU B CD  1 
ATOM   1498 N N   . HIS B 1 94 ? -20.266 -17.407 -0.333  1.00 61.46  ? 94  HIS B N   1 
ATOM   1499 C CA  . HIS B 1 94 ? -21.491 -16.999 0.365   1.00 68.93  ? 94  HIS B CA  1 
ATOM   1500 C C   . HIS B 1 94 ? -22.762 -17.204 -0.465  1.00 71.22  ? 94  HIS B C   1 
ATOM   1501 O O   . HIS B 1 94 ? -23.829 -17.257 0.093   1.00 74.10  ? 94  HIS B O   1 
ATOM   1502 C CB  . HIS B 1 94 ? -21.378 -15.542 0.805   1.00 71.61  ? 94  HIS B CB  1 
ATOM   1503 C CG  . HIS B 1 94 ? -22.525 -15.057 1.624   1.00 84.72  ? 94  HIS B CG  1 
ATOM   1504 N ND1 . HIS B 1 94 ? -23.359 -14.044 1.202   1.00 88.54  ? 94  HIS B ND1 1 
ATOM   1505 C CD2 . HIS B 1 94 ? -22.969 -15.419 2.852   1.00 89.28  ? 94  HIS B CD2 1 
ATOM   1506 C CE1 . HIS B 1 94 ? -24.275 -13.809 2.128   1.00 83.74  ? 94  HIS B CE1 1 
ATOM   1507 N NE2 . HIS B 1 94 ? -24.056 -14.625 3.145   1.00 84.08  ? 94  HIS B NE2 1 
ATOM   1508 N N   . HIS B 1 95 ? -22.675 -17.333 -1.780  1.00 77.35  ? 95  HIS B N   1 
ATOM   1509 C CA  . HIS B 1 95 ? -23.758 -17.852 -2.642  1.00 86.70  ? 95  HIS B CA  1 
ATOM   1510 C C   . HIS B 1 95 ? -24.400 -19.200 -2.183  1.00 90.33  ? 95  HIS B C   1 
ATOM   1511 O O   . HIS B 1 95 ? -25.500 -19.498 -2.606  1.00 88.27  ? 95  HIS B O   1 
ATOM   1512 C CB  . HIS B 1 95 ? -23.245 -17.963 -4.110  1.00 91.44  ? 95  HIS B CB  1 
ATOM   1513 C CG  . HIS B 1 95 ? -23.936 -17.090 -5.127  1.00 91.05  ? 95  HIS B CG  1 
ATOM   1514 N ND1 . HIS B 1 95 ? -24.328 -15.787 -4.892  1.00 92.62  ? 95  HIS B ND1 1 
ATOM   1515 C CD2 . HIS B 1 95 ? -24.240 -17.342 -6.422  1.00 88.93  ? 95  HIS B CD2 1 
ATOM   1516 C CE1 . HIS B 1 95 ? -24.887 -15.294 -5.980  1.00 90.97  ? 95  HIS B CE1 1 
ATOM   1517 N NE2 . HIS B 1 95 ? -24.841 -16.214 -6.925  1.00 90.07  ? 95  HIS B NE2 1 
ATOM   1518 N N   . HIS B 1 96 ? -23.727 -19.962 -1.313  1.00 93.38  ? 96  HIS B N   1 
ATOM   1519 C CA  . HIS B 1 96 ? -24.409 -20.948 -0.411  1.00 89.25  ? 96  HIS B CA  1 
ATOM   1520 C C   . HIS B 1 96 ? -25.689 -20.419 0.303   1.00 91.41  ? 96  HIS B C   1 
ATOM   1521 O O   . HIS B 1 96 ? -26.774 -21.025 0.228   1.00 90.74  ? 96  HIS B O   1 
ATOM   1522 C CB  . HIS B 1 96 ? -23.443 -21.417 0.690   1.00 88.80  ? 96  HIS B CB  1 
ATOM   1523 C CG  . HIS B 1 96 ? -22.425 -22.410 0.227   1.00 91.54  ? 96  HIS B CG  1 
ATOM   1524 C CD2 . HIS B 1 96 ? -21.568 -23.192 0.926   1.00 88.25  ? 96  HIS B CD2 1 
ATOM   1525 N N   . HIS B 1 97 ? -25.528 -19.301 1.012   1.00 81.59  ? 97  HIS B N   1 
ATOM   1526 C CA  . HIS B 1 97 ? -26.644 -18.576 1.651   1.00 76.99  ? 97  HIS B CA  1 
ATOM   1527 C C   . HIS B 1 97 ? -27.597 -17.878 0.652   1.00 72.08  ? 97  HIS B C   1 
ATOM   1528 O O   . HIS B 1 97 ? -28.764 -17.651 0.982   1.00 70.78  ? 97  HIS B O   1 
ATOM   1529 C CB  . HIS B 1 97 ? -26.114 -17.515 2.640   1.00 71.73  ? 97  HIS B CB  1 
ATOM   1530 C CG  . HIS B 1 97 ? -25.436 -18.072 3.859   1.00 76.28  ? 97  HIS B CG  1 
ATOM   1531 N ND1 . HIS B 1 97 ? -26.072 -18.182 5.078   1.00 70.09  ? 97  HIS B ND1 1 
ATOM   1532 C CD2 . HIS B 1 97 ? -24.159 -18.488 4.064   1.00 78.30  ? 97  HIS B CD2 1 
ATOM   1533 C CE1 . HIS B 1 97 ? -25.229 -18.668 5.975   1.00 75.98  ? 97  HIS B CE1 1 
ATOM   1534 N NE2 . HIS B 1 97 ? -24.062 -18.863 5.385   1.00 79.17  ? 97  HIS B NE2 1 
ATOM   1535 N N   . HIS B 1 98 ? -27.106 -17.509 -0.541  1.00 72.44  ? 98  HIS B N   1 
ATOM   1536 C CA  . HIS B 1 98 ? -27.901 -16.712 -1.491  1.00 71.96  ? 98  HIS B CA  1 
ATOM   1537 C C   . HIS B 1 98 ? -28.854 -17.613 -2.211  1.00 71.84  ? 98  HIS B C   1 
ATOM   1538 O O   . HIS B 1 98 ? -29.981 -17.225 -2.422  1.00 78.48  ? 98  HIS B O   1 
ATOM   1539 C CB  . HIS B 1 98 ? -27.050 -15.971 -2.516  1.00 67.47  ? 98  HIS B CB  1 
HETATM 1540 O O   . HOH C 2 .  ? -8.564  -12.195 9.896   1.00 46.50  ? 101 HOH A O   1 
HETATM 1541 O O   . HOH C 2 .  ? 16.759  7.196   14.995  1.00 49.84  ? 102 HOH A O   1 
HETATM 1542 O O   . HOH C 2 .  ? -2.475  -11.611 4.909   1.00 51.32  ? 103 HOH A O   1 
HETATM 1543 O O   . HOH C 2 .  ? -11.715 5.397   -8.035  1.00 39.79  ? 104 HOH A O   1 
HETATM 1544 O O   . HOH C 2 .  ? 2.191   2.136   18.977  1.00 50.40  ? 105 HOH A O   1 
HETATM 1545 O O   . HOH C 2 .  ? 31.314  12.576  2.987   1.00 46.00  ? 106 HOH A O   1 
HETATM 1546 O O   . HOH C 2 .  ? 1.362   13.057  -3.157  1.00 57.46  ? 107 HOH A O   1 
HETATM 1547 O O   . HOH C 2 .  ? 7.240   5.109   -0.424  1.00 36.49  ? 108 HOH A O   1 
HETATM 1548 O O   . HOH C 2 .  ? 18.053  17.261  11.834  1.00 50.04  ? 109 HOH A O   1 
HETATM 1549 O O   . HOH C 2 .  ? 7.772   3.823   2.745   1.00 51.64  ? 110 HOH A O   1 
HETATM 1550 O O   . HOH C 2 .  ? -2.710  10.156  -4.381  1.00 48.31  ? 111 HOH A O   1 
HETATM 1551 O O   . HOH C 2 .  ? -13.657 2.923   5.772   1.00 54.23  ? 112 HOH A O   1 
HETATM 1552 O O   . HOH C 2 .  ? 14.596  16.173  0.748   1.00 48.28  ? 113 HOH A O   1 
HETATM 1553 O O   . HOH C 2 .  ? 7.514   6.618   14.581  1.00 42.19  ? 114 HOH A O   1 
HETATM 1554 O O   . HOH C 2 .  ? 12.368  14.575  -0.187  1.00 42.46  ? 115 HOH A O   1 
HETATM 1555 O O   . HOH C 2 .  ? -15.349 4.261   -14.115 1.00 45.40  ? 116 HOH A O   1 
HETATM 1556 O O   . HOH C 2 .  ? -2.451  7.870   13.882  1.00 56.89  ? 117 HOH A O   1 
HETATM 1557 O O   . HOH C 2 .  ? 14.985  16.869  6.010   1.00 38.38  ? 118 HOH A O   1 
HETATM 1558 O O   . HOH C 2 .  ? -17.369 -2.529  7.270   1.00 65.72  ? 119 HOH A O   1 
HETATM 1559 O O   . HOH C 2 .  ? -8.323  -3.372  -0.252  1.00 39.31  ? 120 HOH A O   1 
HETATM 1560 O O   . HOH C 2 .  ? -5.995  8.601   -10.051 1.00 41.77  ? 121 HOH A O   1 
HETATM 1561 O O   . HOH C 2 .  ? -10.264 -5.599  10.930  1.00 48.75  ? 122 HOH A O   1 
HETATM 1562 O O   . HOH C 2 .  ? 8.378   15.505  0.914   1.00 52.06  ? 123 HOH A O   1 
HETATM 1563 O O   . HOH C 2 .  ? 5.359   -8.014  3.995   1.00 44.58  ? 124 HOH A O   1 
HETATM 1564 O O   . HOH C 2 .  ? -8.133  -1.879  -12.281 1.00 41.45  ? 125 HOH A O   1 
HETATM 1565 O O   . HOH C 2 .  ? 14.383  17.386  3.295   1.00 46.51  ? 126 HOH A O   1 
HETATM 1566 O O   . HOH C 2 .  ? 14.148  3.242   -4.879  1.00 55.60  ? 127 HOH A O   1 
HETATM 1567 O O   . HOH C 2 .  ? 9.993   -3.235  1.204   1.00 33.71  ? 128 HOH A O   1 
HETATM 1568 O O   . HOH C 2 .  ? 21.266  13.571  -0.991  1.00 43.70  ? 129 HOH A O   1 
HETATM 1569 O O   . HOH C 2 .  ? -5.512  -10.871 10.971  1.00 48.80  ? 130 HOH A O   1 
HETATM 1570 O O   . HOH C 2 .  ? 7.206   7.076   10.274  1.00 46.37  ? 131 HOH A O   1 
HETATM 1571 O O   . HOH C 2 .  ? 20.613  2.224   12.321  1.00 50.82  ? 132 HOH A O   1 
HETATM 1572 O O   . HOH C 2 .  ? 4.020   -4.640  15.830  1.00 52.58  ? 133 HOH A O   1 
HETATM 1573 O O   . HOH C 2 .  ? 8.062   4.607   8.223   1.00 35.28  ? 134 HOH A O   1 
HETATM 1574 O O   . HOH C 2 .  ? -12.878 -2.972  4.534   1.00 58.27  ? 135 HOH A O   1 
HETATM 1575 O O   . HOH C 2 .  ? 8.298   -7.286  4.505   1.00 58.46  ? 136 HOH A O   1 
HETATM 1576 O O   . HOH C 2 .  ? -5.087  -13.136 8.960   1.00 50.74  ? 137 HOH A O   1 
HETATM 1577 O O   . HOH C 2 .  ? -9.706  -6.187  -17.076 1.00 58.31  ? 138 HOH A O   1 
HETATM 1578 O O   . HOH C 2 .  ? -7.662  -2.665  -14.590 1.00 46.06  ? 139 HOH A O   1 
HETATM 1579 O O   . HOH C 2 .  ? -5.581  -0.957  -11.107 1.00 44.87  ? 140 HOH A O   1 
HETATM 1580 O O   . HOH C 2 .  ? 20.062  15.758  -1.933  1.00 44.33  ? 141 HOH A O   1 
HETATM 1581 O O   . HOH C 2 .  ? 1.700   13.831  -5.212  1.00 47.67  ? 142 HOH A O   1 
HETATM 1582 O O   . HOH D 2 .  ? -31.001 -18.610 -3.888  1.00 44.15  ? 101 HOH B O   1 
HETATM 1583 O O   . HOH D 2 .  ? -8.112  9.861   10.296  1.00 52.25  ? 102 HOH B O   1 
HETATM 1584 O O   . HOH D 2 .  ? -12.281 4.806   2.496   1.00 39.90  ? 103 HOH B O   1 
HETATM 1585 O O   . HOH D 2 .  ? -5.239  -0.097  -6.459  1.00 58.18  ? 104 HOH B O   1 
HETATM 1586 O O   . HOH D 2 .  ? -7.316  -4.607  -2.824  1.00 40.77  ? 105 HOH B O   1 
HETATM 1587 O O   . HOH D 2 .  ? -7.745  6.346   7.409   1.00 45.21  ? 106 HOH B O   1 
HETATM 1588 O O   . HOH D 2 .  ? -0.217  -14.961 0.683   1.00 65.24  ? 107 HOH B O   1 
HETATM 1589 O O   . HOH D 2 .  ? 2.785   6.358   10.138  1.00 38.54  ? 108 HOH B O   1 
HETATM 1590 O O   . HOH D 2 .  ? 12.154  5.204   9.915   1.00 39.93  ? 109 HOH B O   1 
HETATM 1591 O O   . HOH D 2 .  ? -7.937  -5.294  -15.217 1.00 53.13  ? 110 HOH B O   1 
HETATM 1592 O O   . HOH D 2 .  ? 3.052   6.397   -13.246 1.00 56.78  ? 111 HOH B O   1 
HETATM 1593 O O   . HOH D 2 .  ? -3.277  -10.211 0.836   1.00 42.12  ? 112 HOH B O   1 
HETATM 1594 O O   . HOH D 2 .  ? 1.373   14.199  4.665   1.00 38.64  ? 113 HOH B O   1 
HETATM 1595 O O   . HOH D 2 .  ? -22.471 -9.336  -0.223  1.00 56.82  ? 114 HOH B O   1 
HETATM 1596 O O   . HOH D 2 .  ? -22.505 -20.750 6.562   1.00 67.67  ? 115 HOH B O   1 
HETATM 1597 O O   . HOH D 2 .  ? -1.367  -11.411 -5.727  1.00 49.20  ? 116 HOH B O   1 
HETATM 1598 O O   . HOH D 2 .  ? -21.587 -4.356  -8.846  1.00 38.39  ? 117 HOH B O   1 
HETATM 1599 O O   . HOH D 2 .  ? 4.036   -9.507  -0.866  1.00 35.97  ? 118 HOH B O   1 
HETATM 1600 O O   . HOH D 2 .  ? -7.430  8.693   1.106   1.00 40.99  ? 119 HOH B O   1 
HETATM 1601 O O   . HOH D 2 .  ? 4.881   8.139   10.921  1.00 38.74  ? 120 HOH B O   1 
HETATM 1602 O O   . HOH D 2 .  ? -14.156 -1.514  3.086   1.00 42.75  ? 121 HOH B O   1 
HETATM 1603 O O   . HOH D 2 .  ? 5.152   -9.570  1.501   1.00 54.27  ? 122 HOH B O   1 
HETATM 1604 O O   . HOH D 2 .  ? -3.901  -12.968 -5.954  1.00 42.98  ? 123 HOH B O   1 
HETATM 1605 O O   . HOH D 2 .  ? 3.319   11.283  -7.147  1.00 56.87  ? 124 HOH B O   1 
HETATM 1606 O O   . HOH D 2 .  ? 2.748   -10.762 -13.233 1.00 50.32  ? 125 HOH B O   1 
HETATM 1607 O O   . HOH D 2 .  ? 1.729   11.918  -9.207  1.00 51.42  ? 126 HOH B O   1 
HETATM 1608 O O   . HOH D 2 .  ? -7.547  -5.965  -8.036  1.00 45.02  ? 127 HOH B O   1 
HETATM 1609 O O   . HOH D 2 .  ? -26.298 -13.629 -0.193  1.00 57.33  ? 128 HOH B O   1 
HETATM 1610 O O   . HOH D 2 .  ? -8.212  9.894   3.256   1.00 45.32  ? 129 HOH B O   1 
HETATM 1611 O O   . HOH D 2 .  ? 0.187   16.377  5.906   1.00 46.86  ? 130 HOH B O   1 
HETATM 1612 O O   . HOH D 2 .  ? 1.661   18.172  4.080   1.00 52.02  ? 131 HOH B O   1 
# 
loop_
_pdbx_poly_seq_scheme.asym_id 
_pdbx_poly_seq_scheme.entity_id 
_pdbx_poly_seq_scheme.seq_id 
_pdbx_poly_seq_scheme.mon_id 
_pdbx_poly_seq_scheme.ndb_seq_num 
_pdbx_poly_seq_scheme.pdb_seq_num 
_pdbx_poly_seq_scheme.auth_seq_num 
_pdbx_poly_seq_scheme.pdb_mon_id 
_pdbx_poly_seq_scheme.auth_mon_id 
_pdbx_poly_seq_scheme.pdb_strand_id 
_pdbx_poly_seq_scheme.pdb_ins_code 
_pdbx_poly_seq_scheme.hetero 
A 1 1  MET 1  1  ?  ?   ?   A . n 
A 1 2  THR 2  2  ?  ?   ?   A . n 
A 1 3  SER 3  3  ?  ?   ?   A . n 
A 1 4  GLU 4  4  4  GLU GLU A . n 
A 1 5  ASN 5  5  5  ASN ASN A . n 
A 1 6  PRO 6  6  6  PRO PRO A . n 
A 1 7  LEU 7  7  7  LEU LEU A . n 
A 1 8  LEU 8  8  8  LEU LEU A . n 
A 1 9  ALA 9  9  9  ALA ALA A . n 
A 1 10 LEU 10 10 10 LEU LEU A . n 
A 1 11 ARG 11 11 11 ARG ARG A . n 
A 1 12 GLU 12 12 12 GLU GLU A . n 
A 1 13 LYS 13 13 13 LYS LYS A . n 
A 1 14 ILE 14 14 14 ILE ILE A . n 
A 1 15 SER 15 15 15 SER SER A . n 
A 1 16 ALA 16 16 16 ALA ALA A . n 
A 1 17 LEU 17 17 17 LEU LEU A . n 
A 1 18 ASP 18 18 18 ASP ASP A . n 
A 1 19 GLU 19 19 19 GLU GLU A . n 
A 1 20 LYS 20 20 20 LYS LYS A . n 
A 1 21 LEU 21 21 21 LEU LEU A . n 
A 1 22 LEU 22 22 22 LEU LEU A . n 
A 1 23 ALA 23 23 23 ALA ALA A . n 
A 1 24 LEU 24 24 24 LEU LEU A . n 
A 1 25 PHE 25 25 25 PHE PHE A . n 
A 1 26 ALA 26 26 26 ALA ALA A . n 
A 1 27 GLU 27 27 27 GLU GLU A . n 
A 1 28 ARG 28 28 28 ARG ARG A . n 
A 1 29 ARG 29 29 29 ARG ARG A . n 
A 1 30 GLU 30 30 30 GLU GLU A . n 
A 1 31 LEU 31 31 31 LEU LEU A . n 
A 1 32 ALA 32 32 32 ALA ALA A . n 
A 1 33 VAL 33 33 33 VAL VAL A . n 
A 1 34 GLU 34 34 34 GLU GLU A . n 
A 1 35 VAL 35 35 35 VAL VAL A . n 
A 1 36 GLY 36 36 36 GLY GLY A . n 
A 1 37 LYS 37 37 37 LYS LYS A . n 
A 1 38 ALA 38 38 38 ALA ALA A . n 
A 1 39 LYS 39 39 39 LYS LYS A . n 
A 1 40 LEU 40 40 40 LEU LEU A . n 
A 1 41 LEU 41 41 41 LEU LEU A . n 
A 1 42 SER 42 42 42 SER SER A . n 
A 1 43 HIS 43 43 43 HIS HIS A . n 
A 1 44 ARG 44 44 44 ARG ARG A . n 
A 1 45 PRO 45 45 45 PRO PRO A . n 
A 1 46 VAL 46 46 46 VAL VAL A . n 
A 1 47 ARG 47 47 47 ARG ARG A . n 
A 1 48 ASP 48 48 48 ASP ASP A . n 
A 1 49 ILE 49 49 49 ILE ILE A . n 
A 1 50 ASP 50 50 50 ASP ASP A . n 
A 1 51 ARG 51 51 51 ARG ARG A . n 
A 1 52 GLU 52 52 52 GLU GLU A . n 
A 1 53 ARG 53 53 53 ARG ARG A . n 
A 1 54 ASP 54 54 54 ASP ASP A . n 
A 1 55 LEU 55 55 55 LEU LEU A . n 
A 1 56 LEU 56 56 56 LEU LEU A . n 
A 1 57 GLU 57 57 57 GLU GLU A . n 
A 1 58 ARG 58 58 58 ARG ARG A . n 
A 1 59 LEU 59 59 59 LEU LEU A . n 
A 1 60 ILE 60 60 60 ILE ILE A . n 
A 1 61 THR 61 61 61 THR THR A . n 
A 1 62 LEU 62 62 62 LEU LEU A . n 
A 1 63 GLY 63 63 63 GLY GLY A . n 
A 1 64 LYS 64 64 64 LYS LYS A . n 
A 1 65 ALA 65 65 65 ALA ALA A . n 
A 1 66 HIS 66 66 66 HIS HIS A . n 
A 1 67 HIS 67 67 67 HIS HIS A . n 
A 1 68 LEU 68 68 68 LEU LEU A . n 
A 1 69 ASP 69 69 69 ASP ASP A . n 
A 1 70 ALA 70 70 70 ALA ALA A . n 
A 1 71 HIS 71 71 71 HIS HIS A . n 
A 1 72 PBF 72 72 72 PBF PBF A . n 
A 1 73 ILE 73 73 73 ILE ILE A . n 
A 1 74 THR 74 74 74 THR THR A . n 
A 1 75 ARG 75 75 75 ARG ARG A . n 
A 1 76 THR 76 76 76 THR THR A . n 
A 1 77 PHE 77 77 77 PHE PHE A . n 
A 1 78 GLN 78 78 78 GLN GLN A . n 
A 1 79 LEU 79 79 79 LEU LEU A . n 
A 1 80 GLY 80 80 80 GLY GLY A . n 
A 1 81 ILE 81 81 81 ILE ILE A . n 
A 1 82 GLU 82 82 82 GLU GLU A . n 
A 1 83 TYR 83 83 83 TYR TYR A . n 
A 1 84 SER 84 84 84 SER SER A . n 
A 1 85 VAL 85 85 85 VAL VAL A . n 
A 1 86 LEU 86 86 86 LEU LEU A . n 
A 1 87 THR 87 87 87 THR THR A . n 
A 1 88 GLN 88 88 88 GLN GLN A . n 
A 1 89 GLN 89 89 89 GLN GLN A . n 
A 1 90 ALA 90 90 90 ALA ALA A . n 
A 1 91 LEU 91 91 91 LEU LEU A . n 
A 1 92 LEU 92 92 92 LEU LEU A . n 
A 1 93 GLU 93 93 93 GLU GLU A . n 
A 1 94 HIS 94 94 94 HIS HIS A . n 
A 1 95 HIS 95 95 95 HIS HIS A . n 
A 1 96 HIS 96 96 96 HIS HIS A . n 
A 1 97 HIS 97 97 97 HIS HIS A . n 
A 1 98 HIS 98 98 98 HIS HIS A . n 
A 1 99 HIS 99 99 ?  ?   ?   A . n 
B 1 1  MET 1  1  ?  ?   ?   B . n 
B 1 2  THR 2  2  ?  ?   ?   B . n 
B 1 3  SER 3  3  ?  ?   ?   B . n 
B 1 4  GLU 4  4  4  GLU GLU B . n 
B 1 5  ASN 5  5  5  ASN ASN B . n 
B 1 6  PRO 6  6  6  PRO PRO B . n 
B 1 7  LEU 7  7  7  LEU LEU B . n 
B 1 8  LEU 8  8  8  LEU LEU B . n 
B 1 9  ALA 9  9  9  ALA ALA B . n 
B 1 10 LEU 10 10 10 LEU LEU B . n 
B 1 11 ARG 11 11 11 ARG ARG B . n 
B 1 12 GLU 12 12 12 GLU GLU B . n 
B 1 13 LYS 13 13 13 LYS LYS B . n 
B 1 14 ILE 14 14 14 ILE ILE B . n 
B 1 15 SER 15 15 15 SER SER B . n 
B 1 16 ALA 16 16 16 ALA ALA B . n 
B 1 17 LEU 17 17 17 LEU LEU B . n 
B 1 18 ASP 18 18 18 ASP ASP B . n 
B 1 19 GLU 19 19 19 GLU GLU B . n 
B 1 20 LYS 20 20 20 LYS LYS B . n 
B 1 21 LEU 21 21 21 LEU LEU B . n 
B 1 22 LEU 22 22 22 LEU LEU B . n 
B 1 23 ALA 23 23 23 ALA ALA B . n 
B 1 24 LEU 24 24 24 LEU LEU B . n 
B 1 25 PHE 25 25 25 PHE PHE B . n 
B 1 26 ALA 26 26 26 ALA ALA B . n 
B 1 27 GLU 27 27 27 GLU GLU B . n 
B 1 28 ARG 28 28 28 ARG ARG B . n 
B 1 29 ARG 29 29 29 ARG ARG B . n 
B 1 30 GLU 30 30 30 GLU GLU B . n 
B 1 31 LEU 31 31 31 LEU LEU B . n 
B 1 32 ALA 32 32 32 ALA ALA B . n 
B 1 33 VAL 33 33 33 VAL VAL B . n 
B 1 34 GLU 34 34 34 GLU GLU B . n 
B 1 35 VAL 35 35 35 VAL VAL B . n 
B 1 36 GLY 36 36 36 GLY GLY B . n 
B 1 37 LYS 37 37 37 LYS LYS B . n 
B 1 38 ALA 38 38 38 ALA ALA B . n 
B 1 39 LYS 39 39 39 LYS LYS B . n 
B 1 40 LEU 40 40 40 LEU LEU B . n 
B 1 41 LEU 41 41 41 LEU LEU B . n 
B 1 42 SER 42 42 42 SER SER B . n 
B 1 43 HIS 43 43 43 HIS HIS B . n 
B 1 44 ARG 44 44 44 ARG ARG B . n 
B 1 45 PRO 45 45 45 PRO PRO B . n 
B 1 46 VAL 46 46 46 VAL VAL B . n 
B 1 47 ARG 47 47 47 ARG ARG B . n 
B 1 48 ASP 48 48 48 ASP ASP B . n 
B 1 49 ILE 49 49 49 ILE ILE B . n 
B 1 50 ASP 50 50 50 ASP ASP B . n 
B 1 51 ARG 51 51 51 ARG ARG B . n 
B 1 52 GLU 52 52 52 GLU GLU B . n 
B 1 53 ARG 53 53 53 ARG ARG B . n 
B 1 54 ASP 54 54 54 ASP ASP B . n 
B 1 55 LEU 55 55 55 LEU LEU B . n 
B 1 56 LEU 56 56 56 LEU LEU B . n 
B 1 57 GLU 57 57 57 GLU GLU B . n 
B 1 58 ARG 58 58 58 ARG ARG B . n 
B 1 59 LEU 59 59 59 LEU LEU B . n 
B 1 60 ILE 60 60 60 ILE ILE B . n 
B 1 61 THR 61 61 61 THR THR B . n 
B 1 62 LEU 62 62 62 LEU LEU B . n 
B 1 63 GLY 63 63 63 GLY GLY B . n 
B 1 64 LYS 64 64 64 LYS LYS B . n 
B 1 65 ALA 65 65 65 ALA ALA B . n 
B 1 66 HIS 66 66 66 HIS HIS B . n 
B 1 67 HIS 67 67 67 HIS HIS B . n 
B 1 68 LEU 68 68 68 LEU LEU B . n 
B 1 69 ASP 69 69 69 ASP ASP B . n 
B 1 70 ALA 70 70 70 ALA ALA B . n 
B 1 71 HIS 71 71 71 HIS HIS B . n 
B 1 72 PBF 72 72 72 PBF PBF B . n 
B 1 73 ILE 73 73 73 ILE ILE B . n 
B 1 74 THR 74 74 74 THR THR B . n 
B 1 75 ARG 75 75 75 ARG ARG B . n 
B 1 76 THR 76 76 76 THR THR B . n 
B 1 77 PHE 77 77 77 PHE PHE B . n 
B 1 78 GLN 78 78 78 GLN GLN B . n 
B 1 79 LEU 79 79 79 LEU LEU B . n 
B 1 80 GLY 80 80 80 GLY GLY B . n 
B 1 81 ILE 81 81 81 ILE ILE B . n 
B 1 82 GLU 82 82 82 GLU GLU B . n 
B 1 83 TYR 83 83 83 TYR TYR B . n 
B 1 84 SER 84 84 84 SER SER B . n 
B 1 85 VAL 85 85 85 VAL VAL B . n 
B 1 86 LEU 86 86 86 LEU LEU B . n 
B 1 87 THR 87 87 87 THR THR B . n 
B 1 88 GLN 88 88 88 GLN GLN B . n 
B 1 89 GLN 89 89 89 GLN GLN B . n 
B 1 90 ALA 90 90 90 ALA ALA B . n 
B 1 91 LEU 91 91 91 LEU LEU B . n 
B 1 92 LEU 92 92 92 LEU LEU B . n 
B 1 93 GLU 93 93 93 GLU GLU B . n 
B 1 94 HIS 94 94 94 HIS HIS B . n 
B 1 95 HIS 95 95 95 HIS HIS B . n 
B 1 96 HIS 96 96 96 HIS HIS B . n 
B 1 97 HIS 97 97 97 HIS HIS B . n 
B 1 98 HIS 98 98 98 HIS HIS B . n 
B 1 99 HIS 99 99 ?  ?   ?   B . n 
# 
loop_
_pdbx_nonpoly_scheme.asym_id 
_pdbx_nonpoly_scheme.entity_id 
_pdbx_nonpoly_scheme.mon_id 
_pdbx_nonpoly_scheme.ndb_seq_num 
_pdbx_nonpoly_scheme.pdb_seq_num 
_pdbx_nonpoly_scheme.auth_seq_num 
_pdbx_nonpoly_scheme.pdb_mon_id 
_pdbx_nonpoly_scheme.auth_mon_id 
_pdbx_nonpoly_scheme.pdb_strand_id 
_pdbx_nonpoly_scheme.pdb_ins_code 
C 2 HOH 1  101 2  HOH HOH A . 
C 2 HOH 2  102 50 HOH HOH A . 
C 2 HOH 3  103 72 HOH HOH A . 
C 2 HOH 4  104 31 HOH HOH A . 
C 2 HOH 5  105 51 HOH HOH A . 
C 2 HOH 6  106 69 HOH HOH A . 
C 2 HOH 7  107 42 HOH HOH A . 
C 2 HOH 8  108 12 HOH HOH A . 
C 2 HOH 9  109 26 HOH HOH A . 
C 2 HOH 10 110 46 HOH HOH A . 
C 2 HOH 11 111 49 HOH HOH A . 
C 2 HOH 12 112 18 HOH HOH A . 
C 2 HOH 13 113 37 HOH HOH A . 
C 2 HOH 14 114 52 HOH HOH A . 
C 2 HOH 15 115 32 HOH HOH A . 
C 2 HOH 16 116 22 HOH HOH A . 
C 2 HOH 17 117 53 HOH HOH A . 
C 2 HOH 18 118 1  HOH HOH A . 
C 2 HOH 19 119 54 HOH HOH A . 
C 2 HOH 20 120 24 HOH HOH A . 
C 2 HOH 21 121 11 HOH HOH A . 
C 2 HOH 22 122 30 HOH HOH A . 
C 2 HOH 23 123 43 HOH HOH A . 
C 2 HOH 24 124 8  HOH HOH A . 
C 2 HOH 25 125 23 HOH HOH A . 
C 2 HOH 26 126 66 HOH HOH A . 
C 2 HOH 27 127 38 HOH HOH A . 
C 2 HOH 28 128 5  HOH HOH A . 
C 2 HOH 29 129 33 HOH HOH A . 
C 2 HOH 30 130 7  HOH HOH A . 
C 2 HOH 31 131 40 HOH HOH A . 
C 2 HOH 32 132 10 HOH HOH A . 
C 2 HOH 33 133 62 HOH HOH A . 
C 2 HOH 34 134 73 HOH HOH A . 
C 2 HOH 35 135 64 HOH HOH A . 
C 2 HOH 36 136 63 HOH HOH A . 
C 2 HOH 37 137 70 HOH HOH A . 
C 2 HOH 38 138 35 HOH HOH A . 
C 2 HOH 39 139 60 HOH HOH A . 
C 2 HOH 40 140 39 HOH HOH A . 
C 2 HOH 41 141 67 HOH HOH A . 
C 2 HOH 42 142 36 HOH HOH A . 
D 2 HOH 1  101 29 HOH HOH B . 
D 2 HOH 2  102 56 HOH HOH B . 
D 2 HOH 3  103 17 HOH HOH B . 
D 2 HOH 4  104 65 HOH HOH B . 
D 2 HOH 5  105 19 HOH HOH B . 
D 2 HOH 6  106 57 HOH HOH B . 
D 2 HOH 7  107 13 HOH HOH B . 
D 2 HOH 8  108 25 HOH HOH B . 
D 2 HOH 9  109 41 HOH HOH B . 
D 2 HOH 10 110 48 HOH HOH B . 
D 2 HOH 11 111 71 HOH HOH B . 
D 2 HOH 12 112 3  HOH HOH B . 
D 2 HOH 13 113 4  HOH HOH B . 
D 2 HOH 14 114 68 HOH HOH B . 
D 2 HOH 15 115 59 HOH HOH B . 
D 2 HOH 16 116 28 HOH HOH B . 
D 2 HOH 17 117 27 HOH HOH B . 
D 2 HOH 18 118 21 HOH HOH B . 
D 2 HOH 19 119 16 HOH HOH B . 
D 2 HOH 20 120 6  HOH HOH B . 
D 2 HOH 21 121 55 HOH HOH B . 
D 2 HOH 22 122 45 HOH HOH B . 
D 2 HOH 23 123 20 HOH HOH B . 
D 2 HOH 24 124 34 HOH HOH B . 
D 2 HOH 25 125 58 HOH HOH B . 
D 2 HOH 26 126 61 HOH HOH B . 
D 2 HOH 27 127 9  HOH HOH B . 
D 2 HOH 28 128 47 HOH HOH B . 
D 2 HOH 29 129 44 HOH HOH B . 
D 2 HOH 30 130 14 HOH HOH B . 
D 2 HOH 31 131 15 HOH HOH B . 
# 
_pdbx_struct_assembly.id                   1 
_pdbx_struct_assembly.details              author_and_software_defined_assembly 
_pdbx_struct_assembly.method_details       PISA 
_pdbx_struct_assembly.oligomeric_details   dimeric 
_pdbx_struct_assembly.oligomeric_count     2 
# 
_pdbx_struct_assembly_gen.assembly_id       1 
_pdbx_struct_assembly_gen.oper_expression   1 
_pdbx_struct_assembly_gen.asym_id_list      A,B,C,D 
# 
loop_
_pdbx_struct_assembly_prop.biol_id 
_pdbx_struct_assembly_prop.type 
_pdbx_struct_assembly_prop.value 
_pdbx_struct_assembly_prop.details 
1 'ABSA (A^2)' 4590  ? 
1 MORE         -50   ? 
1 'SSA (A^2)'  10910 ? 
# 
_pdbx_struct_oper_list.id                   1 
_pdbx_struct_oper_list.type                 'identity operation' 
_pdbx_struct_oper_list.name                 1_555 
_pdbx_struct_oper_list.symmetry_operation   x,y,z 
_pdbx_struct_oper_list.matrix[1][1]         1.0000000000 
_pdbx_struct_oper_list.matrix[1][2]         0.0000000000 
_pdbx_struct_oper_list.matrix[1][3]         0.0000000000 
_pdbx_struct_oper_list.vector[1]            0.0000000000 
_pdbx_struct_oper_list.matrix[2][1]         0.0000000000 
_pdbx_struct_oper_list.matrix[2][2]         1.0000000000 
_pdbx_struct_oper_list.matrix[2][3]         0.0000000000 
_pdbx_struct_oper_list.vector[2]            0.0000000000 
_pdbx_struct_oper_list.matrix[3][1]         0.0000000000 
_pdbx_struct_oper_list.matrix[3][2]         0.0000000000 
_pdbx_struct_oper_list.matrix[3][3]         1.0000000000 
_pdbx_struct_oper_list.vector[3]            0.0000000000 
# 
loop_
_pdbx_audit_revision_history.ordinal 
_pdbx_audit_revision_history.data_content_type 
_pdbx_audit_revision_history.major_revision 
_pdbx_audit_revision_history.minor_revision 
_pdbx_audit_revision_history.revision_date 
1 'Structure model' 1 0 2017-05-10 
2 'Structure model' 1 1 2017-09-27 
3 'Structure model' 1 2 2019-12-04 
4 'Structure model' 1 3 2023-10-04 
5 'Structure model' 1 4 2023-11-15 
# 
_pdbx_audit_revision_details.ordinal             1 
_pdbx_audit_revision_details.revision_ordinal    1 
_pdbx_audit_revision_details.data_content_type   'Structure model' 
_pdbx_audit_revision_details.provider            repository 
_pdbx_audit_revision_details.type                'Initial release' 
_pdbx_audit_revision_details.description         ? 
_pdbx_audit_revision_details.details             ? 
# 
loop_
_pdbx_audit_revision_group.ordinal 
_pdbx_audit_revision_group.revision_ordinal 
_pdbx_audit_revision_group.data_content_type 
_pdbx_audit_revision_group.group 
1 2 'Structure model' 'Author supporting evidence' 
2 2 'Structure model' 'Refinement description'     
3 3 'Structure model' 'Author supporting evidence' 
4 4 'Structure model' 'Data collection'            
5 4 'Structure model' 'Database references'        
6 4 'Structure model' 'Refinement description'     
7 5 'Structure model' 'Data collection'            
# 
loop_
_pdbx_audit_revision_category.ordinal 
_pdbx_audit_revision_category.revision_ordinal 
_pdbx_audit_revision_category.data_content_type 
_pdbx_audit_revision_category.category 
1  2 'Structure model' pdbx_audit_support            
2  2 'Structure model' software                      
3  3 'Structure model' pdbx_audit_support            
4  4 'Structure model' chem_comp_atom                
5  4 'Structure model' chem_comp_bond                
6  4 'Structure model' database_2                    
7  4 'Structure model' pdbx_initial_refinement_model 
8  4 'Structure model' struct_ncs_dom_lim            
9  5 'Structure model' chem_comp_atom                
10 5 'Structure model' chem_comp_bond                
# 
loop_
_pdbx_audit_revision_item.ordinal 
_pdbx_audit_revision_item.revision_ordinal 
_pdbx_audit_revision_item.data_content_type 
_pdbx_audit_revision_item.item 
1  2 'Structure model' '_pdbx_audit_support.funding_organization' 
2  2 'Structure model' '_software.classification'                 
3  3 'Structure model' '_pdbx_audit_support.funding_organization' 
4  4 'Structure model' '_database_2.pdbx_DOI'                     
5  4 'Structure model' '_database_2.pdbx_database_accession'      
6  4 'Structure model' '_struct_ncs_dom_lim.beg_auth_comp_id'     
7  4 'Structure model' '_struct_ncs_dom_lim.beg_label_asym_id'    
8  4 'Structure model' '_struct_ncs_dom_lim.beg_label_comp_id'    
9  4 'Structure model' '_struct_ncs_dom_lim.beg_label_seq_id'     
10 4 'Structure model' '_struct_ncs_dom_lim.end_auth_comp_id'     
11 4 'Structure model' '_struct_ncs_dom_lim.end_label_asym_id'    
12 4 'Structure model' '_struct_ncs_dom_lim.end_label_comp_id'    
13 4 'Structure model' '_struct_ncs_dom_lim.end_label_seq_id'     
14 5 'Structure model' '_chem_comp_atom.atom_id'                  
15 5 'Structure model' '_chem_comp_bond.atom_id_2'                
# 
loop_
_software.citation_id 
_software.classification 
_software.compiler_name 
_software.compiler_version 
_software.contact_author 
_software.contact_author_email 
_software.date 
_software.description 
_software.dependencies 
_software.hardware 
_software.language 
_software.location 
_software.mods 
_software.name 
_software.os 
_software.os_version 
_software.type 
_software.version 
_software.pdbx_ordinal 
? refinement     ? ? ? ? ? ? ? ? ? ? ? REFMAC ? ? ? 5.8.0158        1 
? 'data scaling' ? ? ? ? ? ? ? ? ? ? ? XDS    ? ? ? 'v. Nov 1 2016' 2 
? 'data scaling' ? ? ? ? ? ? ? ? ? ? ? SCALA  ? ? ? 3.3.22          3 
? phasing        ? ? ? ? ? ? ? ? ? ? ? PHASER ? ? ? 2.7.17          4 
# 
_pdbx_validate_torsion.id              1 
_pdbx_validate_torsion.PDB_model_num   1 
_pdbx_validate_torsion.auth_comp_id    HIS 
_pdbx_validate_torsion.auth_asym_id    B 
_pdbx_validate_torsion.auth_seq_id     95 
_pdbx_validate_torsion.PDB_ins_code    ? 
_pdbx_validate_torsion.label_alt_id    ? 
_pdbx_validate_torsion.phi             -49.83 
_pdbx_validate_torsion.psi             -18.18 
# 
loop_
_pdbx_unobs_or_zero_occ_atoms.id 
_pdbx_unobs_or_zero_occ_atoms.PDB_model_num 
_pdbx_unobs_or_zero_occ_atoms.polymer_flag 
_pdbx_unobs_or_zero_occ_atoms.occupancy_flag 
_pdbx_unobs_or_zero_occ_atoms.auth_asym_id 
_pdbx_unobs_or_zero_occ_atoms.auth_comp_id 
_pdbx_unobs_or_zero_occ_atoms.auth_seq_id 
_pdbx_unobs_or_zero_occ_atoms.PDB_ins_code 
_pdbx_unobs_or_zero_occ_atoms.auth_atom_id 
_pdbx_unobs_or_zero_occ_atoms.label_alt_id 
_pdbx_unobs_or_zero_occ_atoms.label_asym_id 
_pdbx_unobs_or_zero_occ_atoms.label_comp_id 
_pdbx_unobs_or_zero_occ_atoms.label_seq_id 
_pdbx_unobs_or_zero_occ_atoms.label_atom_id 
1  1 Y 1 A GLU 4  ? CG  ? A GLU 4  CG  
2  1 Y 1 A GLU 4  ? CD  ? A GLU 4  CD  
3  1 Y 1 A GLU 4  ? OE1 ? A GLU 4  OE1 
4  1 Y 1 A GLU 4  ? OE2 ? A GLU 4  OE2 
5  1 Y 1 A GLU 12 ? CG  ? A GLU 12 CG  
6  1 Y 1 A GLU 12 ? CD  ? A GLU 12 CD  
7  1 Y 1 A GLU 12 ? OE1 ? A GLU 12 OE1 
8  1 Y 1 A GLU 12 ? OE2 ? A GLU 12 OE2 
9  1 Y 1 A ASP 18 ? CG  ? A ASP 18 CG  
10 1 Y 1 A ASP 18 ? OD1 ? A ASP 18 OD1 
11 1 Y 1 A ASP 18 ? OD2 ? A ASP 18 OD2 
12 1 Y 1 A GLU 19 ? CG  ? A GLU 19 CG  
13 1 Y 1 A GLU 19 ? CD  ? A GLU 19 CD  
14 1 Y 1 A GLU 19 ? OE1 ? A GLU 19 OE1 
15 1 Y 1 A GLU 19 ? OE2 ? A GLU 19 OE2 
16 1 Y 1 A ARG 44 ? CD  ? A ARG 44 CD  
17 1 Y 1 A ARG 44 ? NE  ? A ARG 44 NE  
18 1 Y 1 A ARG 44 ? CZ  ? A ARG 44 CZ  
19 1 Y 1 A ARG 44 ? NH1 ? A ARG 44 NH1 
20 1 Y 1 A ARG 44 ? NH2 ? A ARG 44 NH2 
21 1 Y 1 A ASP 50 ? CG  ? A ASP 50 CG  
22 1 Y 1 A ASP 50 ? OD1 ? A ASP 50 OD1 
23 1 Y 1 A ASP 50 ? OD2 ? A ASP 50 OD2 
24 1 Y 1 A ARG 53 ? CG  ? A ARG 53 CG  
25 1 Y 1 A ARG 53 ? CD  ? A ARG 53 CD  
26 1 Y 1 A ARG 53 ? NE  ? A ARG 53 NE  
27 1 Y 1 A ARG 53 ? CZ  ? A ARG 53 CZ  
28 1 Y 1 A ARG 53 ? NH1 ? A ARG 53 NH1 
29 1 Y 1 A ARG 53 ? NH2 ? A ARG 53 NH2 
30 1 Y 1 A LYS 64 ? CE  ? A LYS 64 CE  
31 1 Y 1 A LYS 64 ? NZ  ? A LYS 64 NZ  
32 1 Y 1 A GLN 89 ? OE1 ? A GLN 89 OE1 
33 1 Y 1 A GLN 89 ? NE2 ? A GLN 89 NE2 
34 1 Y 1 A GLU 93 ? CG  ? A GLU 93 CG  
35 1 Y 1 A GLU 93 ? CD  ? A GLU 93 CD  
36 1 Y 1 A GLU 93 ? OE1 ? A GLU 93 OE1 
37 1 Y 1 A GLU 93 ? OE2 ? A GLU 93 OE2 
38 1 Y 1 A HIS 97 ? CG  ? A HIS 97 CG  
39 1 Y 1 A HIS 97 ? ND1 ? A HIS 97 ND1 
40 1 Y 1 A HIS 97 ? CD2 ? A HIS 97 CD2 
41 1 Y 1 A HIS 97 ? CE1 ? A HIS 97 CE1 
42 1 Y 1 A HIS 97 ? NE2 ? A HIS 97 NE2 
43 1 Y 1 A HIS 98 ? CG  ? A HIS 98 CG  
44 1 Y 1 A HIS 98 ? ND1 ? A HIS 98 ND1 
45 1 Y 1 A HIS 98 ? CD2 ? A HIS 98 CD2 
46 1 Y 1 A HIS 98 ? CE1 ? A HIS 98 CE1 
47 1 Y 1 A HIS 98 ? NE2 ? A HIS 98 NE2 
48 1 Y 1 B GLU 4  ? CG  ? B GLU 4  CG  
49 1 Y 1 B GLU 4  ? CD  ? B GLU 4  CD  
50 1 Y 1 B GLU 4  ? OE1 ? B GLU 4  OE1 
51 1 Y 1 B GLU 4  ? OE2 ? B GLU 4  OE2 
52 1 Y 1 B GLU 30 ? CD  ? B GLU 30 CD  
53 1 Y 1 B GLU 30 ? OE1 ? B GLU 30 OE1 
54 1 Y 1 B GLU 30 ? OE2 ? B GLU 30 OE2 
55 1 Y 1 B VAL 46 ? CG1 ? B VAL 46 CG1 
56 1 Y 1 B VAL 46 ? CG2 ? B VAL 46 CG2 
57 1 Y 1 B ASP 48 ? CG  ? B ASP 48 CG  
58 1 Y 1 B ASP 48 ? OD1 ? B ASP 48 OD1 
59 1 Y 1 B ASP 48 ? OD2 ? B ASP 48 OD2 
60 1 Y 1 B ASP 50 ? CG  ? B ASP 50 CG  
61 1 Y 1 B ASP 50 ? OD1 ? B ASP 50 OD1 
62 1 Y 1 B ASP 50 ? OD2 ? B ASP 50 OD2 
63 1 Y 1 B ARG 53 ? CG  ? B ARG 53 CG  
64 1 Y 1 B ARG 53 ? CD  ? B ARG 53 CD  
65 1 Y 1 B ARG 53 ? NE  ? B ARG 53 NE  
66 1 Y 1 B ARG 53 ? CZ  ? B ARG 53 CZ  
67 1 Y 1 B ARG 53 ? NH1 ? B ARG 53 NH1 
68 1 Y 1 B ARG 53 ? NH2 ? B ARG 53 NH2 
69 1 Y 1 B ASP 54 ? OD1 ? B ASP 54 OD1 
70 1 Y 1 B ASP 54 ? OD2 ? B ASP 54 OD2 
71 1 Y 1 B LYS 64 ? CE  ? B LYS 64 CE  
72 1 Y 1 B LYS 64 ? NZ  ? B LYS 64 NZ  
73 1 Y 1 B ASP 69 ? OD1 ? B ASP 69 OD1 
74 1 Y 1 B ASP 69 ? OD2 ? B ASP 69 OD2 
75 1 Y 1 B GLU 93 ? OE1 ? B GLU 93 OE1 
76 1 Y 1 B GLU 93 ? OE2 ? B GLU 93 OE2 
77 1 Y 1 B HIS 96 ? ND1 ? B HIS 96 ND1 
78 1 Y 1 B HIS 96 ? CE1 ? B HIS 96 CE1 
79 1 Y 1 B HIS 96 ? NE2 ? B HIS 96 NE2 
80 1 Y 1 B HIS 98 ? CG  ? B HIS 98 CG  
81 1 Y 1 B HIS 98 ? ND1 ? B HIS 98 ND1 
82 1 Y 1 B HIS 98 ? CD2 ? B HIS 98 CD2 
83 1 Y 1 B HIS 98 ? CE1 ? B HIS 98 CE1 
84 1 Y 1 B HIS 98 ? NE2 ? B HIS 98 NE2 
# 
loop_
_pdbx_unobs_or_zero_occ_residues.id 
_pdbx_unobs_or_zero_occ_residues.PDB_model_num 
_pdbx_unobs_or_zero_occ_residues.polymer_flag 
_pdbx_unobs_or_zero_occ_residues.occupancy_flag 
_pdbx_unobs_or_zero_occ_residues.auth_asym_id 
_pdbx_unobs_or_zero_occ_residues.auth_comp_id 
_pdbx_unobs_or_zero_occ_residues.auth_seq_id 
_pdbx_unobs_or_zero_occ_residues.PDB_ins_code 
_pdbx_unobs_or_zero_occ_residues.label_asym_id 
_pdbx_unobs_or_zero_occ_residues.label_comp_id 
_pdbx_unobs_or_zero_occ_residues.label_seq_id 
1 1 Y 1 A MET 1  ? A MET 1  
2 1 Y 1 A THR 2  ? A THR 2  
3 1 Y 1 A SER 3  ? A SER 3  
4 1 Y 1 A HIS 99 ? A HIS 99 
5 1 Y 1 B MET 1  ? B MET 1  
6 1 Y 1 B THR 2  ? B THR 2  
7 1 Y 1 B SER 3  ? B SER 3  
8 1 Y 1 B HIS 99 ? B HIS 99 
# 
loop_
_chem_comp_atom.comp_id 
_chem_comp_atom.atom_id 
_chem_comp_atom.type_symbol 
_chem_comp_atom.pdbx_aromatic_flag 
_chem_comp_atom.pdbx_stereo_config 
_chem_comp_atom.pdbx_ordinal 
ALA N    N N N 1   
ALA CA   C N S 2   
ALA C    C N N 3   
ALA O    O N N 4   
ALA CB   C N N 5   
ALA OXT  O N N 6   
ALA H    H N N 7   
ALA H2   H N N 8   
ALA HA   H N N 9   
ALA HB1  H N N 10  
ALA HB2  H N N 11  
ALA HB3  H N N 12  
ALA HXT  H N N 13  
ARG N    N N N 14  
ARG CA   C N S 15  
ARG C    C N N 16  
ARG O    O N N 17  
ARG CB   C N N 18  
ARG CG   C N N 19  
ARG CD   C N N 20  
ARG NE   N N N 21  
ARG CZ   C N N 22  
ARG NH1  N N N 23  
ARG NH2  N N N 24  
ARG OXT  O N N 25  
ARG H    H N N 26  
ARG H2   H N N 27  
ARG HA   H N N 28  
ARG HB2  H N N 29  
ARG HB3  H N N 30  
ARG HG2  H N N 31  
ARG HG3  H N N 32  
ARG HD2  H N N 33  
ARG HD3  H N N 34  
ARG HE   H N N 35  
ARG HH11 H N N 36  
ARG HH12 H N N 37  
ARG HH21 H N N 38  
ARG HH22 H N N 39  
ARG HXT  H N N 40  
ASN N    N N N 41  
ASN CA   C N S 42  
ASN C    C N N 43  
ASN O    O N N 44  
ASN CB   C N N 45  
ASN CG   C N N 46  
ASN OD1  O N N 47  
ASN ND2  N N N 48  
ASN OXT  O N N 49  
ASN H    H N N 50  
ASN H2   H N N 51  
ASN HA   H N N 52  
ASN HB2  H N N 53  
ASN HB3  H N N 54  
ASN HD21 H N N 55  
ASN HD22 H N N 56  
ASN HXT  H N N 57  
ASP N    N N N 58  
ASP CA   C N S 59  
ASP C    C N N 60  
ASP O    O N N 61  
ASP CB   C N N 62  
ASP CG   C N N 63  
ASP OD1  O N N 64  
ASP OD2  O N N 65  
ASP OXT  O N N 66  
ASP H    H N N 67  
ASP H2   H N N 68  
ASP HA   H N N 69  
ASP HB2  H N N 70  
ASP HB3  H N N 71  
ASP HD2  H N N 72  
ASP HXT  H N N 73  
GLN N    N N N 74  
GLN CA   C N S 75  
GLN C    C N N 76  
GLN O    O N N 77  
GLN CB   C N N 78  
GLN CG   C N N 79  
GLN CD   C N N 80  
GLN OE1  O N N 81  
GLN NE2  N N N 82  
GLN OXT  O N N 83  
GLN H    H N N 84  
GLN H2   H N N 85  
GLN HA   H N N 86  
GLN HB2  H N N 87  
GLN HB3  H N N 88  
GLN HG2  H N N 89  
GLN HG3  H N N 90  
GLN HE21 H N N 91  
GLN HE22 H N N 92  
GLN HXT  H N N 93  
GLU N    N N N 94  
GLU CA   C N S 95  
GLU C    C N N 96  
GLU O    O N N 97  
GLU CB   C N N 98  
GLU CG   C N N 99  
GLU CD   C N N 100 
GLU OE1  O N N 101 
GLU OE2  O N N 102 
GLU OXT  O N N 103 
GLU H    H N N 104 
GLU H2   H N N 105 
GLU HA   H N N 106 
GLU HB2  H N N 107 
GLU HB3  H N N 108 
GLU HG2  H N N 109 
GLU HG3  H N N 110 
GLU HE2  H N N 111 
GLU HXT  H N N 112 
GLY N    N N N 113 
GLY CA   C N N 114 
GLY C    C N N 115 
GLY O    O N N 116 
GLY OXT  O N N 117 
GLY H    H N N 118 
GLY H2   H N N 119 
GLY HA2  H N N 120 
GLY HA3  H N N 121 
GLY HXT  H N N 122 
HIS N    N N N 123 
HIS CA   C N S 124 
HIS C    C N N 125 
HIS O    O N N 126 
HIS CB   C N N 127 
HIS CG   C Y N 128 
HIS ND1  N Y N 129 
HIS CD2  C Y N 130 
HIS CE1  C Y N 131 
HIS NE2  N Y N 132 
HIS OXT  O N N 133 
HIS H    H N N 134 
HIS H2   H N N 135 
HIS HA   H N N 136 
HIS HB2  H N N 137 
HIS HB3  H N N 138 
HIS HD1  H N N 139 
HIS HD2  H N N 140 
HIS HE1  H N N 141 
HIS HE2  H N N 142 
HIS HXT  H N N 143 
HOH O    O N N 144 
HOH H1   H N N 145 
HOH H2   H N N 146 
ILE N    N N N 147 
ILE CA   C N S 148 
ILE C    C N N 149 
ILE O    O N N 150 
ILE CB   C N S 151 
ILE CG1  C N N 152 
ILE CG2  C N N 153 
ILE CD1  C N N 154 
ILE OXT  O N N 155 
ILE H    H N N 156 
ILE H2   H N N 157 
ILE HA   H N N 158 
ILE HB   H N N 159 
ILE HG12 H N N 160 
ILE HG13 H N N 161 
ILE HG21 H N N 162 
ILE HG22 H N N 163 
ILE HG23 H N N 164 
ILE HD11 H N N 165 
ILE HD12 H N N 166 
ILE HD13 H N N 167 
ILE HXT  H N N 168 
LEU N    N N N 169 
LEU CA   C N S 170 
LEU C    C N N 171 
LEU O    O N N 172 
LEU CB   C N N 173 
LEU CG   C N N 174 
LEU CD1  C N N 175 
LEU CD2  C N N 176 
LEU OXT  O N N 177 
LEU H    H N N 178 
LEU H2   H N N 179 
LEU HA   H N N 180 
LEU HB2  H N N 181 
LEU HB3  H N N 182 
LEU HG   H N N 183 
LEU HD11 H N N 184 
LEU HD12 H N N 185 
LEU HD13 H N N 186 
LEU HD21 H N N 187 
LEU HD22 H N N 188 
LEU HD23 H N N 189 
LEU HXT  H N N 190 
LYS N    N N N 191 
LYS CA   C N S 192 
LYS C    C N N 193 
LYS O    O N N 194 
LYS CB   C N N 195 
LYS CG   C N N 196 
LYS CD   C N N 197 
LYS CE   C N N 198 
LYS NZ   N N N 199 
LYS OXT  O N N 200 
LYS H    H N N 201 
LYS H2   H N N 202 
LYS HA   H N N 203 
LYS HB2  H N N 204 
LYS HB3  H N N 205 
LYS HG2  H N N 206 
LYS HG3  H N N 207 
LYS HD2  H N N 208 
LYS HD3  H N N 209 
LYS HE2  H N N 210 
LYS HE3  H N N 211 
LYS HZ1  H N N 212 
LYS HZ2  H N N 213 
LYS HZ3  H N N 214 
LYS HXT  H N N 215 
MET N    N N N 216 
MET CA   C N S 217 
MET C    C N N 218 
MET O    O N N 219 
MET CB   C N N 220 
MET CG   C N N 221 
MET SD   S N N 222 
MET CE   C N N 223 
MET OXT  O N N 224 
MET H    H N N 225 
MET H2   H N N 226 
MET HA   H N N 227 
MET HB2  H N N 228 
MET HB3  H N N 229 
MET HG2  H N N 230 
MET HG3  H N N 231 
MET HE1  H N N 232 
MET HE2  H N N 233 
MET HE3  H N N 234 
MET HXT  H N N 235 
PBF N    N N N 236 
PBF C    C N N 237 
PBF O    O N N 238 
PBF CA   C N S 239 
PBF CB   C N N 240 
PBF CG   C Y N 241 
PBF CD1  C Y N 242 
PBF CD2  C Y N 243 
PBF CE1  C Y N 244 
PBF CE2  C Y N 245 
PBF CZ   C Y N 246 
PBF CN1  C N N 247 
PBF ON2  O N N 248 
PBF CT   C Y N 249 
PBF CI1  C Y N 250 
PBF CI2  C Y N 251 
PBF CK1  C Y N 252 
PBF CK2  C Y N 253 
PBF CL   C Y N 254 
PBF OXT  O N N 255 
PBF H    H N N 256 
PBF H2   H N N 257 
PBF HA   H N N 258 
PBF HB2  H N N 259 
PBF HB3  H N N 260 
PBF HD1  H N N 261 
PBF HD2  H N N 262 
PBF HE1  H N N 263 
PBF HE2  H N N 264 
PBF HI1  H N N 265 
PBF HI2  H N N 266 
PBF HK1  H N N 267 
PBF HK2  H N N 268 
PBF HCL  H N N 269 
PBF HXT  H N N 270 
PHE N    N N N 271 
PHE CA   C N S 272 
PHE C    C N N 273 
PHE O    O N N 274 
PHE CB   C N N 275 
PHE CG   C Y N 276 
PHE CD1  C Y N 277 
PHE CD2  C Y N 278 
PHE CE1  C Y N 279 
PHE CE2  C Y N 280 
PHE CZ   C Y N 281 
PHE OXT  O N N 282 
PHE H    H N N 283 
PHE H2   H N N 284 
PHE HA   H N N 285 
PHE HB2  H N N 286 
PHE HB3  H N N 287 
PHE HD1  H N N 288 
PHE HD2  H N N 289 
PHE HE1  H N N 290 
PHE HE2  H N N 291 
PHE HZ   H N N 292 
PHE HXT  H N N 293 
PRO N    N N N 294 
PRO CA   C N S 295 
PRO C    C N N 296 
PRO O    O N N 297 
PRO CB   C N N 298 
PRO CG   C N N 299 
PRO CD   C N N 300 
PRO OXT  O N N 301 
PRO H    H N N 302 
PRO HA   H N N 303 
PRO HB2  H N N 304 
PRO HB3  H N N 305 
PRO HG2  H N N 306 
PRO HG3  H N N 307 
PRO HD2  H N N 308 
PRO HD3  H N N 309 
PRO HXT  H N N 310 
SER N    N N N 311 
SER CA   C N S 312 
SER C    C N N 313 
SER O    O N N 314 
SER CB   C N N 315 
SER OG   O N N 316 
SER OXT  O N N 317 
SER H    H N N 318 
SER H2   H N N 319 
SER HA   H N N 320 
SER HB2  H N N 321 
SER HB3  H N N 322 
SER HG   H N N 323 
SER HXT  H N N 324 
THR N    N N N 325 
THR CA   C N S 326 
THR C    C N N 327 
THR O    O N N 328 
THR CB   C N R 329 
THR OG1  O N N 330 
THR CG2  C N N 331 
THR OXT  O N N 332 
THR H    H N N 333 
THR H2   H N N 334 
THR HA   H N N 335 
THR HB   H N N 336 
THR HG1  H N N 337 
THR HG21 H N N 338 
THR HG22 H N N 339 
THR HG23 H N N 340 
THR HXT  H N N 341 
TYR N    N N N 342 
TYR CA   C N S 343 
TYR C    C N N 344 
TYR O    O N N 345 
TYR CB   C N N 346 
TYR CG   C Y N 347 
TYR CD1  C Y N 348 
TYR CD2  C Y N 349 
TYR CE1  C Y N 350 
TYR CE2  C Y N 351 
TYR CZ   C Y N 352 
TYR OH   O N N 353 
TYR OXT  O N N 354 
TYR H    H N N 355 
TYR H2   H N N 356 
TYR HA   H N N 357 
TYR HB2  H N N 358 
TYR HB3  H N N 359 
TYR HD1  H N N 360 
TYR HD2  H N N 361 
TYR HE1  H N N 362 
TYR HE2  H N N 363 
TYR HH   H N N 364 
TYR HXT  H N N 365 
VAL N    N N N 366 
VAL CA   C N S 367 
VAL C    C N N 368 
VAL O    O N N 369 
VAL CB   C N N 370 
VAL CG1  C N N 371 
VAL CG2  C N N 372 
VAL OXT  O N N 373 
VAL H    H N N 374 
VAL H2   H N N 375 
VAL HA   H N N 376 
VAL HB   H N N 377 
VAL HG11 H N N 378 
VAL HG12 H N N 379 
VAL HG13 H N N 380 
VAL HG21 H N N 381 
VAL HG22 H N N 382 
VAL HG23 H N N 383 
VAL HXT  H N N 384 
# 
loop_
_chem_comp_bond.comp_id 
_chem_comp_bond.atom_id_1 
_chem_comp_bond.atom_id_2 
_chem_comp_bond.value_order 
_chem_comp_bond.pdbx_aromatic_flag 
_chem_comp_bond.pdbx_stereo_config 
_chem_comp_bond.pdbx_ordinal 
ALA N   CA   sing N N 1   
ALA N   H    sing N N 2   
ALA N   H2   sing N N 3   
ALA CA  C    sing N N 4   
ALA CA  CB   sing N N 5   
ALA CA  HA   sing N N 6   
ALA C   O    doub N N 7   
ALA C   OXT  sing N N 8   
ALA CB  HB1  sing N N 9   
ALA CB  HB2  sing N N 10  
ALA CB  HB3  sing N N 11  
ALA OXT HXT  sing N N 12  
ARG N   CA   sing N N 13  
ARG N   H    sing N N 14  
ARG N   H2   sing N N 15  
ARG CA  C    sing N N 16  
ARG CA  CB   sing N N 17  
ARG CA  HA   sing N N 18  
ARG C   O    doub N N 19  
ARG C   OXT  sing N N 20  
ARG CB  CG   sing N N 21  
ARG CB  HB2  sing N N 22  
ARG CB  HB3  sing N N 23  
ARG CG  CD   sing N N 24  
ARG CG  HG2  sing N N 25  
ARG CG  HG3  sing N N 26  
ARG CD  NE   sing N N 27  
ARG CD  HD2  sing N N 28  
ARG CD  HD3  sing N N 29  
ARG NE  CZ   sing N N 30  
ARG NE  HE   sing N N 31  
ARG CZ  NH1  sing N N 32  
ARG CZ  NH2  doub N N 33  
ARG NH1 HH11 sing N N 34  
ARG NH1 HH12 sing N N 35  
ARG NH2 HH21 sing N N 36  
ARG NH2 HH22 sing N N 37  
ARG OXT HXT  sing N N 38  
ASN N   CA   sing N N 39  
ASN N   H    sing N N 40  
ASN N   H2   sing N N 41  
ASN CA  C    sing N N 42  
ASN CA  CB   sing N N 43  
ASN CA  HA   sing N N 44  
ASN C   O    doub N N 45  
ASN C   OXT  sing N N 46  
ASN CB  CG   sing N N 47  
ASN CB  HB2  sing N N 48  
ASN CB  HB3  sing N N 49  
ASN CG  OD1  doub N N 50  
ASN CG  ND2  sing N N 51  
ASN ND2 HD21 sing N N 52  
ASN ND2 HD22 sing N N 53  
ASN OXT HXT  sing N N 54  
ASP N   CA   sing N N 55  
ASP N   H    sing N N 56  
ASP N   H2   sing N N 57  
ASP CA  C    sing N N 58  
ASP CA  CB   sing N N 59  
ASP CA  HA   sing N N 60  
ASP C   O    doub N N 61  
ASP C   OXT  sing N N 62  
ASP CB  CG   sing N N 63  
ASP CB  HB2  sing N N 64  
ASP CB  HB3  sing N N 65  
ASP CG  OD1  doub N N 66  
ASP CG  OD2  sing N N 67  
ASP OD2 HD2  sing N N 68  
ASP OXT HXT  sing N N 69  
GLN N   CA   sing N N 70  
GLN N   H    sing N N 71  
GLN N   H2   sing N N 72  
GLN CA  C    sing N N 73  
GLN CA  CB   sing N N 74  
GLN CA  HA   sing N N 75  
GLN C   O    doub N N 76  
GLN C   OXT  sing N N 77  
GLN CB  CG   sing N N 78  
GLN CB  HB2  sing N N 79  
GLN CB  HB3  sing N N 80  
GLN CG  CD   sing N N 81  
GLN CG  HG2  sing N N 82  
GLN CG  HG3  sing N N 83  
GLN CD  OE1  doub N N 84  
GLN CD  NE2  sing N N 85  
GLN NE2 HE21 sing N N 86  
GLN NE2 HE22 sing N N 87  
GLN OXT HXT  sing N N 88  
GLU N   CA   sing N N 89  
GLU N   H    sing N N 90  
GLU N   H2   sing N N 91  
GLU CA  C    sing N N 92  
GLU CA  CB   sing N N 93  
GLU CA  HA   sing N N 94  
GLU C   O    doub N N 95  
GLU C   OXT  sing N N 96  
GLU CB  CG   sing N N 97  
GLU CB  HB2  sing N N 98  
GLU CB  HB3  sing N N 99  
GLU CG  CD   sing N N 100 
GLU CG  HG2  sing N N 101 
GLU CG  HG3  sing N N 102 
GLU CD  OE1  doub N N 103 
GLU CD  OE2  sing N N 104 
GLU OE2 HE2  sing N N 105 
GLU OXT HXT  sing N N 106 
GLY N   CA   sing N N 107 
GLY N   H    sing N N 108 
GLY N   H2   sing N N 109 
GLY CA  C    sing N N 110 
GLY CA  HA2  sing N N 111 
GLY CA  HA3  sing N N 112 
GLY C   O    doub N N 113 
GLY C   OXT  sing N N 114 
GLY OXT HXT  sing N N 115 
HIS N   CA   sing N N 116 
HIS N   H    sing N N 117 
HIS N   H2   sing N N 118 
HIS CA  C    sing N N 119 
HIS CA  CB   sing N N 120 
HIS CA  HA   sing N N 121 
HIS C   O    doub N N 122 
HIS C   OXT  sing N N 123 
HIS CB  CG   sing N N 124 
HIS CB  HB2  sing N N 125 
HIS CB  HB3  sing N N 126 
HIS CG  ND1  sing Y N 127 
HIS CG  CD2  doub Y N 128 
HIS ND1 CE1  doub Y N 129 
HIS ND1 HD1  sing N N 130 
HIS CD2 NE2  sing Y N 131 
HIS CD2 HD2  sing N N 132 
HIS CE1 NE2  sing Y N 133 
HIS CE1 HE1  sing N N 134 
HIS NE2 HE2  sing N N 135 
HIS OXT HXT  sing N N 136 
HOH O   H1   sing N N 137 
HOH O   H2   sing N N 138 
ILE N   CA   sing N N 139 
ILE N   H    sing N N 140 
ILE N   H2   sing N N 141 
ILE CA  C    sing N N 142 
ILE CA  CB   sing N N 143 
ILE CA  HA   sing N N 144 
ILE C   O    doub N N 145 
ILE C   OXT  sing N N 146 
ILE CB  CG1  sing N N 147 
ILE CB  CG2  sing N N 148 
ILE CB  HB   sing N N 149 
ILE CG1 CD1  sing N N 150 
ILE CG1 HG12 sing N N 151 
ILE CG1 HG13 sing N N 152 
ILE CG2 HG21 sing N N 153 
ILE CG2 HG22 sing N N 154 
ILE CG2 HG23 sing N N 155 
ILE CD1 HD11 sing N N 156 
ILE CD1 HD12 sing N N 157 
ILE CD1 HD13 sing N N 158 
ILE OXT HXT  sing N N 159 
LEU N   CA   sing N N 160 
LEU N   H    sing N N 161 
LEU N   H2   sing N N 162 
LEU CA  C    sing N N 163 
LEU CA  CB   sing N N 164 
LEU CA  HA   sing N N 165 
LEU C   O    doub N N 166 
LEU C   OXT  sing N N 167 
LEU CB  CG   sing N N 168 
LEU CB  HB2  sing N N 169 
LEU CB  HB3  sing N N 170 
LEU CG  CD1  sing N N 171 
LEU CG  CD2  sing N N 172 
LEU CG  HG   sing N N 173 
LEU CD1 HD11 sing N N 174 
LEU CD1 HD12 sing N N 175 
LEU CD1 HD13 sing N N 176 
LEU CD2 HD21 sing N N 177 
LEU CD2 HD22 sing N N 178 
LEU CD2 HD23 sing N N 179 
LEU OXT HXT  sing N N 180 
LYS N   CA   sing N N 181 
LYS N   H    sing N N 182 
LYS N   H2   sing N N 183 
LYS CA  C    sing N N 184 
LYS CA  CB   sing N N 185 
LYS CA  HA   sing N N 186 
LYS C   O    doub N N 187 
LYS C   OXT  sing N N 188 
LYS CB  CG   sing N N 189 
LYS CB  HB2  sing N N 190 
LYS CB  HB3  sing N N 191 
LYS CG  CD   sing N N 192 
LYS CG  HG2  sing N N 193 
LYS CG  HG3  sing N N 194 
LYS CD  CE   sing N N 195 
LYS CD  HD2  sing N N 196 
LYS CD  HD3  sing N N 197 
LYS CE  NZ   sing N N 198 
LYS CE  HE2  sing N N 199 
LYS CE  HE3  sing N N 200 
LYS NZ  HZ1  sing N N 201 
LYS NZ  HZ2  sing N N 202 
LYS NZ  HZ3  sing N N 203 
LYS OXT HXT  sing N N 204 
MET N   CA   sing N N 205 
MET N   H    sing N N 206 
MET N   H2   sing N N 207 
MET CA  C    sing N N 208 
MET CA  CB   sing N N 209 
MET CA  HA   sing N N 210 
MET C   O    doub N N 211 
MET C   OXT  sing N N 212 
MET CB  CG   sing N N 213 
MET CB  HB2  sing N N 214 
MET CB  HB3  sing N N 215 
MET CG  SD   sing N N 216 
MET CG  HG2  sing N N 217 
MET CG  HG3  sing N N 218 
MET SD  CE   sing N N 219 
MET CE  HE1  sing N N 220 
MET CE  HE2  sing N N 221 
MET CE  HE3  sing N N 222 
MET OXT HXT  sing N N 223 
PBF N   CA   sing N N 224 
PBF N   H    sing N N 225 
PBF N   H2   sing N N 226 
PBF C   O    doub N N 227 
PBF C   CA   sing N N 228 
PBF C   OXT  sing N N 229 
PBF CA  CB   sing N N 230 
PBF CA  HA   sing N N 231 
PBF CB  CG   sing N N 232 
PBF CB  HB2  sing N N 233 
PBF CB  HB3  sing N N 234 
PBF CG  CD1  doub Y N 235 
PBF CG  CD2  sing Y N 236 
PBF CD1 CE1  sing Y N 237 
PBF CD1 HD1  sing N N 238 
PBF CD2 CE2  doub Y N 239 
PBF CD2 HD2  sing N N 240 
PBF CE1 CZ   doub Y N 241 
PBF CE1 HE1  sing N N 242 
PBF CE2 CZ   sing Y N 243 
PBF CE2 HE2  sing N N 244 
PBF CZ  CN1  sing N N 245 
PBF CN1 ON2  doub N N 246 
PBF CN1 CT   sing N N 247 
PBF CT  CI1  doub Y N 248 
PBF CT  CI2  sing Y N 249 
PBF CI1 CK1  sing Y N 250 
PBF CI1 HI1  sing N N 251 
PBF CI2 CK2  doub Y N 252 
PBF CI2 HI2  sing N N 253 
PBF CK1 CL   doub Y N 254 
PBF CK1 HK1  sing N N 255 
PBF CK2 CL   sing Y N 256 
PBF CK2 HK2  sing N N 257 
PBF CL  HCL  sing N N 258 
PBF OXT HXT  sing N N 259 
PHE N   CA   sing N N 260 
PHE N   H    sing N N 261 
PHE N   H2   sing N N 262 
PHE CA  C    sing N N 263 
PHE CA  CB   sing N N 264 
PHE CA  HA   sing N N 265 
PHE C   O    doub N N 266 
PHE C   OXT  sing N N 267 
PHE CB  CG   sing N N 268 
PHE CB  HB2  sing N N 269 
PHE CB  HB3  sing N N 270 
PHE CG  CD1  doub Y N 271 
PHE CG  CD2  sing Y N 272 
PHE CD1 CE1  sing Y N 273 
PHE CD1 HD1  sing N N 274 
PHE CD2 CE2  doub Y N 275 
PHE CD2 HD2  sing N N 276 
PHE CE1 CZ   doub Y N 277 
PHE CE1 HE1  sing N N 278 
PHE CE2 CZ   sing Y N 279 
PHE CE2 HE2  sing N N 280 
PHE CZ  HZ   sing N N 281 
PHE OXT HXT  sing N N 282 
PRO N   CA   sing N N 283 
PRO N   CD   sing N N 284 
PRO N   H    sing N N 285 
PRO CA  C    sing N N 286 
PRO CA  CB   sing N N 287 
PRO CA  HA   sing N N 288 
PRO C   O    doub N N 289 
PRO C   OXT  sing N N 290 
PRO CB  CG   sing N N 291 
PRO CB  HB2  sing N N 292 
PRO CB  HB3  sing N N 293 
PRO CG  CD   sing N N 294 
PRO CG  HG2  sing N N 295 
PRO CG  HG3  sing N N 296 
PRO CD  HD2  sing N N 297 
PRO CD  HD3  sing N N 298 
PRO OXT HXT  sing N N 299 
SER N   CA   sing N N 300 
SER N   H    sing N N 301 
SER N   H2   sing N N 302 
SER CA  C    sing N N 303 
SER CA  CB   sing N N 304 
SER CA  HA   sing N N 305 
SER C   O    doub N N 306 
SER C   OXT  sing N N 307 
SER CB  OG   sing N N 308 
SER CB  HB2  sing N N 309 
SER CB  HB3  sing N N 310 
SER OG  HG   sing N N 311 
SER OXT HXT  sing N N 312 
THR N   CA   sing N N 313 
THR N   H    sing N N 314 
THR N   H2   sing N N 315 
THR CA  C    sing N N 316 
THR CA  CB   sing N N 317 
THR CA  HA   sing N N 318 
THR C   O    doub N N 319 
THR C   OXT  sing N N 320 
THR CB  OG1  sing N N 321 
THR CB  CG2  sing N N 322 
THR CB  HB   sing N N 323 
THR OG1 HG1  sing N N 324 
THR CG2 HG21 sing N N 325 
THR CG2 HG22 sing N N 326 
THR CG2 HG23 sing N N 327 
THR OXT HXT  sing N N 328 
TYR N   CA   sing N N 329 
TYR N   H    sing N N 330 
TYR N   H2   sing N N 331 
TYR CA  C    sing N N 332 
TYR CA  CB   sing N N 333 
TYR CA  HA   sing N N 334 
TYR C   O    doub N N 335 
TYR C   OXT  sing N N 336 
TYR CB  CG   sing N N 337 
TYR CB  HB2  sing N N 338 
TYR CB  HB3  sing N N 339 
TYR CG  CD1  doub Y N 340 
TYR CG  CD2  sing Y N 341 
TYR CD1 CE1  sing Y N 342 
TYR CD1 HD1  sing N N 343 
TYR CD2 CE2  doub Y N 344 
TYR CD2 HD2  sing N N 345 
TYR CE1 CZ   doub Y N 346 
TYR CE1 HE1  sing N N 347 
TYR CE2 CZ   sing Y N 348 
TYR CE2 HE2  sing N N 349 
TYR CZ  OH   sing N N 350 
TYR OH  HH   sing N N 351 
TYR OXT HXT  sing N N 352 
VAL N   CA   sing N N 353 
VAL N   H    sing N N 354 
VAL N   H2   sing N N 355 
VAL CA  C    sing N N 356 
VAL CA  CB   sing N N 357 
VAL CA  HA   sing N N 358 
VAL C   O    doub N N 359 
VAL C   OXT  sing N N 360 
VAL CB  CG1  sing N N 361 
VAL CB  CG2  sing N N 362 
VAL CB  HB   sing N N 363 
VAL CG1 HG11 sing N N 364 
VAL CG1 HG12 sing N N 365 
VAL CG1 HG13 sing N N 366 
VAL CG2 HG21 sing N N 367 
VAL CG2 HG22 sing N N 368 
VAL CG2 HG23 sing N N 369 
VAL OXT HXT  sing N N 370 
# 
loop_
_pdbx_audit_support.funding_organization 
_pdbx_audit_support.country 
_pdbx_audit_support.grant_number 
_pdbx_audit_support.ordinal 
'Department of Energy (DOE, United States)' 'United States'      DE-SC0011787                   1 
'Korean Ministry of Education'              'Korea, Republic Of' 'NRF- 210 2016R1A6A3A03009203' 2 
# 
_pdbx_entity_nonpoly.entity_id   2 
_pdbx_entity_nonpoly.name        water 
_pdbx_entity_nonpoly.comp_id     HOH 
# 
_pdbx_initial_refinement_model.id               1 
_pdbx_initial_refinement_model.entity_id_list   ? 
_pdbx_initial_refinement_model.type             'experimental model' 
_pdbx_initial_refinement_model.source_name      PDB 
_pdbx_initial_refinement_model.accession_code   1ECM 
_pdbx_initial_refinement_model.details          ? 
# 
_pdbx_struct_assembly_auth_evidence.id                     1 
_pdbx_struct_assembly_auth_evidence.assembly_id            1 
_pdbx_struct_assembly_auth_evidence.experimental_support   'gel filtration' 
_pdbx_struct_assembly_auth_evidence.details                ? 
# 
